data_9DBJ
#
_entry.id   9DBJ
#
_cell.length_a   169.050
_cell.length_b   169.050
_cell.length_c   139.384
_cell.angle_alpha   90.000
_cell.angle_beta   90.000
_cell.angle_gamma   120.000
#
_symmetry.space_group_name_H-M   'P 31 2 1'
#
loop_
_entity.id
_entity.type
_entity.pdbx_description
1 polymer HalB
2 non-polymer '(2R)-3-(4-{[(S)-{[(2R,3R,5R)-5-(6-amino-9H-purin-9-yl)-3-hydroxyoxolan-2-yl]methoxy}(hydroxy)phosphoryl]oxy}phenyl)-2-{[(2R)-pyrrolidine-2-carbonyl]amino}propanoic acid (non-preferred name)'
3 non-polymer "2'-deoxy-5'-O-[(S)-hydroxy{[(S)-hydroxy(phosphonooxy)phosphoryl]methyl}phosphoryl]adenosine"
4 non-polymer 'MANGANESE (II) ION'
5 non-polymer '(2R)-2-amino-3-(4-{[(R)-{[(2R,3R,5R)-5-(6-amino-9H-purin-9-yl)-3-hydroxyoxolan-2-yl]methoxy}(hydroxy)phosphoryl]oxy}phenyl)propanoic acid (non-preferred name)'
6 non-polymer "2'-DEOXYADENOSINE-5'-MONOPHOSPHATE"
7 water water
#
_entity_poly.entity_id   1
_entity_poly.type   'polypeptide(L)'
_entity_poly.pdbx_seq_one_letter_code
;SGSIEALMLFGSAARGESDKNSDVDLLAVTSGVRPFSKKTEQTELQFLNPEELLRSASDGDLFAIHLAFEGKIIFDTTGV
FTRFKERLVIRKDYGREIKWGNDLAWYLLDFGMNAENTTLVNKRIAWCVRTIAIARLVESGKIIFSPRALAKEFPRKHVS
DLIGLARSDEDSQTRKRRLAGFLDSIDSSRPSVSSEQEYVSHFERTENRVGLQTLHGLKKKNGNEESPY
;
_entity_poly.pdbx_strand_id   A,B,C,D,E,F
#
loop_
_chem_comp.id
_chem_comp.type
_chem_comp.name
_chem_comp.formula
A1A3G non-polymer '(2R)-3-(4-{[(S)-{[(2R,3R,5R)-5-(6-amino-9H-purin-9-yl)-3-hydroxyoxolan-2-yl]methoxy}(hydroxy)phosphoryl]oxy}phenyl)-2-{[(2R)-pyrrolidine-2-carbonyl]amino}propanoic acid (non-preferred name)' 'C24 H30 N7 O9 P'
A1A3H non-polymer '(2R)-2-amino-3-(4-{[(R)-{[(2R,3R,5R)-5-(6-amino-9H-purin-9-yl)-3-hydroxyoxolan-2-yl]methoxy}(hydroxy)phosphoryl]oxy}phenyl)propanoic acid (non-preferred name)' 'C19 H23 N6 O8 P'
D5M non-polymer 2'-DEOXYADENOSINE-5'-MONOPHOSPHATE 'C10 H14 N5 O6 P'
F2A non-polymer 2'-deoxy-5'-O-[(S)-hydroxy{[(S)-hydroxy(phosphonooxy)phosphoryl]methyl}phosphoryl]adenosine 'C11 H18 N5 O11 P3'
MN non-polymer 'MANGANESE (II) ION' 'Mn 2'
#
# COMPACT_ATOMS: atom_id res chain seq x y z
N SER A 3 -11.73 -13.49 1.78
CA SER A 3 -11.14 -13.38 3.10
C SER A 3 -10.33 -12.09 3.22
N ILE A 4 -9.79 -11.85 4.42
CA ILE A 4 -9.04 -10.64 4.72
C ILE A 4 -7.56 -11.01 4.75
N GLU A 5 -6.80 -10.47 3.80
CA GLU A 5 -5.39 -10.86 3.68
C GLU A 5 -4.54 -10.23 4.77
N ALA A 6 -4.84 -8.98 5.13
CA ALA A 6 -3.96 -8.22 6.00
C ALA A 6 -4.78 -7.17 6.75
N LEU A 7 -4.22 -6.70 7.86
CA LEU A 7 -4.89 -5.75 8.73
C LEU A 7 -3.86 -4.79 9.30
N MET A 8 -4.11 -3.50 9.18
CA MET A 8 -3.17 -2.48 9.62
C MET A 8 -3.87 -1.46 10.51
N LEU A 9 -3.19 -1.08 11.59
CA LEU A 9 -3.62 0.04 12.42
C LEU A 9 -2.99 1.33 11.90
N PHE A 10 -3.80 2.37 11.73
CA PHE A 10 -3.30 3.67 11.31
C PHE A 10 -4.00 4.74 12.14
N GLY A 11 -3.85 6.00 11.73
CA GLY A 11 -4.46 7.07 12.51
C GLY A 11 -3.74 7.34 13.82
N SER A 12 -4.42 8.08 14.70
CA SER A 12 -3.79 8.53 15.94
C SER A 12 -3.43 7.37 16.86
N ALA A 13 -4.21 6.29 16.84
CA ALA A 13 -3.90 5.16 17.71
C ALA A 13 -2.56 4.54 17.37
N ALA A 14 -2.18 4.55 16.08
CA ALA A 14 -0.87 4.04 15.69
C ALA A 14 0.25 4.97 16.13
N ARG A 15 -0.04 6.25 16.39
CA ARG A 15 0.96 7.18 16.88
C ARG A 15 0.98 7.25 18.41
N GLY A 16 0.15 6.47 19.08
CA GLY A 16 0.04 6.57 20.52
C GLY A 16 -0.65 7.82 21.01
N GLU A 17 -1.29 8.57 20.12
CA GLU A 17 -1.96 9.81 20.45
C GLU A 17 -3.47 9.63 20.51
N SER A 18 -4.13 10.49 21.26
CA SER A 18 -5.58 10.46 21.36
C SER A 18 -6.07 11.85 21.75
N ASP A 19 -7.31 12.14 21.37
CA ASP A 19 -7.95 13.41 21.69
C ASP A 19 -9.38 13.12 22.12
N LYS A 20 -10.17 14.19 22.23
CA LYS A 20 -11.51 14.11 22.82
C LYS A 20 -12.35 13.00 22.18
N ASN A 21 -12.59 13.10 20.87
CA ASN A 21 -13.45 12.15 20.18
C ASN A 21 -12.67 11.32 19.18
N SER A 22 -11.47 10.89 19.55
CA SER A 22 -10.66 10.08 18.66
C SER A 22 -11.37 8.76 18.33
N ASP A 23 -11.12 8.28 17.12
CA ASP A 23 -11.60 6.97 16.72
C ASP A 23 -10.43 5.99 16.70
N VAL A 24 -10.70 4.76 16.30
CA VAL A 24 -9.67 3.75 16.06
C VAL A 24 -9.75 3.39 14.59
N ASP A 25 -8.64 3.53 13.88
CA ASP A 25 -8.59 3.39 12.43
C ASP A 25 -7.96 2.04 12.06
N LEU A 26 -8.71 1.22 11.34
CA LEU A 26 -8.28 -0.10 10.94
C LEU A 26 -8.44 -0.27 9.43
N LEU A 27 -7.38 -0.73 8.77
CA LEU A 27 -7.39 -0.96 7.33
C LEU A 27 -7.40 -2.46 7.08
N ALA A 28 -8.47 -2.94 6.46
CA ALA A 28 -8.63 -4.35 6.12
C ALA A 28 -8.45 -4.53 4.62
N VAL A 29 -7.51 -5.40 4.24
CA VAL A 29 -7.23 -5.69 2.85
C VAL A 29 -7.92 -7.00 2.49
N THR A 30 -8.89 -6.94 1.58
CA THR A 30 -9.63 -8.11 1.16
C THR A 30 -9.90 -8.01 -0.34
N SER A 31 -9.73 -9.13 -1.03
CA SER A 31 -9.81 -9.13 -2.48
C SER A 31 -11.25 -9.05 -2.96
N GLY A 32 -11.41 -8.64 -4.21
CA GLY A 32 -12.71 -8.69 -4.88
C GLY A 32 -13.77 -7.82 -4.27
N VAL A 33 -13.39 -6.69 -3.67
CA VAL A 33 -14.35 -5.78 -3.06
C VAL A 33 -14.03 -4.36 -3.50
N ARG A 34 -15.08 -3.57 -3.71
CA ARG A 34 -14.89 -2.16 -3.96
C ARG A 34 -14.67 -1.42 -2.64
N PRO A 35 -13.84 -0.38 -2.65
CA PRO A 35 -13.49 0.29 -1.39
C PRO A 35 -14.72 0.86 -0.68
N PHE A 36 -14.77 0.66 0.63
CA PHE A 36 -15.82 1.20 1.48
C PHE A 36 -15.35 1.15 2.93
N SER A 37 -16.13 1.76 3.82
CA SER A 37 -15.78 1.81 5.22
C SER A 37 -17.02 1.68 6.08
N LYS A 38 -16.84 1.09 7.27
CA LYS A 38 -17.90 0.91 8.24
C LYS A 38 -17.46 1.49 9.58
N LYS A 39 -18.32 2.30 10.19
CA LYS A 39 -18.06 2.90 11.49
C LYS A 39 -18.93 2.25 12.54
N THR A 40 -18.32 1.82 13.65
CA THR A 40 -19.04 1.07 14.68
C THR A 40 -18.46 1.44 16.05
N GLU A 41 -19.15 2.32 16.76
CA GLU A 41 -18.85 2.63 18.16
C GLU A 41 -17.38 2.99 18.35
N GLN A 42 -17.01 4.14 17.79
CA GLN A 42 -15.67 4.73 17.84
C GLN A 42 -14.64 3.98 17.02
N THR A 43 -15.01 2.91 16.32
CA THR A 43 -14.10 2.22 15.43
C THR A 43 -14.40 2.59 13.98
N GLU A 44 -13.38 2.44 13.14
CA GLU A 44 -13.49 2.72 11.71
C GLU A 44 -12.74 1.64 10.96
N LEU A 45 -13.45 0.85 10.17
CA LEU A 45 -12.87 -0.20 9.35
C LEU A 45 -12.84 0.26 7.90
N GLN A 46 -11.64 0.31 7.33
CA GLN A 46 -11.44 0.72 5.94
C GLN A 46 -11.12 -0.53 5.13
N PHE A 47 -11.91 -0.78 4.08
CA PHE A 47 -11.76 -1.97 3.26
C PHE A 47 -11.21 -1.59 1.90
N LEU A 48 -10.15 -2.28 1.48
CA LEU A 48 -9.51 -2.07 0.18
C LEU A 48 -9.14 -3.41 -0.42
N ASN A 49 -9.22 -3.50 -1.74
CA ASN A 49 -8.68 -4.63 -2.44
C ASN A 49 -7.18 -4.44 -2.66
N PRO A 50 -6.42 -5.53 -2.83
CA PRO A 50 -4.96 -5.39 -2.96
C PRO A 50 -4.51 -4.50 -4.10
N GLU A 51 -5.19 -4.55 -5.25
CA GLU A 51 -4.76 -3.74 -6.39
C GLU A 51 -4.92 -2.26 -6.09
N GLU A 52 -6.02 -1.89 -5.43
CA GLU A 52 -6.22 -0.49 -5.07
C GLU A 52 -5.18 -0.02 -4.07
N LEU A 53 -4.79 -0.90 -3.13
CA LEU A 53 -3.74 -0.55 -2.18
C LEU A 53 -2.42 -0.30 -2.89
N LEU A 54 -2.04 -1.19 -3.81
CA LEU A 54 -0.79 -1.01 -4.54
C LEU A 54 -0.86 0.21 -5.45
N ARG A 55 -2.03 0.50 -6.04
CA ARG A 55 -2.16 1.65 -6.93
C ARG A 55 -1.97 2.96 -6.16
N SER A 56 -2.47 3.03 -4.94
CA SER A 56 -2.30 4.24 -4.14
C SER A 56 -0.83 4.52 -3.84
N ALA A 57 -0.03 3.45 -3.70
CA ALA A 57 1.40 3.63 -3.49
C ALA A 57 2.08 4.11 -4.77
N SER A 58 1.78 3.48 -5.91
CA SER A 58 2.39 3.88 -7.17
C SER A 58 2.04 5.32 -7.52
N ASP A 59 0.80 5.72 -7.26
CA ASP A 59 0.37 7.08 -7.53
C ASP A 59 0.83 8.08 -6.47
N GLY A 60 1.37 7.59 -5.36
CA GLY A 60 1.86 8.48 -4.32
C GLY A 60 0.77 9.20 -3.55
N ASP A 61 -0.36 8.53 -3.31
CA ASP A 61 -1.44 9.12 -2.53
C ASP A 61 -0.93 9.59 -1.16
N LEU A 62 -1.40 10.75 -0.74
CA LEU A 62 -1.07 11.23 0.60
C LEU A 62 -1.47 10.20 1.66
N PHE A 63 -2.65 9.60 1.51
CA PHE A 63 -3.07 8.57 2.45
C PHE A 63 -2.13 7.38 2.41
N ALA A 64 -1.63 7.01 1.23
CA ALA A 64 -0.66 5.93 1.13
C ALA A 64 0.64 6.30 1.84
N ILE A 65 1.05 7.57 1.74
CA ILE A 65 2.22 8.02 2.47
C ILE A 65 2.02 7.83 3.97
N HIS A 66 0.80 8.09 4.45
CA HIS A 66 0.51 7.91 5.88
C HIS A 66 0.63 6.46 6.31
N LEU A 67 0.09 5.53 5.50
CA LEU A 67 0.14 4.12 5.87
C LEU A 67 1.58 3.62 5.96
N ALA A 68 2.44 4.06 5.05
CA ALA A 68 3.83 3.61 5.03
C ALA A 68 4.67 4.30 6.10
N PHE A 69 4.26 5.48 6.55
CA PHE A 69 5.05 6.28 7.48
C PHE A 69 4.68 6.01 8.93
N GLU A 70 3.40 5.76 9.21
CA GLU A 70 2.93 5.62 10.58
C GLU A 70 2.11 4.36 10.83
N GLY A 71 1.74 3.61 9.78
CA GLY A 71 0.93 2.42 9.99
C GLY A 71 1.70 1.33 10.69
N LYS A 72 0.95 0.48 11.41
CA LYS A 72 1.51 -0.69 12.08
C LYS A 72 0.76 -1.93 11.63
N ILE A 73 1.49 -2.91 11.10
CA ILE A 73 0.85 -4.14 10.62
C ILE A 73 0.37 -4.96 11.81
N ILE A 74 -0.90 -5.34 11.78
CA ILE A 74 -1.43 -6.28 12.75
C ILE A 74 -1.19 -7.72 12.30
N PHE A 75 -1.50 -8.02 11.04
CA PHE A 75 -1.07 -9.26 10.41
C PHE A 75 -1.09 -9.06 8.90
N ASP A 76 -0.29 -9.89 8.22
CA ASP A 76 -0.20 -9.83 6.75
C ASP A 76 0.17 -11.22 6.27
N THR A 77 -0.82 -11.96 5.78
CA THR A 77 -0.63 -13.35 5.37
C THR A 77 -0.15 -13.49 3.93
N THR A 78 -0.26 -12.45 3.12
CA THR A 78 0.14 -12.50 1.72
C THR A 78 1.33 -11.61 1.39
N GLY A 79 1.82 -10.83 2.36
CA GLY A 79 2.88 -9.88 2.06
C GLY A 79 2.42 -8.71 1.23
N VAL A 80 1.12 -8.40 1.24
CA VAL A 80 0.61 -7.31 0.42
C VAL A 80 1.16 -5.97 0.88
N PHE A 81 1.43 -5.82 2.18
CA PHE A 81 2.01 -4.58 2.68
C PHE A 81 3.47 -4.42 2.31
N THR A 82 4.17 -5.53 2.05
CA THR A 82 5.54 -5.43 1.55
C THR A 82 5.55 -4.93 0.11
N ARG A 83 4.69 -5.51 -0.74
CA ARG A 83 4.59 -5.03 -2.11
C ARG A 83 4.03 -3.61 -2.17
N PHE A 84 3.19 -3.24 -1.20
CA PHE A 84 2.71 -1.87 -1.11
C PHE A 84 3.87 -0.89 -0.93
N LYS A 85 4.74 -1.13 0.05
CA LYS A 85 5.85 -0.22 0.28
C LYS A 85 6.84 -0.24 -0.88
N GLU A 86 7.00 -1.38 -1.55
CA GLU A 86 7.89 -1.44 -2.71
C GLU A 86 7.41 -0.53 -3.84
N ARG A 87 6.09 -0.32 -3.96
CA ARG A 87 5.54 0.49 -5.03
C ARG A 87 5.51 1.98 -4.70
N LEU A 88 5.62 2.36 -3.44
CA LEU A 88 5.42 3.75 -3.04
C LEU A 88 6.42 4.66 -3.76
N VAL A 89 5.89 5.68 -4.43
CA VAL A 89 6.68 6.71 -5.08
C VAL A 89 6.15 8.06 -4.59
N ILE A 90 6.91 8.72 -3.73
CA ILE A 90 6.52 10.02 -3.21
C ILE A 90 6.81 11.08 -4.27
N ARG A 91 5.79 11.87 -4.61
CA ARG A 91 5.91 12.89 -5.64
C ARG A 91 6.48 14.18 -5.07
N LYS A 92 6.97 15.02 -5.98
CA LYS A 92 7.44 16.36 -5.64
C LYS A 92 6.35 17.42 -5.77
N ASP A 93 5.26 17.11 -6.46
CA ASP A 93 4.21 18.08 -6.76
C ASP A 93 2.86 17.49 -6.38
N TYR A 94 2.19 18.10 -5.41
CA TYR A 94 0.83 17.74 -5.02
C TYR A 94 -0.13 18.89 -5.23
N GLY A 95 0.12 19.72 -6.24
CA GLY A 95 -0.77 20.83 -6.55
C GLY A 95 -2.16 20.39 -6.94
N ARG A 96 -2.31 19.18 -7.48
CA ARG A 96 -3.63 18.65 -7.81
C ARG A 96 -4.46 18.42 -6.55
N GLU A 97 -3.86 17.81 -5.53
CA GLU A 97 -4.56 17.63 -4.26
C GLU A 97 -4.84 18.97 -3.59
N ILE A 98 -3.87 19.88 -3.64
CA ILE A 98 -4.06 21.22 -3.09
C ILE A 98 -5.23 21.91 -3.76
N LYS A 99 -5.35 21.77 -5.09
CA LYS A 99 -6.43 22.42 -5.81
C LYS A 99 -7.78 21.83 -5.43
N TRP A 100 -7.84 20.52 -5.20
CA TRP A 100 -9.08 19.88 -4.79
C TRP A 100 -9.57 20.42 -3.44
N GLY A 101 -8.67 20.47 -2.45
CA GLY A 101 -9.04 21.03 -1.16
C GLY A 101 -9.32 22.51 -1.23
N ASN A 102 -8.63 23.21 -2.12
CA ASN A 102 -8.89 24.64 -2.31
C ASN A 102 -10.28 24.87 -2.87
N ASP A 103 -10.64 24.14 -3.92
CA ASP A 103 -11.90 24.40 -4.62
C ASP A 103 -13.09 23.96 -3.79
N LEU A 104 -12.99 22.82 -3.12
CA LEU A 104 -14.09 22.37 -2.26
C LEU A 104 -14.30 23.33 -1.09
N ALA A 105 -13.22 23.92 -0.57
CA ALA A 105 -13.35 24.90 0.50
C ALA A 105 -14.16 26.10 0.05
N TRP A 106 -13.99 26.53 -1.21
CA TRP A 106 -14.77 27.65 -1.72
C TRP A 106 -16.23 27.26 -1.92
N TYR A 107 -16.49 26.03 -2.35
CA TYR A 107 -17.88 25.59 -2.50
C TYR A 107 -18.57 25.55 -1.15
N LEU A 108 -17.91 24.98 -0.14
CA LEU A 108 -18.48 24.94 1.20
C LEU A 108 -18.69 26.35 1.74
N LEU A 109 -17.78 27.27 1.42
CA LEU A 109 -17.96 28.65 1.83
C LEU A 109 -19.17 29.27 1.14
N ASP A 110 -19.35 29.01 -0.16
CA ASP A 110 -20.44 29.63 -0.91
C ASP A 110 -21.80 28.97 -0.64
N PHE A 111 -21.83 27.67 -0.37
CA PHE A 111 -23.09 26.95 -0.32
C PHE A 111 -23.27 26.03 0.88
N GLY A 112 -22.22 25.74 1.65
CA GLY A 112 -22.32 24.73 2.68
C GLY A 112 -22.64 25.22 4.07
N MET A 113 -22.42 26.51 4.33
CA MET A 113 -22.52 27.02 5.69
C MET A 113 -23.95 27.04 6.21
N ASN A 114 -24.95 26.90 5.35
CA ASN A 114 -26.34 26.81 5.79
C ASN A 114 -27.00 25.50 5.39
N ALA A 115 -26.24 24.52 4.91
CA ALA A 115 -26.80 23.23 4.55
C ALA A 115 -27.38 22.53 5.77
N GLU A 116 -28.21 21.52 5.52
CA GLU A 116 -28.81 20.79 6.63
C GLU A 116 -27.82 19.84 7.29
N ASN A 117 -26.97 19.20 6.49
CA ASN A 117 -26.02 18.22 7.00
C ASN A 117 -24.79 18.96 7.53
N THR A 118 -24.95 19.55 8.71
CA THR A 118 -23.87 20.32 9.32
C THR A 118 -22.65 19.46 9.56
N THR A 119 -22.85 18.21 9.99
CA THR A 119 -21.72 17.35 10.33
C THR A 119 -20.87 17.02 9.10
N LEU A 120 -21.51 16.83 7.94
CA LEU A 120 -20.75 16.57 6.73
C LEU A 120 -19.97 17.80 6.28
N VAL A 121 -20.56 18.99 6.45
CA VAL A 121 -19.85 20.23 6.12
C VAL A 121 -18.61 20.36 7.00
N ASN A 122 -18.76 20.16 8.31
CA ASN A 122 -17.63 20.25 9.22
C ASN A 122 -16.58 19.19 8.91
N LYS A 123 -17.03 17.96 8.64
CA LYS A 123 -16.09 16.89 8.31
C LYS A 123 -15.28 17.24 7.06
N ARG A 124 -15.93 17.85 6.07
CA ARG A 124 -15.27 18.15 4.81
C ARG A 124 -14.57 19.51 4.81
N ILE A 125 -14.97 20.43 5.68
CA ILE A 125 -14.16 21.62 5.90
C ILE A 125 -12.79 21.22 6.43
N ALA A 126 -12.77 20.29 7.39
CA ALA A 126 -11.50 19.81 7.92
C ALA A 126 -10.70 19.06 6.87
N TRP A 127 -11.37 18.28 6.01
CA TRP A 127 -10.68 17.57 4.95
C TRP A 127 -9.95 18.53 4.02
N CYS A 128 -10.57 19.68 3.71
CA CYS A 128 -9.91 20.66 2.85
C CYS A 128 -8.64 21.19 3.50
N VAL A 129 -8.75 21.68 4.74
CA VAL A 129 -7.59 22.26 5.42
C VAL A 129 -6.53 21.19 5.67
N ARG A 130 -6.96 19.98 6.04
CA ARG A 130 -6.03 18.88 6.25
C ARG A 130 -5.26 18.57 4.97
N THR A 131 -5.97 18.41 3.85
CA THR A 131 -5.33 18.01 2.60
C THR A 131 -4.31 19.05 2.15
N ILE A 132 -4.67 20.33 2.21
CA ILE A 132 -3.75 21.38 1.82
C ILE A 132 -2.52 21.39 2.73
N ALA A 133 -2.74 21.19 4.03
CA ALA A 133 -1.62 21.20 4.97
C ALA A 133 -0.70 20.01 4.74
N ILE A 134 -1.27 18.81 4.60
CA ILE A 134 -0.47 17.62 4.34
C ILE A 134 0.30 17.76 3.04
N ALA A 135 -0.38 18.23 1.99
CA ALA A 135 0.25 18.31 0.67
C ALA A 135 1.38 19.34 0.65
N ARG A 136 1.14 20.52 1.21
CA ARG A 136 2.17 21.55 1.23
C ARG A 136 3.39 21.10 2.03
N LEU A 137 3.17 20.35 3.11
CA LEU A 137 4.30 19.91 3.92
C LEU A 137 5.13 18.83 3.20
N VAL A 138 4.46 17.94 2.46
CA VAL A 138 5.19 16.94 1.69
C VAL A 138 6.04 17.61 0.61
N GLU A 139 5.49 18.64 -0.03
CA GLU A 139 6.27 19.38 -1.03
C GLU A 139 7.50 20.03 -0.40
N SER A 140 7.44 20.39 0.88
CA SER A 140 8.57 20.97 1.59
C SER A 140 9.49 19.91 2.18
N GLY A 141 9.20 18.63 1.97
CA GLY A 141 10.07 17.56 2.43
C GLY A 141 9.71 16.95 3.76
N LYS A 142 8.56 17.29 4.32
CA LYS A 142 8.15 16.79 5.63
C LYS A 142 6.98 15.82 5.48
N ILE A 143 6.86 14.91 6.42
CA ILE A 143 5.79 13.91 6.43
C ILE A 143 5.02 14.10 7.73
N ILE A 144 3.89 14.79 7.66
CA ILE A 144 3.10 15.17 8.84
C ILE A 144 1.65 14.81 8.59
N PHE A 145 1.01 14.19 9.59
CA PHE A 145 -0.41 13.82 9.45
C PHE A 145 -1.26 14.08 10.68
N SER A 146 -0.70 14.28 11.87
CA SER A 146 -1.54 14.45 13.04
C SER A 146 -2.10 15.87 13.12
N PRO A 147 -3.32 16.03 13.62
CA PRO A 147 -3.88 17.39 13.74
C PRO A 147 -3.02 18.33 14.57
N ARG A 148 -2.42 17.85 15.65
CA ARG A 148 -1.61 18.73 16.49
C ARG A 148 -0.35 19.18 15.78
N ALA A 149 0.27 18.31 14.99
CA ALA A 149 1.50 18.67 14.29
C ALA A 149 1.23 19.47 13.02
N LEU A 150 0.11 19.21 12.34
CA LEU A 150 -0.26 20.02 11.18
C LEU A 150 -0.46 21.48 11.56
N ALA A 151 -0.97 21.74 12.76
CA ALA A 151 -1.16 23.12 13.20
C ALA A 151 0.17 23.81 13.44
N LYS A 152 1.14 23.10 14.00
CA LYS A 152 2.44 23.71 14.27
C LYS A 152 3.28 23.84 13.00
N GLU A 153 3.21 22.85 12.11
CA GLU A 153 4.08 22.86 10.94
C GLU A 153 3.50 23.68 9.78
N PHE A 154 2.18 23.82 9.72
CA PHE A 154 1.50 24.61 8.70
C PHE A 154 0.70 25.71 9.38
N PRO A 155 1.37 26.70 9.97
CA PRO A 155 0.71 27.66 10.87
C PRO A 155 -0.05 28.75 10.14
N ARG A 156 -0.97 28.34 9.27
CA ARG A 156 -1.86 29.30 8.63
C ARG A 156 -3.02 29.62 9.55
N LYS A 157 -3.76 30.68 9.20
CA LYS A 157 -4.81 31.18 10.08
C LYS A 157 -5.90 30.14 10.27
N HIS A 158 -6.20 29.83 11.54
CA HIS A 158 -7.31 28.97 11.94
C HIS A 158 -7.15 27.53 11.49
N VAL A 159 -5.92 27.06 11.27
CA VAL A 159 -5.72 25.67 10.87
C VAL A 159 -6.20 24.71 11.96
N SER A 160 -5.85 25.01 13.21
CA SER A 160 -6.26 24.15 14.31
C SER A 160 -7.77 24.17 14.50
N ASP A 161 -8.38 25.35 14.45
CA ASP A 161 -9.83 25.46 14.63
C ASP A 161 -10.58 24.72 13.53
N LEU A 162 -10.13 24.86 12.28
CA LEU A 162 -10.89 24.29 11.17
C LEU A 162 -10.70 22.77 11.08
N ILE A 163 -9.51 22.27 11.41
CA ILE A 163 -9.34 20.82 11.47
C ILE A 163 -10.11 20.25 12.64
N GLY A 164 -10.24 21.02 13.74
CA GLY A 164 -11.01 20.57 14.89
C GLY A 164 -12.48 20.35 14.63
N LEU A 165 -13.00 20.82 13.49
CA LEU A 165 -14.39 20.60 13.12
C LEU A 165 -14.66 19.18 12.62
N ALA A 166 -13.61 18.35 12.50
CA ALA A 166 -13.73 17.08 11.78
C ALA A 166 -14.87 16.21 12.29
N ARG A 167 -15.10 16.21 13.60
CA ARG A 167 -16.19 15.44 14.19
C ARG A 167 -17.13 16.32 15.00
N SER A 168 -17.33 17.56 14.58
CA SER A 168 -18.16 18.51 15.30
C SER A 168 -19.49 18.72 14.60
N ASP A 169 -20.53 19.00 15.40
CA ASP A 169 -21.81 19.46 14.89
C ASP A 169 -21.95 20.97 15.02
N GLU A 170 -20.83 21.68 15.11
CA GLU A 170 -20.86 23.14 15.23
C GLU A 170 -21.44 23.76 13.98
N ASP A 171 -22.46 24.59 14.16
CA ASP A 171 -23.11 25.29 13.05
C ASP A 171 -23.00 26.80 13.16
N SER A 172 -22.09 27.29 14.00
CA SER A 172 -21.92 28.72 14.17
C SER A 172 -21.39 29.35 12.89
N GLN A 173 -21.83 30.58 12.63
CA GLN A 173 -21.38 31.29 11.44
C GLN A 173 -19.93 31.75 11.56
N THR A 174 -19.32 31.62 12.74
CA THR A 174 -17.89 31.89 12.86
C THR A 174 -17.06 30.91 12.05
N ARG A 175 -17.64 29.77 11.67
CA ARG A 175 -16.94 28.86 10.76
C ARG A 175 -16.71 29.51 9.41
N LYS A 176 -17.69 30.26 8.91
CA LYS A 176 -17.56 30.91 7.62
C LYS A 176 -16.46 31.97 7.66
N ARG A 177 -16.41 32.76 8.74
CA ARG A 177 -15.39 33.79 8.87
C ARG A 177 -14.00 33.17 9.01
N ARG A 178 -13.90 32.05 9.73
CA ARG A 178 -12.60 31.42 9.93
C ARG A 178 -12.12 30.73 8.65
N LEU A 179 -13.04 30.07 7.93
CA LEU A 179 -12.65 29.44 6.67
C LEU A 179 -12.24 30.49 5.64
N ALA A 180 -12.91 31.65 5.65
CA ALA A 180 -12.51 32.73 4.74
C ALA A 180 -11.13 33.28 5.12
N GLY A 181 -10.84 33.36 6.42
CA GLY A 181 -9.54 33.84 6.85
C GLY A 181 -8.43 32.87 6.49
N PHE A 182 -8.69 31.57 6.60
CA PHE A 182 -7.70 30.58 6.20
C PHE A 182 -7.42 30.66 4.71
N LEU A 183 -8.48 30.68 3.88
CA LEU A 183 -8.29 30.80 2.44
C LEU A 183 -7.51 32.05 2.08
N ASP A 184 -7.73 33.14 2.81
CA ASP A 184 -6.97 34.36 2.56
C ASP A 184 -5.51 34.19 2.96
N SER A 185 -5.24 33.46 4.04
CA SER A 185 -3.87 33.31 4.52
C SER A 185 -3.02 32.43 3.61
N ILE A 186 -3.64 31.59 2.79
CA ILE A 186 -2.91 30.75 1.84
C ILE A 186 -2.97 31.33 0.42
N ASP A 187 -3.49 32.55 0.27
CA ASP A 187 -3.62 33.22 -1.02
C ASP A 187 -4.45 32.40 -2.00
N SER A 188 -5.58 31.89 -1.52
CA SER A 188 -6.48 31.11 -2.34
C SER A 188 -7.30 32.00 -3.26
N SER A 189 -7.66 31.46 -4.42
CA SER A 189 -8.56 32.11 -5.36
C SER A 189 -9.72 31.18 -5.67
N ARG A 190 -10.94 31.73 -5.66
CA ARG A 190 -12.11 30.94 -6.00
C ARG A 190 -12.01 30.48 -7.44
N PRO A 191 -12.36 29.23 -7.74
CA PRO A 191 -12.45 28.80 -9.14
C PRO A 191 -13.47 29.64 -9.89
N SER A 192 -13.29 29.74 -11.21
CA SER A 192 -14.17 30.56 -12.03
C SER A 192 -15.55 29.93 -12.16
N VAL A 193 -16.30 29.90 -11.06
CA VAL A 193 -17.64 29.31 -11.02
C VAL A 193 -18.52 30.19 -10.16
N SER A 194 -19.83 29.97 -10.26
CA SER A 194 -20.76 30.74 -9.46
C SER A 194 -21.90 29.88 -8.94
N SER A 195 -22.70 29.32 -9.85
CA SER A 195 -23.83 28.52 -9.45
C SER A 195 -23.37 27.16 -8.93
N GLU A 196 -24.29 26.47 -8.26
CA GLU A 196 -24.00 25.14 -7.76
C GLU A 196 -23.73 24.16 -8.91
N GLN A 197 -24.52 24.27 -9.98
CA GLN A 197 -24.32 23.40 -11.14
C GLN A 197 -22.94 23.61 -11.77
N GLU A 198 -22.40 24.83 -11.70
CA GLU A 198 -21.08 25.09 -12.27
C GLU A 198 -19.98 24.45 -11.43
N TYR A 199 -20.14 24.45 -10.10
CA TYR A 199 -19.21 23.72 -9.25
C TYR A 199 -19.17 22.25 -9.61
N VAL A 200 -20.34 21.66 -9.88
CA VAL A 200 -20.41 20.25 -10.26
C VAL A 200 -19.58 19.99 -11.52
N SER A 201 -19.80 20.80 -12.56
CA SER A 201 -19.03 20.65 -13.78
C SER A 201 -17.54 20.87 -13.53
N HIS A 202 -17.20 21.83 -12.68
CA HIS A 202 -15.80 22.10 -12.38
C HIS A 202 -15.16 20.93 -11.63
N PHE A 203 -15.90 20.34 -10.69
CA PHE A 203 -15.39 19.16 -10.00
C PHE A 203 -15.19 18.00 -10.96
N GLU A 204 -16.08 17.85 -11.94
CA GLU A 204 -15.89 16.83 -12.96
C GLU A 204 -14.68 17.14 -13.83
N ARG A 205 -14.53 18.41 -14.21
CA ARG A 205 -13.42 18.81 -15.07
C ARG A 205 -12.07 18.57 -14.38
N THR A 206 -11.98 18.91 -13.10
CA THR A 206 -10.76 18.74 -12.33
C THR A 206 -10.69 17.38 -11.63
N GLU A 207 -11.69 16.53 -11.82
CA GLU A 207 -11.73 15.18 -11.25
C GLU A 207 -11.60 15.22 -9.72
N ASN A 208 -12.30 16.16 -9.09
CA ASN A 208 -12.35 16.31 -7.64
C ASN A 208 -13.43 15.37 -7.10
N ARG A 209 -13.04 14.12 -6.84
CA ARG A 209 -14.00 13.11 -6.42
C ARG A 209 -14.64 13.46 -5.08
N VAL A 210 -13.83 13.90 -4.11
CA VAL A 210 -14.37 14.26 -2.81
C VAL A 210 -15.30 15.45 -2.92
N GLY A 211 -15.00 16.39 -3.82
CA GLY A 211 -15.88 17.52 -4.03
C GLY A 211 -17.24 17.10 -4.55
N LEU A 212 -17.27 16.20 -5.53
CA LEU A 212 -18.53 15.69 -6.04
C LEU A 212 -19.30 14.94 -4.96
N GLN A 213 -18.61 14.06 -4.22
CA GLN A 213 -19.28 13.31 -3.16
C GLN A 213 -19.83 14.24 -2.10
N THR A 214 -19.07 15.27 -1.73
CA THR A 214 -19.54 16.21 -0.71
C THR A 214 -20.77 16.97 -1.18
N LEU A 215 -20.69 17.55 -2.38
CA LEU A 215 -21.79 18.35 -2.90
C LEU A 215 -23.08 17.54 -2.97
N HIS A 216 -23.00 16.33 -3.54
CA HIS A 216 -24.20 15.51 -3.66
C HIS A 216 -24.66 15.02 -2.29
N GLY A 217 -23.72 14.73 -1.38
CA GLY A 217 -24.10 14.23 -0.07
C GLY A 217 -24.82 15.24 0.79
N LEU A 218 -24.53 16.54 0.58
CA LEU A 218 -25.21 17.57 1.36
C LEU A 218 -26.70 17.63 1.05
N LYS A 219 -27.10 17.19 -0.15
CA LYS A 219 -28.51 17.23 -0.53
C LYS A 219 -29.34 16.32 0.36
N LYS A 220 -28.92 15.06 0.51
CA LYS A 220 -29.62 14.12 1.37
C LYS A 220 -28.68 13.01 1.82
N SER B 3 16.27 3.78 31.45
CA SER B 3 17.45 4.34 30.80
C SER B 3 17.36 4.20 29.28
N ILE B 4 16.86 3.05 28.82
CA ILE B 4 16.51 2.86 27.42
C ILE B 4 15.02 3.18 27.28
N GLU B 5 14.72 4.29 26.61
CA GLU B 5 13.35 4.76 26.55
C GLU B 5 12.58 4.27 25.33
N ALA B 6 13.27 3.78 24.30
CA ALA B 6 12.60 3.33 23.10
C ALA B 6 13.49 2.33 22.36
N LEU B 7 12.84 1.35 21.73
CA LEU B 7 13.53 0.29 21.02
C LEU B 7 12.84 0.06 19.68
N MET B 8 13.63 0.01 18.61
CA MET B 8 13.10 -0.15 17.26
C MET B 8 13.86 -1.25 16.52
N LEU B 9 13.12 -2.08 15.80
CA LEU B 9 13.72 -3.05 14.89
C LEU B 9 13.82 -2.43 13.50
N PHE B 10 15.01 -2.52 12.90
CA PHE B 10 15.17 -2.07 11.52
C PHE B 10 15.94 -3.12 10.72
N GLY B 11 16.37 -2.76 9.52
CA GLY B 11 17.07 -3.70 8.67
C GLY B 11 16.15 -4.72 8.02
N SER B 12 16.76 -5.77 7.49
CA SER B 12 16.01 -6.77 6.74
C SER B 12 15.02 -7.53 7.62
N ALA B 13 15.30 -7.65 8.92
CA ALA B 13 14.35 -8.33 9.79
C ALA B 13 13.05 -7.55 9.92
N ALA B 14 13.10 -6.22 9.82
CA ALA B 14 11.89 -5.42 9.83
C ALA B 14 11.11 -5.55 8.53
N ARG B 15 11.77 -5.99 7.46
CA ARG B 15 11.10 -6.27 6.20
C ARG B 15 10.67 -7.73 6.09
N GLY B 16 11.08 -8.58 7.03
CA GLY B 16 10.81 -10.00 6.92
C GLY B 16 11.56 -10.66 5.77
N GLU B 17 12.80 -10.25 5.55
CA GLU B 17 13.57 -10.71 4.39
C GLU B 17 14.99 -11.05 4.80
N SER B 18 15.15 -11.72 5.94
CA SER B 18 16.47 -12.13 6.40
C SER B 18 16.87 -13.44 5.75
N ASP B 19 18.11 -13.49 5.23
CA ASP B 19 18.64 -14.70 4.63
C ASP B 19 19.67 -15.33 5.59
N LYS B 20 20.55 -16.17 5.04
CA LYS B 20 21.43 -16.97 5.90
C LYS B 20 22.50 -16.13 6.58
N ASN B 21 22.97 -15.06 5.94
CA ASN B 21 24.05 -14.24 6.46
C ASN B 21 23.56 -12.97 7.15
N SER B 22 22.25 -12.83 7.34
CA SER B 22 21.71 -11.59 7.87
C SER B 22 22.06 -11.41 9.34
N ASP B 23 21.95 -10.17 9.81
CA ASP B 23 22.02 -9.83 11.22
C ASP B 23 20.65 -9.39 11.69
N VAL B 24 20.55 -9.05 12.97
CA VAL B 24 19.34 -8.50 13.55
C VAL B 24 19.65 -7.08 14.00
N ASP B 25 19.03 -6.10 13.34
CA ASP B 25 19.32 -4.70 13.58
C ASP B 25 18.34 -4.14 14.61
N LEU B 26 18.88 -3.65 15.73
CA LEU B 26 18.08 -3.09 16.81
C LEU B 26 18.59 -1.70 17.15
N LEU B 27 17.67 -0.75 17.28
CA LEU B 27 18.00 0.64 17.62
C LEU B 27 17.48 0.93 19.02
N ALA B 28 18.38 1.32 19.92
CA ALA B 28 18.04 1.62 21.30
C ALA B 28 18.32 3.09 21.59
N VAL B 29 17.29 3.83 21.99
CA VAL B 29 17.43 5.24 22.31
C VAL B 29 17.71 5.36 23.81
N THR B 30 18.86 5.93 24.15
CA THR B 30 19.29 6.05 25.53
C THR B 30 19.77 7.47 25.79
N SER B 31 19.23 8.11 26.82
CA SER B 31 19.58 9.49 27.11
C SER B 31 21.03 9.58 27.58
N GLY B 32 21.69 10.66 27.19
CA GLY B 32 23.02 10.98 27.68
C GLY B 32 24.11 9.99 27.33
N VAL B 33 24.15 9.54 26.08
CA VAL B 33 25.20 8.64 25.60
C VAL B 33 25.67 9.13 24.23
N ARG B 34 26.95 8.92 23.96
CA ARG B 34 27.45 9.14 22.62
C ARG B 34 27.06 7.97 21.72
N PRO B 35 26.87 8.21 20.42
CA PRO B 35 26.48 7.11 19.53
C PRO B 35 27.55 6.03 19.50
N PHE B 36 27.11 4.78 19.71
CA PHE B 36 27.99 3.63 19.60
C PHE B 36 27.13 2.40 19.31
N SER B 37 27.80 1.35 18.85
CA SER B 37 27.11 0.13 18.44
C SER B 37 27.82 -1.09 19.00
N LYS B 38 27.04 -2.07 19.45
CA LYS B 38 27.54 -3.34 19.94
C LYS B 38 27.01 -4.47 19.07
N LYS B 39 27.89 -5.40 18.71
CA LYS B 39 27.55 -6.52 17.85
C LYS B 39 27.73 -7.82 18.64
N THR B 40 26.64 -8.56 18.81
CA THR B 40 26.60 -9.73 19.69
C THR B 40 25.91 -10.89 18.99
N GLU B 41 26.69 -11.82 18.44
CA GLU B 41 26.18 -13.09 17.93
C GLU B 41 25.04 -12.89 16.94
N GLN B 42 25.36 -12.22 15.83
CA GLN B 42 24.46 -11.89 14.73
C GLN B 42 23.46 -10.79 15.09
N THR B 43 23.56 -10.19 16.28
CA THR B 43 22.75 -9.03 16.62
C THR B 43 23.59 -7.77 16.50
N GLU B 44 22.92 -6.68 16.11
CA GLU B 44 23.57 -5.37 15.99
C GLU B 44 22.75 -4.37 16.79
N LEU B 45 23.30 -3.90 17.90
CA LEU B 45 22.64 -2.92 18.75
C LEU B 45 23.25 -1.54 18.47
N GLN B 46 22.40 -0.60 18.08
CA GLN B 46 22.82 0.78 17.81
C GLN B 46 22.22 1.68 18.88
N PHE B 47 23.08 2.38 19.61
CA PHE B 47 22.67 3.24 20.72
C PHE B 47 22.77 4.71 20.32
N LEU B 48 21.70 5.46 20.56
CA LEU B 48 21.62 6.87 20.25
C LEU B 48 20.96 7.60 21.41
N ASN B 49 21.30 8.88 21.58
CA ASN B 49 20.51 9.69 22.48
C ASN B 49 19.37 10.36 21.71
N PRO B 50 18.32 10.80 22.40
CA PRO B 50 17.20 11.43 21.68
C PRO B 50 17.60 12.63 20.84
N GLU B 51 18.49 13.48 21.35
CA GLU B 51 18.89 14.67 20.60
C GLU B 51 19.58 14.29 19.30
N GLU B 52 20.41 13.24 19.33
CA GLU B 52 21.06 12.78 18.11
C GLU B 52 20.05 12.17 17.14
N LEU B 53 19.06 11.44 17.68
CA LEU B 53 18.04 10.85 16.82
C LEU B 53 17.25 11.93 16.09
N LEU B 54 16.83 12.98 16.81
CA LEU B 54 16.08 14.05 16.18
C LEU B 54 16.94 14.84 15.21
N ARG B 55 18.25 14.97 15.48
CA ARG B 55 19.13 15.68 14.57
C ARG B 55 19.20 15.00 13.22
N SER B 56 19.29 13.66 13.21
CA SER B 56 19.37 12.94 11.95
C SER B 56 18.10 13.13 11.12
N ALA B 57 16.97 13.35 11.78
CA ALA B 57 15.74 13.65 11.05
C ALA B 57 15.77 15.06 10.48
N SER B 58 16.16 16.04 11.31
CA SER B 58 16.20 17.42 10.85
C SER B 58 17.19 17.59 9.70
N ASP B 59 18.32 16.89 9.76
CA ASP B 59 19.32 16.96 8.70
C ASP B 59 19.02 16.01 7.54
N GLY B 60 17.92 15.27 7.60
CA GLY B 60 17.53 14.40 6.51
C GLY B 60 18.52 13.30 6.19
N ASP B 61 19.14 12.72 7.22
CA ASP B 61 20.05 11.60 7.01
C ASP B 61 19.34 10.47 6.29
N LEU B 62 20.05 9.85 5.35
CA LEU B 62 19.49 8.71 4.63
C LEU B 62 19.09 7.60 5.59
N PHE B 63 19.90 7.35 6.62
CA PHE B 63 19.59 6.31 7.59
C PHE B 63 18.34 6.66 8.40
N ALA B 64 18.12 7.95 8.67
CA ALA B 64 16.92 8.36 9.38
C ALA B 64 15.67 8.05 8.56
N ILE B 65 15.75 8.26 7.24
CA ILE B 65 14.61 7.95 6.37
C ILE B 65 14.30 6.46 6.42
N HIS B 66 15.34 5.62 6.51
CA HIS B 66 15.12 4.18 6.64
C HIS B 66 14.36 3.85 7.91
N LEU B 67 14.77 4.45 9.04
CA LEU B 67 14.10 4.17 10.30
C LEU B 67 12.64 4.59 10.27
N ALA B 68 12.35 5.74 9.66
CA ALA B 68 11.00 6.29 9.68
C ALA B 68 10.04 5.46 8.83
N PHE B 69 10.49 5.01 7.66
CA PHE B 69 9.61 4.32 6.73
C PHE B 69 9.68 2.80 6.83
N GLU B 70 10.74 2.24 7.42
CA GLU B 70 10.90 0.80 7.50
C GLU B 70 11.05 0.25 8.92
N GLY B 71 11.42 1.08 9.88
CA GLY B 71 11.61 0.59 11.24
C GLY B 71 10.28 0.23 11.88
N LYS B 72 10.31 -0.80 12.72
CA LYS B 72 9.14 -1.27 13.45
C LYS B 72 9.38 -1.03 14.94
N ILE B 73 8.52 -0.22 15.56
CA ILE B 73 8.70 0.15 16.95
C ILE B 73 8.41 -1.05 17.85
N ILE B 74 9.37 -1.38 18.71
CA ILE B 74 9.16 -2.42 19.71
C ILE B 74 8.51 -1.85 20.97
N PHE B 75 9.06 -0.76 21.50
CA PHE B 75 8.37 0.01 22.52
C PHE B 75 8.90 1.44 22.50
N ASP B 76 8.07 2.36 23.00
CA ASP B 76 8.44 3.78 23.05
C ASP B 76 7.74 4.38 24.26
N THR B 77 8.47 4.49 25.37
CA THR B 77 7.91 5.02 26.62
C THR B 77 7.82 6.53 26.63
N THR B 78 8.49 7.23 25.72
CA THR B 78 8.52 8.68 25.71
C THR B 78 7.93 9.33 24.47
N GLY B 79 7.53 8.54 23.48
CA GLY B 79 7.06 9.12 22.24
C GLY B 79 8.13 9.77 21.40
N VAL B 80 9.40 9.41 21.63
CA VAL B 80 10.51 10.05 20.91
C VAL B 80 10.43 9.72 19.43
N PHE B 81 9.89 8.55 19.07
CA PHE B 81 9.79 8.20 17.66
C PHE B 81 8.79 9.07 16.92
N THR B 82 7.75 9.57 17.61
CA THR B 82 6.84 10.51 16.96
C THR B 82 7.49 11.87 16.80
N ARG B 83 8.21 12.35 17.82
CA ARG B 83 8.97 13.57 17.67
C ARG B 83 10.09 13.41 16.66
N PHE B 84 10.62 12.19 16.53
CA PHE B 84 11.60 11.91 15.48
C PHE B 84 10.99 12.08 14.10
N LYS B 85 9.79 11.53 13.89
CA LYS B 85 9.16 11.64 12.59
C LYS B 85 8.66 13.05 12.30
N GLU B 86 8.32 13.80 13.35
CA GLU B 86 7.89 15.19 13.14
C GLU B 86 9.04 16.07 12.68
N ARG B 87 10.26 15.74 13.07
CA ARG B 87 11.44 16.55 12.73
C ARG B 87 12.04 16.19 11.38
N LEU B 88 11.53 15.14 10.73
CA LEU B 88 12.11 14.69 9.47
C LEU B 88 11.94 15.75 8.39
N VAL B 89 13.04 16.09 7.71
CA VAL B 89 13.03 16.98 6.56
C VAL B 89 13.80 16.27 5.46
N ILE B 90 13.10 15.71 4.49
CA ILE B 90 13.75 15.09 3.33
C ILE B 90 14.41 16.18 2.51
N ARG B 91 15.70 16.04 2.26
CA ARG B 91 16.44 17.04 1.50
C ARG B 91 16.14 16.91 0.02
N LYS B 92 16.13 18.07 -0.66
CA LYS B 92 15.85 18.10 -2.09
C LYS B 92 17.00 17.53 -2.92
N ASP B 93 18.16 17.32 -2.33
CA ASP B 93 19.34 16.89 -3.07
C ASP B 93 20.22 16.05 -2.16
N TYR B 94 20.79 14.99 -2.71
CA TYR B 94 21.74 14.13 -1.99
C TYR B 94 23.01 13.92 -2.82
N GLY B 95 23.35 14.90 -3.66
CA GLY B 95 24.61 14.82 -4.39
C GLY B 95 25.82 14.83 -3.48
N ARG B 96 25.69 15.47 -2.32
CA ARG B 96 26.78 15.47 -1.34
C ARG B 96 27.10 14.05 -0.89
N GLU B 97 26.06 13.27 -0.58
CA GLU B 97 26.26 11.89 -0.16
C GLU B 97 26.81 11.03 -1.30
N ILE B 98 26.29 11.23 -2.51
CA ILE B 98 26.77 10.47 -3.67
C ILE B 98 28.24 10.75 -3.92
N LYS B 99 28.66 12.01 -3.74
CA LYS B 99 30.05 12.36 -3.96
C LYS B 99 30.96 11.66 -2.95
N TRP B 100 30.51 11.55 -1.69
CA TRP B 100 31.31 10.89 -0.67
C TRP B 100 31.54 9.42 -1.01
N GLY B 101 30.47 8.72 -1.42
CA GLY B 101 30.63 7.33 -1.79
C GLY B 101 31.46 7.13 -3.04
N ASN B 102 31.35 8.05 -3.99
CA ASN B 102 32.14 7.95 -5.22
C ASN B 102 33.62 8.12 -4.95
N ASP B 103 33.98 9.12 -4.14
CA ASP B 103 35.40 9.39 -3.90
C ASP B 103 36.06 8.25 -3.14
N LEU B 104 35.36 7.69 -2.14
CA LEU B 104 35.94 6.60 -1.37
C LEU B 104 36.11 5.35 -2.23
N ALA B 105 35.15 5.10 -3.13
CA ALA B 105 35.27 3.95 -4.02
C ALA B 105 36.51 4.08 -4.91
N TRP B 106 36.81 5.29 -5.37
CA TRP B 106 38.00 5.49 -6.18
C TRP B 106 39.27 5.30 -5.35
N TYR B 107 39.24 5.69 -4.09
CA TYR B 107 40.39 5.45 -3.22
C TYR B 107 40.59 3.96 -3.00
N LEU B 108 39.51 3.24 -2.69
CA LEU B 108 39.64 1.81 -2.43
C LEU B 108 40.03 1.05 -3.69
N LEU B 109 39.60 1.52 -4.87
CA LEU B 109 40.02 0.88 -6.11
C LEU B 109 41.50 1.08 -6.36
N ASP B 110 42.02 2.27 -6.09
CA ASP B 110 43.42 2.57 -6.37
C ASP B 110 44.38 1.99 -5.34
N PHE B 111 43.93 1.68 -4.13
CA PHE B 111 44.86 1.31 -3.07
C PHE B 111 44.41 0.13 -2.20
N GLY B 112 43.13 -0.13 -2.03
CA GLY B 112 42.66 -1.09 -1.06
C GLY B 112 42.40 -2.50 -1.54
N MET B 113 42.65 -2.80 -2.81
CA MET B 113 42.34 -4.13 -3.33
C MET B 113 43.32 -5.19 -2.85
N ASN B 114 44.47 -4.78 -2.29
CA ASN B 114 45.43 -5.73 -1.75
C ASN B 114 45.83 -5.35 -0.32
N ALA B 115 45.01 -4.57 0.37
CA ALA B 115 45.31 -4.15 1.72
C ALA B 115 45.18 -5.32 2.70
N GLU B 116 45.77 -5.13 3.88
CA GLU B 116 45.76 -6.19 4.89
C GLU B 116 44.34 -6.54 5.31
N ASN B 117 43.54 -5.54 5.67
CA ASN B 117 42.19 -5.76 6.18
C ASN B 117 41.25 -5.97 4.99
N THR B 118 41.26 -7.18 4.45
CA THR B 118 40.37 -7.53 3.36
C THR B 118 38.90 -7.41 3.80
N THR B 119 38.61 -7.74 5.06
CA THR B 119 37.24 -7.62 5.56
C THR B 119 36.77 -6.17 5.53
N LEU B 120 37.56 -5.26 6.11
CA LEU B 120 37.15 -3.87 6.17
C LEU B 120 37.02 -3.25 4.78
N VAL B 121 37.85 -3.68 3.84
CA VAL B 121 37.74 -3.18 2.47
C VAL B 121 36.41 -3.60 1.86
N ASN B 122 35.99 -4.85 2.10
CA ASN B 122 34.72 -5.31 1.54
C ASN B 122 33.53 -4.63 2.22
N LYS B 123 33.68 -4.20 3.47
CA LYS B 123 32.57 -3.56 4.16
C LYS B 123 32.38 -2.12 3.69
N ARG B 124 33.47 -1.40 3.44
CA ARG B 124 33.35 -0.03 3.00
C ARG B 124 33.05 0.09 1.51
N ILE B 125 33.50 -0.88 0.70
CA ILE B 125 33.13 -0.89 -0.71
C ILE B 125 31.62 -1.06 -0.85
N ALA B 126 31.04 -1.99 -0.09
CA ALA B 126 29.59 -2.14 -0.09
C ALA B 126 28.91 -0.87 0.39
N TRP B 127 29.49 -0.20 1.38
CA TRP B 127 28.91 1.05 1.86
C TRP B 127 28.89 2.10 0.77
N CYS B 128 29.95 2.18 -0.04
CA CYS B 128 29.97 3.15 -1.14
C CYS B 128 28.84 2.89 -2.11
N VAL B 129 28.69 1.65 -2.57
CA VAL B 129 27.64 1.33 -3.52
C VAL B 129 26.27 1.49 -2.88
N ARG B 130 26.14 1.11 -1.60
CA ARG B 130 24.85 1.20 -0.93
C ARG B 130 24.45 2.65 -0.69
N THR B 131 25.40 3.48 -0.24
CA THR B 131 25.09 4.89 -0.02
C THR B 131 24.69 5.59 -1.32
N ILE B 132 25.38 5.27 -2.41
CA ILE B 132 25.01 5.84 -3.70
C ILE B 132 23.63 5.37 -4.13
N ALA B 133 23.34 4.07 -3.97
CA ALA B 133 22.05 3.53 -4.40
C ALA B 133 20.91 4.11 -3.55
N ILE B 134 21.09 4.14 -2.24
CA ILE B 134 20.05 4.67 -1.35
C ILE B 134 19.79 6.15 -1.67
N ALA B 135 20.85 6.89 -1.97
CA ALA B 135 20.68 8.30 -2.32
C ALA B 135 19.83 8.46 -3.57
N ARG B 136 20.06 7.60 -4.58
CA ARG B 136 19.23 7.63 -5.78
C ARG B 136 17.77 7.32 -5.45
N LEU B 137 17.55 6.29 -4.62
CA LEU B 137 16.18 5.89 -4.28
C LEU B 137 15.44 7.00 -3.54
N VAL B 138 16.11 7.67 -2.61
CA VAL B 138 15.45 8.74 -1.85
C VAL B 138 15.11 9.91 -2.77
N GLU B 139 16.04 10.27 -3.66
CA GLU B 139 15.77 11.36 -4.60
C GLU B 139 14.61 11.05 -5.53
N SER B 140 14.29 9.77 -5.74
CA SER B 140 13.18 9.37 -6.59
C SER B 140 11.91 9.08 -5.80
N GLY B 141 11.93 9.24 -4.48
CA GLY B 141 10.73 9.08 -3.68
C GLY B 141 10.42 7.67 -3.23
N LYS B 142 11.41 6.78 -3.15
CA LYS B 142 11.19 5.40 -2.76
C LYS B 142 11.81 5.14 -1.39
N ILE B 143 11.36 4.06 -0.75
CA ILE B 143 11.55 3.86 0.68
C ILE B 143 12.04 2.47 1.05
N ILE B 144 12.24 1.57 0.10
CA ILE B 144 12.69 0.21 0.41
C ILE B 144 14.19 0.14 0.12
N PHE B 145 15.00 -0.01 1.17
CA PHE B 145 16.45 0.05 1.07
C PHE B 145 17.10 -1.33 1.15
N SER B 146 16.39 -2.37 0.72
CA SER B 146 16.95 -3.73 0.75
C SER B 146 17.98 -3.91 -0.36
N PRO B 147 18.92 -4.84 -0.19
CA PRO B 147 19.92 -5.07 -1.25
C PRO B 147 19.31 -5.42 -2.59
N ARG B 148 18.20 -6.17 -2.61
CA ARG B 148 17.54 -6.49 -3.87
C ARG B 148 16.90 -5.26 -4.49
N ALA B 149 16.23 -4.44 -3.67
CA ALA B 149 15.61 -3.23 -4.18
C ALA B 149 16.66 -2.26 -4.72
N LEU B 150 17.81 -2.17 -4.06
CA LEU B 150 18.86 -1.27 -4.51
C LEU B 150 19.40 -1.69 -5.87
N ALA B 151 19.64 -2.99 -6.08
CA ALA B 151 20.15 -3.44 -7.36
C ALA B 151 19.07 -3.36 -8.44
N LYS B 152 17.81 -3.60 -8.07
CA LYS B 152 16.73 -3.55 -9.05
C LYS B 152 16.49 -2.13 -9.53
N GLU B 153 16.38 -1.18 -8.60
CA GLU B 153 16.11 0.22 -8.96
C GLU B 153 17.34 0.94 -9.49
N PHE B 154 18.54 0.41 -9.24
CA PHE B 154 19.80 1.02 -9.70
C PHE B 154 20.60 -0.04 -10.43
N PRO B 155 20.14 -0.44 -11.63
CA PRO B 155 20.68 -1.64 -12.30
C PRO B 155 21.96 -1.37 -13.08
N ARG B 156 23.01 -1.01 -12.36
CA ARG B 156 24.32 -0.89 -12.99
C ARG B 156 25.09 -2.20 -12.85
N LYS B 157 26.23 -2.26 -13.53
CA LYS B 157 27.01 -3.50 -13.56
C LYS B 157 27.52 -3.85 -12.16
N HIS B 158 27.26 -5.09 -11.75
CA HIS B 158 27.82 -5.67 -10.53
C HIS B 158 27.36 -4.93 -9.27
N VAL B 159 26.17 -4.33 -9.30
CA VAL B 159 25.66 -3.65 -8.11
C VAL B 159 25.37 -4.66 -7.01
N SER B 160 24.71 -5.77 -7.36
CA SER B 160 24.41 -6.80 -6.37
C SER B 160 25.68 -7.48 -5.88
N ASP B 161 26.67 -7.67 -6.77
CA ASP B 161 27.91 -8.31 -6.37
C ASP B 161 28.65 -7.48 -5.33
N LEU B 162 28.80 -6.17 -5.58
CA LEU B 162 29.59 -5.33 -4.69
C LEU B 162 28.92 -5.15 -3.34
N ILE B 163 27.61 -4.87 -3.34
CA ILE B 163 26.89 -4.75 -2.07
C ILE B 163 26.93 -6.07 -1.31
N GLY B 164 26.92 -7.19 -2.03
CA GLY B 164 26.93 -8.50 -1.40
C GLY B 164 28.26 -8.87 -0.76
N LEU B 165 29.17 -7.91 -0.65
CA LEU B 165 30.44 -8.14 0.01
C LEU B 165 30.39 -7.85 1.51
N ALA B 166 29.18 -7.68 2.06
CA ALA B 166 28.99 -7.37 3.48
C ALA B 166 29.81 -6.16 3.91
N GLN B 173 39.42 -11.27 -4.94
CA GLN B 173 40.00 -11.85 -6.15
C GLN B 173 39.52 -11.10 -7.39
N THR B 174 38.26 -11.32 -7.75
CA THR B 174 37.61 -10.60 -8.85
C THR B 174 37.06 -9.24 -8.42
N ARG B 175 37.43 -8.78 -7.23
CA ARG B 175 36.81 -7.58 -6.66
C ARG B 175 37.19 -6.33 -7.44
N LYS B 176 38.44 -6.25 -7.91
CA LYS B 176 38.88 -5.05 -8.62
C LYS B 176 38.21 -4.92 -9.99
N ARG B 177 38.06 -6.04 -10.70
CA ARG B 177 37.46 -5.99 -12.03
C ARG B 177 36.02 -5.51 -12.00
N ARG B 178 35.28 -5.86 -10.94
CA ARG B 178 33.87 -5.48 -10.85
C ARG B 178 33.65 -4.13 -10.19
N LEU B 179 34.56 -3.69 -9.33
CA LEU B 179 34.46 -2.34 -8.78
C LEU B 179 34.71 -1.29 -9.85
N ALA B 180 35.76 -1.48 -10.65
CA ALA B 180 36.02 -0.57 -11.77
C ALA B 180 34.90 -0.68 -12.81
N GLY B 181 34.35 -1.87 -13.00
CA GLY B 181 33.21 -2.03 -13.89
C GLY B 181 31.97 -1.33 -13.41
N PHE B 182 31.86 -1.08 -12.10
CA PHE B 182 30.75 -0.30 -11.57
C PHE B 182 30.97 1.19 -11.79
N LEU B 183 32.17 1.68 -11.49
CA LEU B 183 32.49 3.09 -11.72
C LEU B 183 32.37 3.46 -13.19
N ASP B 184 32.73 2.53 -14.08
CA ASP B 184 32.56 2.79 -15.51
C ASP B 184 31.08 2.82 -15.89
N SER B 185 30.26 1.97 -15.26
CA SER B 185 28.85 1.90 -15.60
C SER B 185 28.07 3.13 -15.13
N ILE B 186 28.57 3.85 -14.13
CA ILE B 186 27.92 5.06 -13.66
C ILE B 186 28.61 6.32 -14.19
N ASP B 187 29.54 6.16 -15.13
CA ASP B 187 30.30 7.30 -15.69
C ASP B 187 30.96 8.11 -14.59
N SER B 188 31.43 7.42 -13.55
CA SER B 188 32.08 8.08 -12.44
C SER B 188 33.42 8.67 -12.87
N SER B 189 33.81 9.76 -12.22
CA SER B 189 35.07 10.45 -12.48
C SER B 189 35.91 10.42 -11.23
N ARG B 190 37.11 9.85 -11.33
CA ARG B 190 38.05 9.87 -10.22
C ARG B 190 38.39 11.32 -9.87
N PRO B 191 38.40 11.68 -8.60
CA PRO B 191 38.80 13.04 -8.23
C PRO B 191 40.27 13.29 -8.54
N SER B 192 40.58 14.56 -8.78
CA SER B 192 41.94 14.96 -9.16
C SER B 192 42.87 14.78 -7.96
N VAL B 193 43.35 13.55 -7.80
CA VAL B 193 44.31 13.22 -6.74
C VAL B 193 45.39 12.30 -7.28
N SER B 195 47.59 10.67 -5.55
CA SER B 195 48.35 9.97 -4.53
C SER B 195 47.48 9.65 -3.32
N GLU B 196 47.98 8.79 -2.43
CA GLU B 196 47.22 8.45 -1.23
C GLU B 196 47.20 9.61 -0.24
N GLN B 197 48.23 10.46 -0.26
CA GLN B 197 48.21 11.63 0.60
C GLN B 197 47.25 12.69 0.09
N GLU B 198 47.07 12.78 -1.23
CA GLU B 198 46.10 13.72 -1.79
C GLU B 198 44.67 13.24 -1.60
N TYR B 199 44.47 11.92 -1.47
CA TYR B 199 43.16 11.41 -1.07
C TYR B 199 42.81 11.84 0.35
N VAL B 200 43.82 11.93 1.22
CA VAL B 200 43.59 12.43 2.58
C VAL B 200 43.17 13.89 2.55
N SER B 201 43.96 14.72 1.86
CA SER B 201 43.61 16.14 1.73
C SER B 201 42.28 16.34 1.02
N HIS B 202 41.85 15.37 0.21
CA HIS B 202 40.57 15.50 -0.49
C HIS B 202 39.40 15.20 0.44
N PHE B 203 39.48 14.09 1.20
CA PHE B 203 38.42 13.75 2.13
C PHE B 203 38.29 14.81 3.22
N GLU B 204 39.42 15.37 3.66
CA GLU B 204 39.38 16.42 4.68
C GLU B 204 38.68 17.67 4.17
N ARG B 205 38.96 18.05 2.93
CA ARG B 205 38.35 19.27 2.38
C ARG B 205 36.87 19.06 2.10
N THR B 206 36.50 17.88 1.58
CA THR B 206 35.11 17.58 1.29
C THR B 206 34.35 17.06 2.52
N GLU B 207 35.01 16.98 3.68
CA GLU B 207 34.38 16.59 4.93
C GLU B 207 33.75 15.20 4.84
N ASN B 208 34.41 14.31 4.10
CA ASN B 208 33.99 12.92 3.97
C ASN B 208 34.45 12.18 5.22
N ARG B 209 33.58 12.13 6.23
CA ARG B 209 33.93 11.48 7.48
C ARG B 209 34.21 9.99 7.28
N VAL B 210 33.34 9.31 6.54
CA VAL B 210 33.53 7.89 6.29
C VAL B 210 34.80 7.64 5.50
N GLY B 211 35.15 8.56 4.59
CA GLY B 211 36.41 8.43 3.87
C GLY B 211 37.63 8.61 4.77
N LEU B 212 37.52 9.45 5.79
CA LEU B 212 38.63 9.64 6.72
C LEU B 212 38.81 8.42 7.61
N GLN B 213 37.73 7.96 8.24
CA GLN B 213 37.83 6.84 9.17
C GLN B 213 38.21 5.55 8.45
N THR B 214 37.82 5.40 7.19
CA THR B 214 38.17 4.20 6.44
C THR B 214 39.66 4.16 6.11
N LEU B 215 40.20 5.27 5.59
CA LEU B 215 41.60 5.32 5.21
C LEU B 215 42.51 5.03 6.40
N HIS B 216 42.10 5.44 7.60
CA HIS B 216 42.84 5.16 8.81
C HIS B 216 42.61 3.74 9.34
N GLY B 217 41.82 2.93 8.62
CA GLY B 217 41.59 1.57 9.06
C GLY B 217 42.80 0.68 8.90
N LEU B 218 43.69 1.01 7.96
CA LEU B 218 44.96 0.29 7.76
C LEU B 218 44.74 -1.19 7.50
N TYR B 229 24.93 6.53 9.61
CA TYR B 229 25.08 5.09 9.48
C TYR B 229 25.18 4.70 8.00
N SER C 3 -13.62 6.26 26.36
CA SER C 3 -13.41 5.86 24.98
C SER C 3 -12.79 4.47 24.91
N ILE C 4 -12.18 4.14 23.78
CA ILE C 4 -11.58 2.82 23.57
C ILE C 4 -10.16 2.86 24.12
N GLU C 5 -9.95 2.21 25.27
CA GLU C 5 -8.65 2.24 25.93
C GLU C 5 -7.66 1.28 25.30
N ALA C 6 -8.14 0.10 24.88
CA ALA C 6 -7.23 -0.96 24.46
C ALA C 6 -7.91 -1.80 23.39
N LEU C 7 -7.09 -2.43 22.56
CA LEU C 7 -7.56 -3.22 21.42
C LEU C 7 -6.69 -4.46 21.29
N MET C 8 -7.34 -5.62 21.18
CA MET C 8 -6.64 -6.90 21.16
C MET C 8 -7.13 -7.74 19.99
N LEU C 9 -6.19 -8.34 19.27
CA LEU C 9 -6.49 -9.37 18.28
C LEU C 9 -6.46 -10.73 18.97
N PHE C 10 -7.54 -11.50 18.81
CA PHE C 10 -7.60 -12.85 19.34
C PHE C 10 -8.13 -13.79 18.27
N GLY C 11 -8.29 -15.06 18.63
CA GLY C 11 -8.75 -16.04 17.68
C GLY C 11 -7.65 -16.54 16.77
N SER C 12 -8.06 -17.09 15.63
CA SER C 12 -7.13 -17.77 14.74
C SER C 12 -6.12 -16.80 14.12
N ALA C 13 -6.50 -15.54 13.91
CA ALA C 13 -5.56 -14.57 13.38
C ALA C 13 -4.39 -14.35 14.35
N ALA C 14 -4.69 -14.29 15.64
CA ALA C 14 -3.65 -14.11 16.65
C ALA C 14 -2.69 -15.30 16.70
N ARG C 15 -3.07 -16.45 16.14
CA ARG C 15 -2.22 -17.62 16.06
C ARG C 15 -1.61 -17.80 14.67
N GLY C 16 -1.92 -16.92 13.72
CA GLY C 16 -1.45 -17.11 12.37
C GLY C 16 -2.06 -18.31 11.68
N GLU C 17 -3.29 -18.68 12.03
CA GLU C 17 -3.93 -19.88 11.51
C GLU C 17 -5.22 -19.58 10.77
N SER C 18 -5.42 -18.34 10.32
CA SER C 18 -6.63 -18.00 9.57
C SER C 18 -6.66 -18.76 8.25
N ASP C 19 -7.82 -19.32 7.93
CA ASP C 19 -8.04 -19.95 6.63
C ASP C 19 -9.12 -19.22 5.85
N LYS C 20 -9.79 -19.92 4.94
CA LYS C 20 -10.74 -19.25 4.06
C LYS C 20 -12.01 -18.85 4.80
N ASN C 21 -12.54 -19.74 5.65
CA ASN C 21 -13.77 -19.47 6.37
C ASN C 21 -13.55 -18.67 7.65
N SER C 22 -12.30 -18.34 7.97
CA SER C 22 -12.01 -17.66 9.23
C SER C 22 -12.55 -16.23 9.22
N ASP C 23 -12.92 -15.77 10.41
CA ASP C 23 -13.23 -14.37 10.63
C ASP C 23 -11.99 -13.66 11.18
N VAL C 24 -12.13 -12.39 11.54
CA VAL C 24 -11.09 -11.64 12.21
C VAL C 24 -11.67 -11.15 13.54
N ASP C 25 -11.05 -11.57 14.64
CA ASP C 25 -11.58 -11.33 15.97
C ASP C 25 -10.84 -10.17 16.62
N LEU C 26 -11.60 -9.17 17.06
CA LEU C 26 -11.02 -7.98 17.68
C LEU C 26 -11.78 -7.65 18.96
N LEU C 27 -11.04 -7.43 20.04
CA LEU C 27 -11.60 -7.03 21.32
C LEU C 27 -11.28 -5.57 21.58
N ALA C 28 -12.30 -4.77 21.83
CA ALA C 28 -12.15 -3.36 22.15
C ALA C 28 -12.66 -3.09 23.55
N VAL C 29 -11.83 -2.46 24.37
CA VAL C 29 -12.18 -2.16 25.77
C VAL C 29 -12.63 -0.71 25.83
N THR C 30 -13.92 -0.52 26.11
CA THR C 30 -14.52 0.82 26.21
C THR C 30 -15.27 0.92 27.52
N SER C 31 -15.05 2.01 28.24
CA SER C 31 -15.71 2.18 29.54
C SER C 31 -17.19 2.49 29.35
N GLY C 32 -18.01 1.95 30.25
CA GLY C 32 -19.43 2.26 30.31
C GLY C 32 -20.32 1.49 29.37
N VAL C 33 -19.77 0.87 28.33
CA VAL C 33 -20.60 0.20 27.34
C VAL C 33 -21.05 -1.16 27.88
N ARG C 34 -22.27 -1.55 27.52
CA ARG C 34 -22.72 -2.90 27.80
C ARG C 34 -22.07 -3.88 26.84
N PRO C 35 -21.81 -5.11 27.28
CA PRO C 35 -21.12 -6.08 26.41
C PRO C 35 -21.97 -6.44 25.20
N PHE C 36 -21.40 -6.22 24.02
CA PHE C 36 -22.06 -6.58 22.77
C PHE C 36 -20.99 -6.82 21.70
N SER C 37 -21.44 -7.39 20.58
CA SER C 37 -20.54 -7.68 19.47
C SER C 37 -21.17 -7.17 18.17
N LYS C 38 -20.31 -6.99 17.16
CA LYS C 38 -20.73 -6.51 15.86
C LYS C 38 -19.91 -7.21 14.78
N LYS C 39 -20.60 -7.84 13.83
CA LYS C 39 -19.97 -8.55 12.73
C LYS C 39 -20.09 -7.73 11.46
N THR C 40 -18.96 -7.39 10.85
CA THR C 40 -18.94 -6.57 9.63
C THR C 40 -17.90 -7.14 8.68
N GLU C 41 -18.36 -7.83 7.63
CA GLU C 41 -17.51 -8.27 6.52
C GLU C 41 -16.29 -9.05 7.02
N GLN C 42 -16.57 -10.22 7.57
CA GLN C 42 -15.59 -11.17 8.11
C GLN C 42 -14.89 -10.67 9.36
N THR C 43 -15.17 -9.45 9.83
CA THR C 43 -14.62 -8.97 11.08
C THR C 43 -15.64 -9.10 12.20
N GLU C 44 -15.15 -9.35 13.41
CA GLU C 44 -15.98 -9.47 14.59
C GLU C 44 -15.40 -8.57 15.68
N LEU C 45 -16.16 -7.55 16.07
CA LEU C 45 -15.75 -6.62 17.10
C LEU C 45 -16.46 -6.95 18.41
N GLN C 46 -15.69 -7.27 19.44
CA GLN C 46 -16.22 -7.55 20.77
C GLN C 46 -15.93 -6.35 21.66
N PHE C 47 -16.97 -5.81 22.31
CA PHE C 47 -16.85 -4.65 23.16
C PHE C 47 -17.09 -5.04 24.62
N LEU C 48 -16.17 -4.63 25.49
CA LEU C 48 -16.28 -4.89 26.92
C LEU C 48 -15.88 -3.63 27.69
N ASN C 49 -16.47 -3.46 28.86
CA ASN C 49 -15.97 -2.45 29.77
C ASN C 49 -14.88 -3.05 30.65
N PRO C 50 -13.98 -2.22 31.18
CA PRO C 50 -12.88 -2.78 32.01
C PRO C 50 -13.36 -3.63 33.17
N GLU C 51 -14.43 -3.23 33.86
CA GLU C 51 -14.91 -4.00 35.00
C GLU C 51 -15.33 -5.40 34.57
N GLU C 52 -16.03 -5.52 33.44
CA GLU C 52 -16.44 -6.83 32.96
C GLU C 52 -15.24 -7.66 32.54
N LEU C 53 -14.23 -7.03 31.93
CA LEU C 53 -13.04 -7.77 31.52
C LEU C 53 -12.29 -8.35 32.72
N LEU C 54 -12.19 -7.57 33.80
CA LEU C 54 -11.48 -8.05 34.98
C LEU C 54 -12.25 -9.16 35.68
N ARG C 55 -13.58 -9.06 35.70
CA ARG C 55 -14.39 -10.10 36.34
C ARG C 55 -14.19 -11.44 35.67
N SER C 56 -14.14 -11.46 34.33
CA SER C 56 -13.90 -12.71 33.61
C SER C 56 -12.56 -13.32 33.99
N ALA C 57 -11.58 -12.47 34.34
CA ALA C 57 -10.30 -12.98 34.79
C ALA C 57 -10.40 -13.57 36.20
N SER C 58 -11.06 -12.84 37.11
CA SER C 58 -11.21 -13.32 38.48
C SER C 58 -12.04 -14.59 38.55
N ASP C 59 -13.02 -14.74 37.67
CA ASP C 59 -13.86 -15.94 37.63
C ASP C 59 -13.22 -17.06 36.83
N GLY C 60 -12.04 -16.85 36.26
CA GLY C 60 -11.38 -17.88 35.47
C GLY C 60 -12.15 -18.33 34.26
N ASP C 61 -12.87 -17.42 33.60
CA ASP C 61 -13.59 -17.77 32.39
C ASP C 61 -12.66 -18.35 31.34
N LEU C 62 -13.16 -19.35 30.60
CA LEU C 62 -12.34 -19.98 29.57
C LEU C 62 -11.96 -18.99 28.49
N PHE C 63 -12.88 -18.10 28.10
CA PHE C 63 -12.56 -17.08 27.11
C PHE C 63 -11.49 -16.13 27.62
N ALA C 64 -11.48 -15.84 28.93
CA ALA C 64 -10.44 -14.98 29.49
C ALA C 64 -9.07 -15.64 29.39
N ILE C 65 -9.01 -16.96 29.61
CA ILE C 65 -7.74 -17.67 29.47
C ILE C 65 -7.21 -17.54 28.05
N HIS C 66 -8.10 -17.57 27.07
CA HIS C 66 -7.69 -17.42 25.68
C HIS C 66 -7.11 -16.04 25.40
N LEU C 67 -7.76 -14.98 25.92
CA LEU C 67 -7.24 -13.63 25.70
C LEU C 67 -5.87 -13.46 26.33
N ALA C 68 -5.67 -14.03 27.51
CA ALA C 68 -4.40 -13.84 28.21
C ALA C 68 -3.29 -14.71 27.63
N PHE C 69 -3.64 -15.85 27.03
CA PHE C 69 -2.65 -16.79 26.53
C PHE C 69 -2.31 -16.56 25.07
N GLU C 70 -3.30 -16.22 24.25
CA GLU C 70 -3.10 -16.08 22.81
C GLU C 70 -3.40 -14.69 22.28
N GLY C 71 -4.06 -13.83 23.06
CA GLY C 71 -4.38 -12.51 22.56
C GLY C 71 -3.13 -11.69 22.31
N LYS C 72 -3.14 -10.94 21.21
CA LYS C 72 -2.04 -10.06 20.84
C LYS C 72 -2.52 -8.62 20.97
N ILE C 73 -1.91 -7.88 21.90
CA ILE C 73 -2.31 -6.52 22.19
C ILE C 73 -1.91 -5.62 21.03
N ILE C 74 -2.88 -4.90 20.47
CA ILE C 74 -2.58 -3.91 19.44
C ILE C 74 -2.24 -2.57 20.04
N PHE C 75 -3.02 -2.11 21.03
CA PHE C 75 -2.61 -1.00 21.87
C PHE C 75 -3.35 -1.10 23.20
N ASP C 76 -2.82 -0.39 24.20
CA ASP C 76 -3.40 -0.41 25.55
C ASP C 76 -2.87 0.83 26.26
N THR C 77 -3.68 1.88 26.30
CA THR C 77 -3.26 3.15 26.87
C THR C 77 -3.42 3.22 28.38
N THR C 78 -4.22 2.34 28.97
CA THR C 78 -4.52 2.39 30.39
C THR C 78 -3.89 1.25 31.17
N GLY C 79 -3.18 0.34 30.52
CA GLY C 79 -2.67 -0.83 31.20
C GLY C 79 -3.72 -1.82 31.63
N VAL C 80 -4.92 -1.74 31.07
CA VAL C 80 -6.03 -2.58 31.52
C VAL C 80 -5.74 -4.05 31.27
N PHE C 81 -4.95 -4.36 30.24
CA PHE C 81 -4.64 -5.76 29.97
C PHE C 81 -3.66 -6.34 30.99
N THR C 82 -2.83 -5.49 31.59
CA THR C 82 -1.95 -5.97 32.65
C THR C 82 -2.74 -6.22 33.93
N ARG C 83 -3.62 -5.28 34.29
CA ARG C 83 -4.52 -5.52 35.42
C ARG C 83 -5.44 -6.71 35.15
N PHE C 84 -5.75 -6.96 33.88
CA PHE C 84 -6.55 -8.13 33.52
C PHE C 84 -5.79 -9.42 33.83
N LYS C 85 -4.51 -9.48 33.46
CA LYS C 85 -3.74 -10.71 33.69
C LYS C 85 -3.41 -10.92 35.15
N GLU C 86 -3.23 -9.84 35.92
CA GLU C 86 -2.95 -10.01 37.35
C GLU C 86 -4.17 -10.53 38.11
N ARG C 87 -5.37 -10.29 37.58
CA ARG C 87 -6.59 -10.77 38.20
C ARG C 87 -6.93 -12.21 37.82
N LEU C 88 -6.25 -12.77 36.83
CA LEU C 88 -6.62 -14.09 36.32
C LEU C 88 -6.40 -15.16 37.39
N VAL C 89 -7.40 -16.02 37.57
CA VAL C 89 -7.33 -17.15 38.48
C VAL C 89 -7.85 -18.36 37.73
N ILE C 90 -6.95 -19.22 37.26
CA ILE C 90 -7.35 -20.45 36.57
C ILE C 90 -7.81 -21.45 37.61
N ARG C 91 -9.04 -21.92 37.47
CA ARG C 91 -9.60 -22.89 38.41
C ARG C 91 -9.13 -24.30 38.08
N LYS C 92 -9.01 -25.14 39.12
CA LYS C 92 -8.69 -26.54 38.92
C LYS C 92 -9.89 -27.37 38.50
N ASP C 93 -11.09 -26.81 38.60
CA ASP C 93 -12.33 -27.54 38.32
C ASP C 93 -13.19 -26.68 37.41
N TYR C 94 -13.47 -27.20 36.20
CA TYR C 94 -14.38 -26.56 35.26
C TYR C 94 -15.58 -27.45 34.97
N GLY C 95 -16.00 -28.24 35.95
CA GLY C 95 -17.16 -29.11 35.75
C GLY C 95 -18.44 -28.35 35.50
N ARG C 96 -18.57 -27.15 36.07
CA ARG C 96 -19.75 -26.34 35.82
C ARG C 96 -19.89 -26.00 34.34
N GLU C 97 -18.82 -25.50 33.73
CA GLU C 97 -18.84 -25.18 32.31
C GLU C 97 -19.01 -26.43 31.47
N ILE C 98 -18.42 -27.54 31.91
CA ILE C 98 -18.54 -28.80 31.17
C ILE C 98 -19.99 -29.27 31.17
N LYS C 99 -20.67 -29.20 32.30
CA LYS C 99 -22.05 -29.65 32.36
C LYS C 99 -22.96 -28.75 31.54
N TRP C 100 -22.67 -27.45 31.46
CA TRP C 100 -23.47 -26.56 30.63
C TRP C 100 -23.45 -27.00 29.17
N GLY C 101 -22.25 -27.25 28.64
CA GLY C 101 -22.16 -27.76 27.27
C GLY C 101 -22.70 -29.16 27.11
N ASN C 102 -22.57 -29.99 28.15
CA ASN C 102 -23.11 -31.34 28.10
C ASN C 102 -24.62 -31.33 28.01
N ASP C 103 -25.27 -30.48 28.81
CA ASP C 103 -26.73 -30.46 28.84
C ASP C 103 -27.32 -29.86 27.56
N LEU C 104 -26.72 -28.77 27.07
CA LEU C 104 -27.20 -28.17 25.83
C LEU C 104 -26.99 -29.10 24.65
N ALA C 105 -25.91 -29.88 24.66
CA ALA C 105 -25.71 -30.87 23.61
C ALA C 105 -26.85 -31.88 23.58
N TRP C 106 -27.32 -32.30 24.76
CA TRP C 106 -28.43 -33.25 24.80
C TRP C 106 -29.72 -32.64 24.29
N TYR C 107 -29.97 -31.37 24.59
CA TYR C 107 -31.17 -30.72 24.08
C TYR C 107 -31.13 -30.60 22.56
N LEU C 108 -30.00 -30.16 22.01
CA LEU C 108 -29.86 -30.06 20.56
C LEU C 108 -29.98 -31.43 19.90
N LEU C 109 -29.50 -32.48 20.57
CA LEU C 109 -29.68 -33.83 20.04
C LEU C 109 -31.13 -34.26 20.08
N ASP C 110 -31.89 -33.79 21.08
CA ASP C 110 -33.27 -34.20 21.24
C ASP C 110 -34.26 -33.30 20.51
N PHE C 111 -33.88 -32.07 20.18
CA PHE C 111 -34.82 -31.13 19.56
C PHE C 111 -34.24 -30.27 18.45
N GLY C 112 -32.93 -30.14 18.32
CA GLY C 112 -32.38 -29.19 17.38
C GLY C 112 -32.14 -29.73 15.99
N MET C 113 -32.10 -31.06 15.84
CA MET C 113 -31.67 -31.65 14.58
C MET C 113 -32.65 -31.40 13.44
N ASN C 114 -33.88 -31.00 13.74
CA ASN C 114 -34.87 -30.67 12.72
C ASN C 114 -35.41 -29.26 12.87
N ALA C 115 -34.70 -28.39 13.60
CA ALA C 115 -35.13 -27.02 13.76
C ALA C 115 -34.98 -26.25 12.46
N GLU C 116 -35.74 -25.16 12.34
CA GLU C 116 -35.69 -24.33 11.14
C GLU C 116 -34.33 -23.66 11.02
N ASN C 117 -33.84 -23.07 12.11
CA ASN C 117 -32.57 -22.33 12.11
C ASN C 117 -31.42 -23.34 12.19
N THR C 118 -31.11 -23.94 11.04
CA THR C 118 -30.02 -24.92 10.98
C THR C 118 -28.68 -24.29 11.34
N THR C 119 -28.49 -23.01 11.02
CA THR C 119 -27.21 -22.36 11.29
C THR C 119 -26.96 -22.21 12.78
N LEU C 120 -27.99 -21.84 13.54
CA LEU C 120 -27.82 -21.66 14.98
C LEU C 120 -27.54 -22.99 15.68
N VAL C 121 -28.22 -24.05 15.25
CA VAL C 121 -27.98 -25.38 15.83
C VAL C 121 -26.55 -25.82 15.56
N ASN C 122 -26.10 -25.67 14.30
CA ASN C 122 -24.73 -26.02 13.97
C ASN C 122 -23.72 -25.21 14.77
N LYS C 123 -23.98 -23.91 14.95
CA LYS C 123 -23.06 -23.08 15.70
C LYS C 123 -23.05 -23.47 17.18
N ARG C 124 -24.21 -23.75 17.75
CA ARG C 124 -24.28 -24.10 19.16
C ARG C 124 -23.81 -25.52 19.44
N ILE C 125 -23.97 -26.43 18.47
CA ILE C 125 -23.36 -27.75 18.60
C ILE C 125 -21.84 -27.61 18.70
N ALA C 126 -21.26 -26.75 17.86
CA ALA C 126 -19.82 -26.52 17.93
C ALA C 126 -19.43 -25.91 19.26
N TRP C 127 -20.29 -25.04 19.81
CA TRP C 127 -19.99 -24.42 21.11
C TRP C 127 -19.93 -25.46 22.22
N CYS C 128 -20.88 -26.40 22.23
CA CYS C 128 -20.88 -27.44 23.26
C CYS C 128 -19.60 -28.26 23.21
N VAL C 129 -19.22 -28.74 22.03
CA VAL C 129 -18.04 -29.58 21.91
C VAL C 129 -16.78 -28.78 22.24
N ARG C 130 -16.70 -27.54 21.75
CA ARG C 130 -15.50 -26.74 21.97
C ARG C 130 -15.36 -26.35 23.44
N THR C 131 -16.47 -25.98 24.09
CA THR C 131 -16.41 -25.66 25.52
C THR C 131 -15.92 -26.85 26.33
N ILE C 132 -16.43 -28.05 26.02
CA ILE C 132 -16.02 -29.24 26.75
C ILE C 132 -14.55 -29.54 26.50
N ALA C 133 -14.10 -29.45 25.25
CA ALA C 133 -12.71 -29.75 24.93
C ALA C 133 -11.76 -28.77 25.61
N ILE C 134 -12.07 -27.47 25.53
CA ILE C 134 -11.23 -26.45 26.16
C ILE C 134 -11.14 -26.69 27.66
N ALA C 135 -12.30 -26.89 28.31
CA ALA C 135 -12.32 -27.04 29.76
C ALA C 135 -11.53 -28.27 30.20
N ARG C 136 -11.69 -29.39 29.49
CA ARG C 136 -10.99 -30.61 29.88
C ARG C 136 -9.48 -30.44 29.75
N LEU C 137 -9.03 -29.70 28.74
CA LEU C 137 -7.60 -29.51 28.54
C LEU C 137 -7.02 -28.53 29.55
N VAL C 138 -7.76 -27.48 29.90
CA VAL C 138 -7.32 -26.57 30.95
C VAL C 138 -7.19 -27.32 32.27
N GLU C 139 -8.11 -28.25 32.54
CA GLU C 139 -8.03 -29.06 33.75
C GLU C 139 -6.78 -29.91 33.79
N SER C 140 -6.32 -30.39 32.64
CA SER C 140 -5.10 -31.19 32.58
C SER C 140 -3.84 -30.34 32.49
N GLY C 141 -3.98 -29.02 32.41
CA GLY C 141 -2.84 -28.13 32.38
C GLY C 141 -2.44 -27.61 31.03
N LYS C 142 -3.23 -27.87 29.99
CA LYS C 142 -2.93 -27.39 28.65
C LYS C 142 -3.80 -26.18 28.33
N ILE C 143 -3.23 -25.23 27.60
CA ILE C 143 -4.00 -24.07 27.16
C ILE C 143 -4.17 -24.17 25.65
N ILE C 144 -5.28 -24.78 25.22
CA ILE C 144 -5.52 -25.09 23.82
C ILE C 144 -6.83 -24.45 23.39
N PHE C 145 -6.84 -23.85 22.20
CA PHE C 145 -8.06 -23.24 21.65
C PHE C 145 -8.22 -23.41 20.15
N SER C 146 -7.18 -23.79 19.42
CA SER C 146 -7.32 -24.03 17.99
C SER C 146 -8.25 -25.22 17.76
N PRO C 147 -9.21 -25.12 16.84
CA PRO C 147 -10.07 -26.28 16.55
C PRO C 147 -9.29 -27.52 16.15
N ARG C 148 -8.18 -27.34 15.42
CA ARG C 148 -7.38 -28.48 15.00
C ARG C 148 -6.64 -29.10 16.17
N ALA C 149 -6.12 -28.27 17.08
CA ALA C 149 -5.40 -28.81 18.22
C ALA C 149 -6.35 -29.35 19.29
N LEU C 150 -7.59 -28.84 19.36
CA LEU C 150 -8.56 -29.39 20.29
C LEU C 150 -8.89 -30.84 19.94
N ALA C 151 -8.90 -31.17 18.65
CA ALA C 151 -9.23 -32.53 18.24
C ALA C 151 -8.07 -33.49 18.44
N LYS C 152 -6.83 -32.98 18.41
CA LYS C 152 -5.68 -33.85 18.61
C LYS C 152 -5.39 -34.07 20.09
N GLU C 153 -5.56 -33.04 20.92
CA GLU C 153 -5.28 -33.17 22.35
C GLU C 153 -6.48 -33.63 23.16
N PHE C 154 -7.70 -33.42 22.66
CA PHE C 154 -8.92 -33.97 23.25
C PHE C 154 -9.53 -34.91 22.22
N PRO C 155 -8.93 -36.08 22.01
CA PRO C 155 -9.28 -36.93 20.85
C PRO C 155 -10.51 -37.79 21.08
N ARG C 156 -11.65 -37.13 21.21
CA ARG C 156 -12.92 -37.84 21.29
C ARG C 156 -13.56 -37.94 19.91
N LYS C 157 -14.57 -38.78 19.80
CA LYS C 157 -15.16 -39.06 18.49
C LYS C 157 -15.81 -37.82 17.89
N HIS C 158 -15.41 -37.51 16.66
CA HIS C 158 -16.05 -36.48 15.83
C HIS C 158 -15.86 -35.07 16.37
N VAL C 159 -14.79 -34.84 17.14
CA VAL C 159 -14.54 -33.50 17.67
C VAL C 159 -14.32 -32.52 16.53
N SER C 160 -13.49 -32.90 15.56
CA SER C 160 -13.21 -32.02 14.43
C SER C 160 -14.46 -31.78 13.59
N ASP C 161 -15.26 -32.83 13.37
CA ASP C 161 -16.47 -32.69 12.58
C ASP C 161 -17.48 -31.75 13.24
N LEU C 162 -17.67 -31.91 14.55
CA LEU C 162 -18.69 -31.13 15.24
C LEU C 162 -18.27 -29.68 15.42
N ILE C 163 -17.02 -29.45 15.80
CA ILE C 163 -16.53 -28.08 15.89
C ILE C 163 -16.57 -27.41 14.52
N GLY C 164 -16.32 -28.17 13.45
CA GLY C 164 -16.40 -27.64 12.11
C GLY C 164 -17.78 -27.18 11.69
N LEU C 165 -18.82 -27.53 12.46
CA LEU C 165 -20.18 -27.11 12.14
C LEU C 165 -20.40 -25.61 12.34
N ALA C 166 -19.51 -24.93 13.05
CA ALA C 166 -19.61 -23.47 13.16
C ALA C 166 -19.31 -22.82 11.82
N ARG C 167 -18.29 -23.32 11.11
CA ARG C 167 -17.97 -22.87 9.77
C ARG C 167 -18.71 -23.66 8.70
N SER C 168 -19.51 -24.65 9.10
CA SER C 168 -20.32 -25.47 8.18
C SER C 168 -19.50 -26.06 7.04
N GLU C 170 -20.12 -30.04 4.39
CA GLU C 170 -21.00 -30.47 5.47
C GLU C 170 -21.82 -31.69 5.08
N ASP C 171 -22.07 -32.57 6.04
CA ASP C 171 -22.87 -33.77 5.85
C ASP C 171 -24.01 -33.74 6.87
N SER C 172 -25.00 -32.88 6.58
CA SER C 172 -26.18 -32.80 7.43
C SER C 172 -26.93 -34.13 7.43
N GLN C 173 -27.77 -34.29 8.46
CA GLN C 173 -28.62 -35.46 8.72
C GLN C 173 -27.81 -36.66 9.19
N THR C 174 -26.48 -36.56 9.17
CA THR C 174 -25.59 -37.46 9.92
C THR C 174 -25.04 -36.78 11.16
N ARG C 175 -25.37 -35.50 11.36
CA ARG C 175 -24.89 -34.76 12.53
C ARG C 175 -25.40 -35.38 13.83
N LYS C 176 -26.66 -35.81 13.85
CA LYS C 176 -27.23 -36.40 15.06
C LYS C 176 -26.46 -37.66 15.45
N ARG C 177 -26.10 -38.48 14.47
CA ARG C 177 -25.31 -39.68 14.74
C ARG C 177 -23.92 -39.30 15.27
N ARG C 178 -23.29 -38.29 14.68
CA ARG C 178 -21.96 -37.89 15.13
C ARG C 178 -22.01 -37.24 16.50
N LEU C 179 -23.05 -36.46 16.78
CA LEU C 179 -23.18 -35.85 18.10
C LEU C 179 -23.43 -36.89 19.18
N ALA C 180 -24.29 -37.87 18.88
CA ALA C 180 -24.52 -38.96 19.84
C ALA C 180 -23.24 -39.75 20.07
N GLY C 181 -22.43 -39.92 19.03
CA GLY C 181 -21.17 -40.62 19.19
C GLY C 181 -20.21 -39.87 20.10
N PHE C 182 -20.17 -38.54 19.99
CA PHE C 182 -19.32 -37.75 20.87
C PHE C 182 -19.77 -37.85 22.31
N LEU C 183 -21.08 -37.73 22.56
CA LEU C 183 -21.60 -37.83 23.91
C LEU C 183 -21.27 -39.18 24.54
N ASP C 184 -21.15 -40.22 23.72
CA ASP C 184 -20.77 -41.53 24.24
C ASP C 184 -19.30 -41.58 24.62
N SER C 185 -18.42 -40.98 23.80
CA SER C 185 -16.99 -41.06 24.05
C SER C 185 -16.58 -40.29 25.30
N ILE C 186 -17.36 -39.30 25.73
CA ILE C 186 -17.07 -38.55 26.94
C ILE C 186 -17.83 -39.10 28.15
N ASP C 187 -18.43 -40.29 28.02
CA ASP C 187 -19.16 -40.93 29.10
C ASP C 187 -20.25 -40.01 29.66
N SER C 188 -20.90 -39.27 28.77
CA SER C 188 -21.89 -38.29 29.17
C SER C 188 -23.22 -38.96 29.52
N SER C 189 -24.02 -38.25 30.31
CA SER C 189 -25.34 -38.71 30.70
C SER C 189 -26.33 -37.58 30.48
N ARG C 190 -27.47 -37.90 29.88
CA ARG C 190 -28.51 -36.91 29.70
C ARG C 190 -29.07 -36.49 31.06
N PRO C 191 -29.26 -35.20 31.31
CA PRO C 191 -29.91 -34.79 32.56
C PRO C 191 -31.33 -35.32 32.62
N SER C 192 -31.82 -35.53 33.83
CA SER C 192 -33.15 -36.12 34.05
C SER C 192 -34.23 -35.14 33.58
N VAL C 193 -34.39 -35.07 32.26
CA VAL C 193 -35.42 -34.25 31.62
C VAL C 193 -35.96 -35.00 30.41
N SER C 194 -37.21 -34.75 30.07
CA SER C 194 -37.82 -35.41 28.92
C SER C 194 -38.86 -34.57 28.21
N SER C 195 -38.88 -33.25 28.42
CA SER C 195 -39.71 -32.34 27.66
C SER C 195 -38.89 -31.10 27.36
N GLU C 196 -39.26 -30.42 26.30
CA GLU C 196 -38.59 -29.16 25.99
C GLU C 196 -38.80 -28.14 27.11
N GLN C 197 -39.96 -28.18 27.78
CA GLN C 197 -40.17 -27.34 28.95
C GLN C 197 -39.32 -27.80 30.12
N GLU C 198 -39.14 -29.11 30.27
CA GLU C 198 -38.24 -29.61 31.31
C GLU C 198 -36.81 -29.18 31.05
N TYR C 199 -36.44 -29.01 29.78
CA TYR C 199 -35.11 -28.46 29.47
C TYR C 199 -35.01 -27.00 29.87
N VAL C 200 -36.07 -26.22 29.62
CA VAL C 200 -36.09 -24.83 30.07
C VAL C 200 -35.95 -24.76 31.58
N SER C 201 -36.66 -25.63 32.29
CA SER C 201 -36.59 -25.63 33.76
C SER C 201 -35.19 -26.02 34.23
N HIS C 202 -34.58 -27.01 33.58
CA HIS C 202 -33.24 -27.44 34.01
C HIS C 202 -32.20 -26.36 33.74
N PHE C 203 -32.34 -25.63 32.63
CA PHE C 203 -31.41 -24.56 32.32
C PHE C 203 -31.49 -23.42 33.33
N GLU C 204 -32.67 -23.20 33.91
CA GLU C 204 -32.83 -22.11 34.86
C GLU C 204 -32.25 -22.46 36.22
N ARG C 205 -32.45 -23.69 36.69
CA ARG C 205 -31.85 -24.11 37.95
C ARG C 205 -30.32 -24.07 37.88
N THR C 206 -29.77 -24.66 36.83
CA THR C 206 -28.31 -24.74 36.64
C THR C 206 -27.71 -23.47 36.09
N GLU C 207 -28.52 -22.43 35.85
CA GLU C 207 -28.04 -21.14 35.35
C GLU C 207 -27.28 -21.29 34.04
N ASN C 208 -27.79 -22.15 33.15
CA ASN C 208 -27.21 -22.37 31.83
C ASN C 208 -27.75 -21.29 30.90
N ARG C 209 -27.03 -20.17 30.84
CA ARG C 209 -27.52 -19.03 30.07
C ARG C 209 -27.41 -19.28 28.57
N VAL C 210 -26.34 -19.94 28.13
CA VAL C 210 -26.18 -20.24 26.72
C VAL C 210 -27.29 -21.18 26.25
N GLY C 211 -27.70 -22.12 27.10
CA GLY C 211 -28.80 -23.00 26.75
C GLY C 211 -30.11 -22.27 26.63
N LEU C 212 -30.41 -21.37 27.58
CA LEU C 212 -31.64 -20.59 27.52
C LEU C 212 -31.68 -19.72 26.28
N GLN C 213 -30.57 -19.07 25.94
CA GLN C 213 -30.51 -18.26 24.73
C GLN C 213 -30.71 -19.13 23.50
N THR C 214 -30.07 -20.31 23.47
CA THR C 214 -30.17 -21.18 22.30
C THR C 214 -31.59 -21.68 22.11
N LEU C 215 -32.21 -22.18 23.18
CA LEU C 215 -33.55 -22.75 23.07
C LEU C 215 -34.56 -21.73 22.58
N HIS C 216 -34.57 -20.54 23.19
CA HIS C 216 -35.48 -19.49 22.76
C HIS C 216 -35.07 -18.87 21.44
N GLY C 217 -33.80 -19.02 21.03
CA GLY C 217 -33.37 -18.49 19.75
C GLY C 217 -33.87 -19.31 18.59
N LEU C 218 -34.10 -20.61 18.79
CA LEU C 218 -34.60 -21.46 17.72
C LEU C 218 -36.06 -21.15 17.40
N LYS C 219 -36.81 -20.62 18.36
CA LYS C 219 -38.20 -20.26 18.11
C LYS C 219 -38.31 -19.01 17.25
N LYS C 220 -37.31 -18.14 17.29
CA LYS C 220 -37.34 -16.88 16.55
C LYS C 220 -37.13 -17.10 15.06
N SER D 3 21.87 -18.35 12.47
CA SER D 3 20.77 -17.46 12.08
C SER D 3 19.69 -17.41 13.15
N ILE D 4 19.30 -16.20 13.53
CA ILE D 4 18.26 -15.99 14.52
C ILE D 4 16.91 -16.05 13.82
N GLU D 5 16.08 -17.01 14.20
CA GLU D 5 14.82 -17.25 13.51
C GLU D 5 13.62 -16.63 14.19
N ALA D 6 13.75 -16.21 15.45
CA ALA D 6 12.64 -15.62 16.18
C ALA D 6 13.18 -14.77 17.31
N LEU D 7 12.53 -13.64 17.57
CA LEU D 7 12.93 -12.73 18.63
C LEU D 7 11.68 -12.33 19.42
N MET D 8 11.79 -12.38 20.74
CA MET D 8 10.67 -12.07 21.62
C MET D 8 11.10 -11.07 22.68
N LEU D 9 10.23 -10.11 22.96
CA LEU D 9 10.38 -9.22 24.10
C LEU D 9 9.66 -9.81 25.30
N PHE D 10 10.35 -9.86 26.45
CA PHE D 10 9.72 -10.33 27.68
C PHE D 10 10.16 -9.41 28.81
N GLY D 11 9.84 -9.80 30.05
CA GLY D 11 10.17 -8.98 31.20
C GLY D 11 9.24 -7.79 31.35
N SER D 12 9.73 -6.78 32.07
CA SER D 12 8.90 -5.62 32.40
C SER D 12 8.62 -4.74 31.19
N ALA D 13 9.49 -4.76 30.18
CA ALA D 13 9.22 -3.98 28.98
C ALA D 13 8.00 -4.52 28.24
N ALA D 14 7.82 -5.84 28.24
CA ALA D 14 6.63 -6.44 27.63
C ALA D 14 5.36 -6.16 28.43
N ARG D 15 5.49 -5.87 29.73
CA ARG D 15 4.33 -5.46 30.52
C ARG D 15 4.06 -3.96 30.46
N GLY D 16 4.93 -3.19 29.80
CA GLY D 16 4.76 -1.75 29.76
C GLY D 16 4.96 -1.08 31.10
N GLU D 17 5.81 -1.63 31.96
CA GLU D 17 6.01 -1.06 33.29
C GLU D 17 7.47 -1.12 33.71
N SER D 18 8.39 -0.99 32.76
CA SER D 18 9.79 -0.88 33.10
C SER D 18 10.09 0.52 33.64
N ASP D 19 11.10 0.61 34.49
CA ASP D 19 11.47 1.87 35.14
C ASP D 19 12.93 2.20 34.84
N LYS D 20 13.44 3.22 35.52
CA LYS D 20 14.81 3.69 35.28
C LYS D 20 15.84 2.59 35.52
N ASN D 21 15.60 1.73 36.51
CA ASN D 21 16.55 0.69 36.86
C ASN D 21 16.31 -0.63 36.12
N SER D 22 15.35 -0.67 35.22
CA SER D 22 15.01 -1.89 34.51
C SER D 22 16.00 -2.16 33.38
N ASP D 23 16.06 -3.42 32.98
CA ASP D 23 16.77 -3.81 31.77
C ASP D 23 15.77 -4.05 30.64
N VAL D 24 16.27 -4.41 29.47
CA VAL D 24 15.43 -4.78 28.34
C VAL D 24 15.66 -6.26 28.05
N ASP D 25 14.62 -7.07 28.23
CA ASP D 25 14.73 -8.51 28.11
C ASP D 25 14.36 -8.95 26.70
N LEU D 26 15.33 -9.54 25.99
CA LEU D 26 15.14 -10.04 24.64
C LEU D 26 15.52 -11.51 24.58
N LEU D 27 14.68 -12.32 23.96
CA LEU D 27 14.93 -13.75 23.79
C LEU D 27 15.10 -14.03 22.29
N ALA D 28 16.25 -14.57 21.92
CA ALA D 28 16.57 -14.90 20.54
C ALA D 28 16.67 -16.40 20.38
N VAL D 29 15.97 -16.94 19.39
CA VAL D 29 16.00 -18.36 19.08
C VAL D 29 16.95 -18.59 17.91
N THR D 30 18.00 -19.37 18.14
CA THR D 30 18.99 -19.71 17.11
C THR D 30 19.21 -21.21 17.11
N SER D 31 19.12 -21.82 15.93
CA SER D 31 19.26 -23.25 15.82
C SER D 31 20.71 -23.69 16.07
N GLY D 32 20.86 -24.87 16.67
CA GLY D 32 22.17 -25.44 16.90
C GLY D 32 23.04 -24.65 17.85
N VAL D 33 22.46 -24.14 18.93
CA VAL D 33 23.16 -23.32 19.90
C VAL D 33 22.72 -23.75 21.30
N ARG D 34 23.67 -23.74 22.25
CA ARG D 34 23.37 -23.99 23.65
C ARG D 34 22.92 -22.69 24.34
N PRO D 35 22.17 -22.79 25.44
CA PRO D 35 21.68 -21.57 26.09
C PRO D 35 22.80 -20.76 26.71
N PHE D 36 22.72 -19.44 26.55
CA PHE D 36 23.63 -18.50 27.19
C PHE D 36 23.02 -17.11 27.12
N SER D 37 23.60 -16.18 27.88
CA SER D 37 23.07 -14.83 28.00
C SER D 37 24.19 -13.82 27.89
N LYS D 38 23.89 -12.67 27.28
CA LYS D 38 24.85 -11.59 27.09
C LYS D 38 24.17 -10.27 27.45
N LYS D 39 24.78 -9.51 28.36
CA LYS D 39 24.23 -8.25 28.84
C LYS D 39 25.02 -7.10 28.25
N THR D 40 24.31 -6.11 27.71
CA THR D 40 24.93 -5.03 26.93
C THR D 40 24.17 -3.74 27.19
N GLU D 41 24.75 -2.88 28.03
CA GLU D 41 24.25 -1.53 28.26
C GLU D 41 22.77 -1.54 28.62
N GLN D 42 22.43 -2.38 29.61
CA GLN D 42 21.09 -2.60 30.14
C GLN D 42 20.17 -3.37 29.19
N THR D 43 20.71 -3.98 28.13
CA THR D 43 19.97 -4.95 27.34
C THR D 43 20.42 -6.35 27.73
N GLU D 44 19.46 -7.27 27.79
CA GLU D 44 19.71 -8.67 28.12
C GLU D 44 19.27 -9.52 26.93
N LEU D 45 20.21 -10.26 26.35
CA LEU D 45 19.95 -11.10 25.19
C LEU D 45 20.04 -12.56 25.63
N GLN D 46 18.91 -13.25 25.60
CA GLN D 46 18.85 -14.67 25.93
C GLN D 46 18.79 -15.48 24.65
N PHE D 47 19.69 -16.45 24.53
CA PHE D 47 19.78 -17.30 23.35
C PHE D 47 19.35 -18.73 23.69
N LEU D 48 18.40 -19.26 22.93
CA LEU D 48 17.96 -20.64 23.06
C LEU D 48 17.85 -21.26 21.69
N ASN D 49 18.00 -22.57 21.63
CA ASN D 49 17.67 -23.28 20.40
C ASN D 49 16.21 -23.70 20.42
N PRO D 50 15.61 -23.97 19.25
CA PRO D 50 14.19 -24.34 19.23
C PRO D 50 13.85 -25.54 20.09
N GLU D 51 14.76 -26.52 20.18
CA GLU D 51 14.47 -27.72 20.96
C GLU D 51 14.42 -27.41 22.45
N GLU D 52 15.34 -26.58 22.94
CA GLU D 52 15.32 -26.20 24.35
C GLU D 52 14.07 -25.39 24.67
N LEU D 53 13.65 -24.52 23.74
CA LEU D 53 12.46 -23.72 23.97
C LEU D 53 11.22 -24.60 24.10
N LEU D 54 11.04 -25.55 23.19
CA LEU D 54 9.86 -26.40 23.23
C LEU D 54 9.91 -27.36 24.41
N ARG D 55 11.11 -27.73 24.87
CA ARG D 55 11.22 -28.60 26.04
C ARG D 55 10.74 -27.89 27.29
N SER D 56 11.06 -26.61 27.44
CA SER D 56 10.65 -25.87 28.63
C SER D 56 9.14 -25.76 28.71
N ALA D 57 8.46 -25.77 27.56
CA ALA D 57 7.01 -25.77 27.56
C ALA D 57 6.44 -27.11 27.98
N SER D 58 6.99 -28.21 27.42
CA SER D 58 6.53 -29.54 27.79
C SER D 58 6.77 -29.84 29.25
N ASP D 59 7.86 -29.31 29.83
CA ASP D 59 8.16 -29.48 31.24
C ASP D 59 7.48 -28.46 32.13
N GLY D 60 6.77 -27.48 31.54
CA GLY D 60 6.08 -26.49 32.33
C GLY D 60 6.99 -25.60 33.15
N ASP D 61 8.14 -25.23 32.59
CA ASP D 61 9.05 -24.33 33.30
C ASP D 61 8.35 -23.02 33.63
N LEU D 62 8.59 -22.52 34.85
CA LEU D 62 7.98 -21.26 35.26
C LEU D 62 8.37 -20.12 34.32
N PHE D 63 9.60 -20.16 33.80
CA PHE D 63 10.01 -19.15 32.84
C PHE D 63 9.24 -19.28 31.53
N ALA D 64 8.92 -20.50 31.13
CA ALA D 64 8.14 -20.70 29.91
C ALA D 64 6.72 -20.17 30.06
N ILE D 65 6.14 -20.31 31.26
CA ILE D 65 4.82 -19.73 31.51
C ILE D 65 4.86 -18.22 31.30
N HIS D 66 5.93 -17.57 31.73
CA HIS D 66 6.06 -16.13 31.55
C HIS D 66 6.11 -15.75 30.08
N LEU D 67 6.92 -16.48 29.29
CA LEU D 67 6.99 -16.18 27.86
C LEU D 67 5.64 -16.37 27.20
N ALA D 68 4.87 -17.36 27.65
CA ALA D 68 3.59 -17.68 27.00
C ALA D 68 2.52 -16.64 27.34
N PHE D 69 2.47 -16.19 28.59
CA PHE D 69 1.40 -15.31 29.02
C PHE D 69 1.75 -13.83 28.96
N GLU D 70 3.03 -13.48 28.84
CA GLU D 70 3.42 -12.08 28.79
C GLU D 70 4.37 -11.72 27.65
N GLY D 71 5.00 -12.69 27.00
CA GLY D 71 5.93 -12.37 25.93
C GLY D 71 5.24 -11.77 24.72
N LYS D 72 5.94 -10.85 24.06
CA LYS D 72 5.48 -10.22 22.83
C LYS D 72 6.47 -10.56 21.73
N ILE D 73 5.96 -11.13 20.64
CA ILE D 73 6.81 -11.55 19.53
C ILE D 73 7.22 -10.33 18.73
N ILE D 74 8.52 -10.17 18.51
CA ILE D 74 9.02 -9.14 17.60
C ILE D 74 9.02 -9.64 16.17
N PHE D 75 9.56 -10.83 15.93
CA PHE D 75 9.38 -11.53 14.66
C PHE D 75 9.55 -13.02 14.92
N ASP D 76 8.99 -13.83 14.00
CA ASP D 76 9.04 -15.28 14.14
C ASP D 76 8.88 -15.87 12.74
N THR D 77 10.01 -16.22 12.12
CA THR D 77 10.01 -16.71 10.75
C THR D 77 9.81 -18.22 10.65
N THR D 78 9.83 -18.94 11.77
CA THR D 78 9.64 -20.38 11.77
C THR D 78 8.41 -20.83 12.54
N GLY D 79 7.64 -19.91 13.10
CA GLY D 79 6.51 -20.31 13.92
C GLY D 79 6.89 -21.06 15.17
N VAL D 80 8.14 -20.92 15.63
CA VAL D 80 8.60 -21.70 16.76
C VAL D 80 7.84 -21.31 18.03
N PHE D 81 7.43 -20.04 18.15
CA PHE D 81 6.63 -19.64 19.30
C PHE D 81 5.21 -20.20 19.23
N THR D 82 4.75 -20.59 18.06
CA THR D 82 3.45 -21.25 17.95
C THR D 82 3.53 -22.69 18.44
N ARG D 83 4.55 -23.43 18.00
CA ARG D 83 4.78 -24.75 18.55
C ARG D 83 5.14 -24.69 20.02
N PHE D 84 5.74 -23.58 20.47
CA PHE D 84 6.02 -23.40 21.89
C PHE D 84 4.74 -23.42 22.70
N LYS D 85 3.74 -22.63 22.30
CA LYS D 85 2.51 -22.55 23.07
C LYS D 85 1.66 -23.81 22.95
N GLU D 86 1.76 -24.51 21.80
CA GLU D 86 1.02 -25.76 21.65
C GLU D 86 1.54 -26.83 22.60
N ARG D 87 2.82 -26.76 22.97
CA ARG D 87 3.45 -27.78 23.80
C ARG D 87 3.38 -27.47 25.29
N LEU D 88 2.89 -26.29 25.68
CA LEU D 88 2.92 -25.90 27.08
C LEU D 88 2.00 -26.79 27.91
N VAL D 89 2.51 -27.26 29.04
CA VAL D 89 1.75 -28.07 29.98
C VAL D 89 2.04 -27.52 31.37
N ILE D 90 1.06 -26.88 31.99
CA ILE D 90 1.21 -26.35 33.34
C ILE D 90 0.96 -27.47 34.33
N ARG D 91 1.92 -27.68 35.22
CA ARG D 91 1.82 -28.75 36.20
C ARG D 91 1.02 -28.30 37.42
N LYS D 92 0.38 -29.27 38.07
CA LYS D 92 -0.39 -28.98 39.28
C LYS D 92 0.50 -28.79 40.49
N ASP D 93 1.74 -29.28 40.45
CA ASP D 93 2.66 -29.18 41.57
C ASP D 93 3.99 -28.64 41.10
N TYR D 94 4.51 -27.65 41.83
CA TYR D 94 5.85 -27.11 41.60
C TYR D 94 6.70 -27.21 42.86
N GLY D 95 6.46 -28.25 43.67
CA GLY D 95 7.23 -28.42 44.89
C GLY D 95 8.70 -28.65 44.64
N ARG D 96 9.05 -29.21 43.48
CA ARG D 96 10.45 -29.41 43.13
C ARG D 96 11.16 -28.06 42.99
N GLU D 97 10.57 -27.15 42.21
CA GLU D 97 11.16 -25.82 42.05
C GLU D 97 11.15 -25.05 43.36
N ILE D 98 10.09 -25.20 44.14
CA ILE D 98 10.03 -24.56 45.46
C ILE D 98 11.13 -25.10 46.36
N LYS D 99 11.32 -26.43 46.35
CA LYS D 99 12.35 -27.03 47.20
C LYS D 99 13.75 -26.60 46.77
N TRP D 100 13.98 -26.50 45.46
CA TRP D 100 15.26 -25.98 44.97
C TRP D 100 15.51 -24.57 45.47
N GLY D 101 14.49 -23.72 45.44
CA GLY D 101 14.66 -22.35 45.92
C GLY D 101 14.85 -22.27 47.42
N ASN D 102 14.16 -23.14 48.18
CA ASN D 102 14.32 -23.15 49.63
C ASN D 102 15.73 -23.59 50.02
N ASP D 103 16.23 -24.67 49.40
CA ASP D 103 17.54 -25.19 49.77
C ASP D 103 18.65 -24.19 49.47
N LEU D 104 18.59 -23.53 48.31
CA LEU D 104 19.61 -22.55 47.97
C LEU D 104 19.52 -21.34 48.89
N ALA D 105 18.32 -20.95 49.29
CA ALA D 105 18.17 -19.83 50.22
C ALA D 105 18.84 -20.12 51.55
N TRP D 106 18.73 -21.36 52.03
CA TRP D 106 19.37 -21.72 53.29
C TRP D 106 20.88 -21.71 53.17
N TYR D 107 21.41 -22.13 52.01
CA TYR D 107 22.86 -22.11 51.84
C TYR D 107 23.40 -20.69 51.81
N LEU D 108 22.72 -19.79 51.10
CA LEU D 108 23.12 -18.39 51.10
C LEU D 108 23.04 -17.81 52.50
N LEU D 109 21.99 -18.14 53.26
CA LEU D 109 21.86 -17.66 54.62
C LEU D 109 22.99 -18.18 55.50
N ASP D 110 23.40 -19.43 55.30
CA ASP D 110 24.39 -20.04 56.16
C ASP D 110 25.82 -19.67 55.76
N PHE D 111 26.07 -19.39 54.49
CA PHE D 111 27.43 -19.14 54.02
C PHE D 111 27.61 -17.93 53.13
N GLY D 112 26.55 -17.38 52.53
CA GLY D 112 26.73 -16.35 51.52
C GLY D 112 26.73 -14.92 52.01
N MET D 113 26.35 -14.67 53.26
CA MET D 113 26.21 -13.29 53.71
C MET D 113 27.54 -12.58 53.94
N ASN D 114 28.66 -13.30 53.88
CA ASN D 114 29.97 -12.68 53.97
C ASN D 114 30.87 -13.09 52.80
N ALA D 115 30.28 -13.57 51.71
CA ALA D 115 31.05 -13.97 50.55
C ALA D 115 31.58 -12.76 49.81
N GLU D 116 32.64 -12.97 49.04
CA GLU D 116 33.24 -11.88 48.27
C GLU D 116 32.29 -11.40 47.17
N ASN D 117 31.74 -12.34 46.40
CA ASN D 117 30.87 -12.00 45.27
C ASN D 117 29.48 -11.62 45.78
N THR D 118 29.42 -10.42 46.41
CA THR D 118 28.17 -9.94 46.97
C THR D 118 27.09 -9.79 45.91
N THR D 119 27.48 -9.36 44.71
CA THR D 119 26.50 -9.19 43.64
C THR D 119 25.85 -10.52 43.27
N LEU D 120 26.65 -11.58 43.15
CA LEU D 120 26.08 -12.89 42.85
C LEU D 120 25.16 -13.36 43.95
N VAL D 121 25.52 -13.10 45.21
CA VAL D 121 24.66 -13.51 46.33
C VAL D 121 23.34 -12.76 46.28
N ASN D 122 23.39 -11.45 46.00
CA ASN D 122 22.16 -10.67 45.96
C ASN D 122 21.27 -11.10 44.79
N LYS D 123 21.86 -11.44 43.65
CA LYS D 123 21.07 -11.90 42.51
C LYS D 123 20.33 -13.19 42.85
N ARG D 124 21.03 -14.16 43.44
CA ARG D 124 20.43 -15.45 43.70
C ARG D 124 19.51 -15.46 44.91
N ILE D 125 19.71 -14.54 45.86
CA ILE D 125 18.72 -14.36 46.92
C ILE D 125 17.38 -13.97 46.31
N ALA D 126 17.41 -13.00 45.40
CA ALA D 126 16.19 -12.60 44.70
C ALA D 126 15.63 -13.73 43.84
N TRP D 127 16.51 -14.55 43.27
CA TRP D 127 16.04 -15.69 42.49
C TRP D 127 15.28 -16.69 43.37
N CYS D 128 15.79 -16.96 44.56
CA CYS D 128 15.13 -17.89 45.48
C CYS D 128 13.73 -17.40 45.82
N VAL D 129 13.61 -16.15 46.25
CA VAL D 129 12.31 -15.63 46.67
C VAL D 129 11.36 -15.50 45.48
N ARG D 130 11.88 -15.07 44.33
CA ARG D 130 11.04 -14.95 43.14
C ARG D 130 10.53 -16.32 42.69
N THR D 131 11.43 -17.31 42.62
CA THR D 131 11.01 -18.65 42.22
C THR D 131 9.92 -19.19 43.11
N ILE D 132 10.08 -19.04 44.44
CA ILE D 132 9.09 -19.54 45.38
C ILE D 132 7.77 -18.80 45.21
N ALA D 133 7.83 -17.47 45.06
CA ALA D 133 6.61 -16.69 44.90
C ALA D 133 5.89 -17.04 43.61
N ILE D 134 6.64 -17.14 42.50
CA ILE D 134 6.02 -17.48 41.22
C ILE D 134 5.37 -18.85 41.29
N ALA D 135 6.12 -19.85 41.76
CA ALA D 135 5.62 -21.22 41.78
C ALA D 135 4.37 -21.34 42.64
N ARG D 136 4.39 -20.75 43.84
CA ARG D 136 3.21 -20.82 44.71
C ARG D 136 2.00 -20.19 44.04
N LEU D 137 2.18 -19.05 43.36
CA LEU D 137 1.06 -18.41 42.69
C LEU D 137 0.60 -19.20 41.48
N VAL D 138 1.51 -19.87 40.79
CA VAL D 138 1.11 -20.77 39.71
C VAL D 138 0.29 -21.94 40.25
N GLU D 139 0.71 -22.50 41.39
CA GLU D 139 -0.04 -23.59 42.00
C GLU D 139 -1.46 -23.18 42.36
N SER D 140 -1.67 -21.90 42.65
CA SER D 140 -3.00 -21.39 42.99
C SER D 140 -3.77 -20.88 41.77
N GLY D 141 -3.28 -21.15 40.56
CA GLY D 141 -3.99 -20.80 39.35
C GLY D 141 -3.76 -19.39 38.84
N LYS D 142 -2.78 -18.68 39.38
CA LYS D 142 -2.49 -17.31 38.97
C LYS D 142 -1.17 -17.26 38.22
N ILE D 143 -1.04 -16.26 37.35
CA ILE D 143 0.14 -16.11 36.50
C ILE D 143 0.79 -14.77 36.79
N ILE D 144 1.59 -14.70 37.85
CA ILE D 144 2.17 -13.46 38.34
C ILE D 144 3.69 -13.51 38.14
N PHE D 145 4.26 -12.42 37.65
CA PHE D 145 5.71 -12.37 37.43
C PHE D 145 6.37 -11.05 37.76
N SER D 146 5.63 -9.94 37.84
CA SER D 146 6.28 -8.66 38.12
C SER D 146 6.61 -8.54 39.60
N PRO D 147 7.70 -7.84 39.94
CA PRO D 147 8.09 -7.75 41.36
C PRO D 147 7.03 -7.17 42.26
N ARG D 148 6.32 -6.12 41.81
CA ARG D 148 5.31 -5.50 42.66
C ARG D 148 4.13 -6.44 42.89
N ALA D 149 3.64 -7.09 41.84
CA ALA D 149 2.51 -8.00 42.00
C ALA D 149 2.91 -9.25 42.79
N LEU D 150 4.17 -9.68 42.70
CA LEU D 150 4.61 -10.83 43.50
C LEU D 150 4.56 -10.51 44.98
N ALA D 151 4.95 -9.30 45.37
CA ALA D 151 4.89 -8.93 46.79
C ALA D 151 3.45 -8.77 47.25
N LYS D 152 2.55 -8.35 46.36
CA LYS D 152 1.15 -8.19 46.73
C LYS D 152 0.43 -9.52 46.79
N GLU D 153 0.62 -10.38 45.79
CA GLU D 153 -0.11 -11.63 45.72
C GLU D 153 0.51 -12.74 46.58
N PHE D 154 1.80 -12.62 46.93
CA PHE D 154 2.47 -13.54 47.85
C PHE D 154 2.92 -12.74 49.07
N PRO D 155 1.99 -12.40 49.97
CA PRO D 155 2.31 -11.49 51.09
C PRO D 155 3.04 -12.19 52.23
N ARG D 156 4.31 -12.49 51.98
CA ARG D 156 5.20 -13.04 52.99
C ARG D 156 6.21 -11.98 53.40
N LYS D 157 6.92 -12.25 54.50
CA LYS D 157 7.81 -11.26 55.08
C LYS D 157 8.95 -10.93 54.12
N HIS D 158 9.11 -9.63 53.85
CA HIS D 158 10.25 -9.07 53.14
C HIS D 158 10.35 -9.55 51.70
N VAL D 159 9.24 -9.98 51.10
CA VAL D 159 9.29 -10.41 49.70
C VAL D 159 9.77 -9.26 48.81
N SER D 160 9.24 -8.06 49.03
CA SER D 160 9.64 -6.92 48.20
C SER D 160 11.10 -6.56 48.40
N ASP D 161 11.56 -6.55 49.65
CA ASP D 161 12.95 -6.17 49.92
C ASP D 161 13.94 -7.17 49.33
N LEU D 162 13.64 -8.45 49.45
CA LEU D 162 14.60 -9.47 49.01
C LEU D 162 14.70 -9.53 47.49
N ILE D 163 13.57 -9.38 46.79
CA ILE D 163 13.62 -9.34 45.33
C ILE D 163 14.32 -8.07 44.87
N GLY D 164 14.18 -6.97 45.62
CA GLY D 164 14.87 -5.73 45.30
C GLY D 164 16.38 -5.85 45.33
N LEU D 165 16.92 -6.89 45.95
CA LEU D 165 18.37 -7.12 45.94
C LEU D 165 18.87 -7.65 44.60
N ALA D 166 17.99 -7.82 43.60
CA ALA D 166 18.38 -8.50 42.37
C ALA D 166 19.59 -7.83 41.71
N ARG D 167 19.61 -6.50 41.67
CA ARG D 167 20.70 -5.76 41.03
C ARG D 167 21.40 -4.86 42.04
N SER D 168 21.56 -5.35 43.27
CA SER D 168 22.10 -4.56 44.36
C SER D 168 23.47 -5.07 44.77
N ASP D 169 24.32 -4.15 45.23
CA ASP D 169 25.61 -4.48 45.81
C ASP D 169 25.61 -4.31 47.33
N GLU D 170 24.42 -4.32 47.95
CA GLU D 170 24.32 -4.17 49.39
C GLU D 170 24.94 -5.36 50.10
N ASP D 171 25.77 -5.08 51.10
CA ASP D 171 26.40 -6.11 51.90
C ASP D 171 25.91 -6.12 53.35
N SER D 172 24.94 -5.28 53.68
CA SER D 172 24.49 -5.14 55.06
C SER D 172 23.93 -6.47 55.58
N GLN D 173 24.16 -6.71 56.87
CA GLN D 173 23.61 -7.90 57.51
C GLN D 173 22.10 -7.85 57.63
N THR D 174 21.48 -6.69 57.38
CA THR D 174 20.02 -6.63 57.33
C THR D 174 19.46 -7.54 56.24
N ARG D 175 20.26 -7.87 55.23
CA ARG D 175 19.84 -8.86 54.25
C ARG D 175 19.65 -10.22 54.89
N LYS D 176 20.55 -10.60 55.80
CA LYS D 176 20.46 -11.91 56.44
C LYS D 176 19.24 -12.01 57.34
N ARG D 177 18.96 -10.95 58.11
CA ARG D 177 17.79 -10.97 58.99
C ARG D 177 16.49 -11.01 58.19
N ARG D 178 16.47 -10.39 57.01
CA ARG D 178 15.26 -10.40 56.19
C ARG D 178 15.03 -11.74 55.51
N LEU D 179 16.11 -12.39 55.04
CA LEU D 179 15.96 -13.70 54.43
C LEU D 179 15.49 -14.73 55.46
N ALA D 180 15.95 -14.60 56.70
CA ALA D 180 15.49 -15.51 57.75
C ALA D 180 14.01 -15.31 58.04
N GLY D 181 13.58 -14.04 58.15
CA GLY D 181 12.18 -13.77 58.41
C GLY D 181 11.29 -14.28 57.29
N PHE D 182 11.77 -14.22 56.05
CA PHE D 182 11.01 -14.76 54.93
C PHE D 182 10.91 -16.28 55.03
N LEU D 183 12.03 -16.96 55.28
CA LEU D 183 12.01 -18.40 55.41
C LEU D 183 11.11 -18.84 56.56
N ASP D 184 11.02 -18.03 57.62
CA ASP D 184 10.15 -18.38 58.74
C ASP D 184 8.68 -18.21 58.39
N SER D 185 8.37 -17.29 57.48
CA SER D 185 6.98 -17.00 57.15
C SER D 185 6.37 -18.02 56.19
N ILE D 186 7.20 -18.77 55.46
CA ILE D 186 6.70 -19.83 54.59
C ILE D 186 6.79 -21.20 55.25
N ASP D 187 7.04 -21.25 56.56
CA ASP D 187 7.20 -22.50 57.30
C ASP D 187 8.29 -23.38 56.69
N SER D 188 9.36 -22.73 56.24
CA SER D 188 10.47 -23.46 55.64
C SER D 188 11.30 -24.15 56.71
N SER D 189 11.98 -25.21 56.30
CA SER D 189 12.88 -25.95 57.18
C SER D 189 14.18 -26.21 56.45
N ARG D 190 15.30 -25.96 57.13
CA ARG D 190 16.60 -26.19 56.53
C ARG D 190 16.79 -27.68 56.25
N PRO D 191 17.31 -28.05 55.09
CA PRO D 191 17.61 -29.47 54.83
C PRO D 191 18.70 -29.97 55.75
N SER D 192 18.71 -31.28 55.97
CA SER D 192 19.64 -31.93 56.88
C SER D 192 21.04 -31.92 56.27
N VAL D 193 21.71 -30.78 56.37
CA VAL D 193 23.06 -30.61 55.86
C VAL D 193 23.91 -29.92 56.93
N SER D 194 25.18 -30.31 57.00
CA SER D 194 26.08 -29.81 58.05
C SER D 194 26.93 -28.65 57.56
N SER D 195 27.73 -28.85 56.52
CA SER D 195 28.70 -27.87 56.07
C SER D 195 28.48 -27.54 54.59
N GLU D 196 29.47 -26.87 54.02
CA GLU D 196 29.39 -26.44 52.63
C GLU D 196 29.49 -27.64 51.68
N GLN D 197 30.29 -28.64 52.05
CA GLN D 197 30.39 -29.84 51.22
C GLN D 197 29.10 -30.65 51.24
N GLU D 198 28.39 -30.66 52.38
CA GLU D 198 27.11 -31.36 52.43
C GLU D 198 26.06 -30.62 51.60
N TYR D 199 26.17 -29.30 51.49
CA TYR D 199 25.31 -28.57 50.56
C TYR D 199 25.60 -28.96 49.12
N VAL D 200 26.88 -29.17 48.78
CA VAL D 200 27.23 -29.63 47.43
C VAL D 200 26.60 -30.99 47.16
N SER D 201 26.85 -31.94 48.06
CA SER D 201 26.29 -33.28 47.87
C SER D 201 24.77 -33.27 47.87
N HIS D 202 24.15 -32.36 48.63
CA HIS D 202 22.69 -32.26 48.65
C HIS D 202 22.17 -31.71 47.33
N PHE D 203 22.79 -30.66 46.81
CA PHE D 203 22.35 -30.08 45.54
C PHE D 203 22.51 -31.07 44.40
N GLU D 204 23.62 -31.81 44.39
CA GLU D 204 23.81 -32.84 43.36
C GLU D 204 22.77 -33.95 43.50
N ARG D 205 22.52 -34.39 44.74
CA ARG D 205 21.55 -35.46 44.96
C ARG D 205 20.14 -35.01 44.58
N THR D 206 19.79 -33.77 44.90
CA THR D 206 18.48 -33.23 44.59
C THR D 206 18.41 -32.58 43.22
N GLU D 207 19.49 -32.69 42.42
CA GLU D 207 19.52 -32.17 41.06
C GLU D 207 19.25 -30.67 41.01
N ASN D 208 19.75 -29.94 42.01
CA ASN D 208 19.57 -28.49 42.10
C ASN D 208 20.66 -27.82 41.26
N ARG D 209 20.39 -27.64 39.97
CA ARG D 209 21.37 -27.07 39.07
C ARG D 209 21.72 -25.64 39.46
N VAL D 210 20.72 -24.85 39.86
CA VAL D 210 20.97 -23.46 40.21
C VAL D 210 21.78 -23.37 41.50
N GLY D 211 21.56 -24.30 42.44
CA GLY D 211 22.36 -24.30 43.65
C GLY D 211 23.83 -24.59 43.39
N LEU D 212 24.11 -25.59 42.55
CA LEU D 212 25.48 -25.90 42.21
C LEU D 212 26.14 -24.75 41.47
N GLN D 213 25.42 -24.14 40.51
CA GLN D 213 25.95 -23.00 39.77
C GLN D 213 26.31 -21.86 40.71
N THR D 214 25.44 -21.56 41.66
CA THR D 214 25.68 -20.43 42.56
C THR D 214 26.85 -20.71 43.51
N LEU D 215 26.90 -21.93 44.07
CA LEU D 215 27.92 -22.24 45.07
C LEU D 215 29.33 -22.09 44.51
N HIS D 216 29.60 -22.76 43.39
CA HIS D 216 30.91 -22.63 42.76
C HIS D 216 31.13 -21.24 42.17
N GLY D 217 30.06 -20.49 41.91
CA GLY D 217 30.21 -19.15 41.36
C GLY D 217 30.90 -18.19 42.32
N LEU D 218 30.69 -18.37 43.62
CA LEU D 218 31.35 -17.51 44.59
C LEU D 218 32.84 -17.78 44.65
N LYS D 219 33.26 -19.00 44.33
CA LYS D 219 34.67 -19.38 44.40
C LYS D 219 35.26 -19.54 43.02
N SER E 3 0.06 35.96 -46.83
CA SER E 3 -1.31 35.95 -46.30
C SER E 3 -1.59 34.66 -45.54
N ILE E 4 -2.20 34.80 -44.37
CA ILE E 4 -2.51 33.68 -43.50
C ILE E 4 -3.88 33.14 -43.89
N GLU E 5 -3.93 31.90 -44.38
CA GLU E 5 -5.17 31.33 -44.89
C GLU E 5 -5.89 30.44 -43.88
N ALA E 6 -5.23 30.07 -42.78
CA ALA E 6 -5.87 29.24 -41.77
C ALA E 6 -5.13 29.40 -40.45
N LEU E 7 -5.87 29.29 -39.35
CA LEU E 7 -5.32 29.48 -38.02
C LEU E 7 -5.88 28.41 -37.09
N MET E 8 -5.00 27.79 -36.30
CA MET E 8 -5.38 26.68 -35.43
C MET E 8 -4.82 26.89 -34.03
N LEU E 9 -5.64 26.63 -33.03
CA LEU E 9 -5.20 26.57 -31.64
C LEU E 9 -4.84 25.14 -31.30
N PHE E 10 -3.65 24.94 -30.73
CA PHE E 10 -3.24 23.61 -30.29
C PHE E 10 -2.64 23.72 -28.90
N GLY E 11 -2.03 22.64 -28.43
CA GLY E 11 -1.44 22.62 -27.11
C GLY E 11 -2.49 22.54 -26.02
N SER E 12 -2.05 22.85 -24.79
CA SER E 12 -2.90 22.68 -23.62
C SER E 12 -4.13 23.58 -23.67
N ALA E 13 -4.05 24.74 -24.32
CA ALA E 13 -5.22 25.60 -24.42
C ALA E 13 -6.33 24.94 -25.23
N ALA E 14 -5.96 24.15 -26.25
CA ALA E 14 -6.97 23.43 -27.02
C ALA E 14 -7.59 22.29 -26.23
N ARG E 15 -6.93 21.81 -25.17
CA ARG E 15 -7.52 20.82 -24.29
C ARG E 15 -8.29 21.45 -23.12
N GLY E 16 -8.13 22.74 -22.90
CA GLY E 16 -8.68 23.36 -21.71
C GLY E 16 -7.93 23.00 -20.44
N GLU E 17 -6.61 22.84 -20.53
CA GLU E 17 -5.79 22.43 -19.39
C GLU E 17 -4.67 23.41 -19.08
N SER E 18 -4.73 24.63 -19.62
CA SER E 18 -3.67 25.59 -19.38
C SER E 18 -3.55 25.93 -17.89
N ASP E 19 -2.30 25.95 -17.40
CA ASP E 19 -2.06 26.36 -16.02
C ASP E 19 -1.32 27.69 -15.96
N LYS E 20 -0.70 27.98 -14.81
CA LYS E 20 -0.08 29.28 -14.60
C LYS E 20 1.04 29.53 -15.60
N ASN E 21 1.94 28.56 -15.76
CA ASN E 21 3.12 28.73 -16.59
C ASN E 21 2.93 28.28 -18.04
N SER E 22 1.70 27.98 -18.44
CA SER E 22 1.44 27.55 -19.81
C SER E 22 1.62 28.70 -20.79
N ASP E 23 1.85 28.34 -22.05
CA ASP E 23 1.85 29.29 -23.16
C ASP E 23 0.56 29.13 -23.96
N VAL E 24 0.42 29.94 -25.01
CA VAL E 24 -0.69 29.82 -25.95
C VAL E 24 -0.13 29.43 -27.30
N ASP E 25 -0.50 28.25 -27.78
CA ASP E 25 0.07 27.66 -28.99
C ASP E 25 -0.84 27.95 -30.18
N LEU E 26 -0.32 28.68 -31.17
CA LEU E 26 -1.07 29.07 -32.35
C LEU E 26 -0.31 28.65 -33.61
N LEU E 27 -1.01 27.99 -34.53
CA LEU E 27 -0.45 27.56 -35.80
C LEU E 27 -1.09 28.36 -36.93
N ALA E 28 -0.25 29.00 -37.75
CA ALA E 28 -0.71 29.87 -38.82
C ALA E 28 -0.18 29.33 -40.15
N VAL E 29 -1.09 28.96 -41.04
CA VAL E 29 -0.74 28.43 -42.36
C VAL E 29 -0.62 29.62 -43.31
N THR E 30 0.61 29.92 -43.74
CA THR E 30 0.90 31.09 -44.56
C THR E 30 1.52 30.66 -45.88
N SER E 31 1.16 31.35 -46.96
CA SER E 31 1.63 30.99 -48.29
C SER E 31 3.09 31.41 -48.47
N GLY E 32 3.90 30.46 -48.93
CA GLY E 32 5.28 30.74 -49.32
C GLY E 32 6.19 31.17 -48.19
N VAL E 33 6.20 30.42 -47.10
CA VAL E 33 7.08 30.69 -45.97
C VAL E 33 7.75 29.38 -45.56
N ARG E 34 9.03 29.47 -45.21
CA ARG E 34 9.67 28.32 -44.61
C ARG E 34 9.37 28.27 -43.11
N PRO E 35 9.38 27.09 -42.50
CA PRO E 35 8.90 26.97 -41.12
C PRO E 35 9.73 27.80 -40.14
N PHE E 36 9.03 28.62 -39.35
CA PHE E 36 9.66 29.36 -38.27
C PHE E 36 8.59 29.67 -37.23
N SER E 37 9.05 30.03 -36.03
CA SER E 37 8.16 30.30 -34.92
C SER E 37 8.56 31.60 -34.22
N LYS E 38 7.56 32.29 -33.70
CA LYS E 38 7.76 33.54 -32.97
C LYS E 38 7.09 33.43 -31.62
N LYS E 39 7.79 33.84 -30.56
CA LYS E 39 7.27 33.83 -29.20
C LYS E 39 7.23 35.27 -28.69
N THR E 40 6.05 35.73 -28.31
CA THR E 40 5.88 37.08 -27.77
C THR E 40 4.91 37.02 -26.60
N GLU E 41 5.43 37.25 -25.39
CA GLU E 41 4.63 37.44 -24.18
C GLU E 41 3.64 36.28 -23.98
N GLN E 42 4.20 35.09 -23.77
CA GLN E 42 3.48 33.86 -23.46
C GLN E 42 2.70 33.30 -24.64
N THR E 43 2.75 33.92 -25.81
CA THR E 43 2.19 33.34 -27.02
C THR E 43 3.29 32.70 -27.85
N GLU E 44 2.92 31.64 -28.55
CA GLU E 44 3.83 30.94 -29.47
C GLU E 44 3.14 30.83 -30.82
N LEU E 45 3.70 31.50 -31.83
CA LEU E 45 3.13 31.53 -33.17
C LEU E 45 3.97 30.66 -34.09
N GLN E 46 3.37 29.60 -34.60
CA GLN E 46 4.04 28.66 -35.51
C GLN E 46 3.55 28.94 -36.93
N PHE E 47 4.48 29.21 -37.84
CA PHE E 47 4.16 29.51 -39.23
C PHE E 47 4.60 28.36 -40.12
N LEU E 48 3.69 27.90 -40.97
CA LEU E 48 3.96 26.85 -41.95
C LEU E 48 3.34 27.22 -43.28
N ASN E 49 3.89 26.66 -44.35
CA ASN E 49 3.19 26.72 -45.62
C ASN E 49 2.35 25.46 -45.80
N PRO E 50 1.34 25.51 -46.68
CA PRO E 50 0.48 24.33 -46.85
C PRO E 50 1.24 23.07 -47.28
N GLU E 51 2.22 23.21 -48.18
CA GLU E 51 2.96 22.03 -48.64
C GLU E 51 3.68 21.35 -47.47
N GLU E 52 4.27 22.14 -46.58
CA GLU E 52 4.97 21.54 -45.44
C GLU E 52 3.99 20.91 -44.46
N LEU E 53 2.84 21.54 -44.24
CA LEU E 53 1.83 20.96 -43.37
C LEU E 53 1.36 19.61 -43.89
N LEU E 54 1.10 19.51 -45.20
CA LEU E 54 0.63 18.25 -45.76
C LEU E 54 1.71 17.17 -45.68
N ARG E 55 2.98 17.55 -45.87
CA ARG E 55 4.05 16.57 -45.79
C ARG E 55 4.14 15.96 -44.40
N SER E 56 3.93 16.77 -43.35
CA SER E 56 3.96 16.25 -41.99
C SER E 56 2.85 15.22 -41.77
N ALA E 57 1.69 15.42 -42.39
CA ALA E 57 0.63 14.43 -42.32
C ALA E 57 0.99 13.19 -43.12
N SER E 58 1.51 13.37 -44.34
CA SER E 58 1.88 12.22 -45.18
C SER E 58 2.96 11.38 -44.51
N ASP E 59 3.95 12.03 -43.90
CA ASP E 59 5.02 11.32 -43.20
C ASP E 59 4.61 10.85 -41.81
N GLY E 60 3.42 11.20 -41.35
CA GLY E 60 2.96 10.79 -40.03
C GLY E 60 3.73 11.40 -38.88
N ASP E 61 4.12 12.66 -38.99
CA ASP E 61 4.82 13.33 -37.91
C ASP E 61 3.99 13.30 -36.64
N LEU E 62 4.66 13.09 -35.50
CA LEU E 62 3.95 13.03 -34.23
C LEU E 62 3.23 14.34 -33.93
N PHE E 63 3.86 15.46 -34.28
CA PHE E 63 3.22 16.76 -34.09
C PHE E 63 1.98 16.90 -34.97
N ALA E 64 2.05 16.38 -36.19
CA ALA E 64 0.90 16.45 -37.10
C ALA E 64 -0.27 15.65 -36.53
N ILE E 65 0.01 14.53 -35.87
CA ILE E 65 -1.04 13.76 -35.22
C ILE E 65 -1.69 14.57 -34.12
N HIS E 66 -0.89 15.34 -33.38
CA HIS E 66 -1.43 16.20 -32.33
C HIS E 66 -2.36 17.26 -32.91
N LEU E 67 -1.97 17.86 -34.04
CA LEU E 67 -2.82 18.87 -34.66
C LEU E 67 -4.14 18.26 -35.11
N ALA E 68 -4.10 17.05 -35.67
CA ALA E 68 -5.31 16.42 -36.18
C ALA E 68 -6.21 15.94 -35.05
N PHE E 69 -5.62 15.54 -33.93
CA PHE E 69 -6.38 14.91 -32.86
C PHE E 69 -6.91 15.92 -31.84
N GLU E 70 -6.19 17.02 -31.61
CA GLU E 70 -6.55 17.97 -30.57
C GLU E 70 -6.63 19.42 -31.04
N GLY E 71 -6.14 19.74 -32.24
CA GLY E 71 -6.17 21.11 -32.69
C GLY E 71 -7.58 21.62 -32.90
N LYS E 72 -7.79 22.89 -32.59
CA LYS E 72 -9.08 23.55 -32.76
C LYS E 72 -8.94 24.63 -33.83
N ILE E 73 -9.62 24.44 -34.96
CA ILE E 73 -9.53 25.35 -36.08
C ILE E 73 -10.19 26.68 -35.70
N ILE E 74 -9.42 27.76 -35.76
CA ILE E 74 -9.98 29.08 -35.53
C ILE E 74 -10.62 29.62 -36.80
N PHE E 75 -9.95 29.47 -37.94
CA PHE E 75 -10.57 29.67 -39.24
C PHE E 75 -9.74 28.94 -40.29
N ASP E 76 -10.38 28.69 -41.44
CA ASP E 76 -9.72 27.99 -42.53
C ASP E 76 -10.44 28.41 -43.82
N THR E 77 -9.87 29.39 -44.52
CA THR E 77 -10.49 29.96 -45.72
C THR E 77 -10.31 29.08 -46.95
N THR E 78 -9.39 28.12 -46.92
CA THR E 78 -9.09 27.30 -48.08
C THR E 78 -9.41 25.82 -47.91
N GLY E 79 -9.79 25.38 -46.71
CA GLY E 79 -9.97 23.96 -46.48
C GLY E 79 -8.69 23.18 -46.36
N VAL E 80 -7.58 23.84 -46.04
CA VAL E 80 -6.29 23.17 -46.00
C VAL E 80 -6.23 22.16 -44.86
N PHE E 81 -6.92 22.44 -43.75
CA PHE E 81 -6.91 21.49 -42.63
C PHE E 81 -7.68 20.23 -42.97
N THR E 82 -8.68 20.32 -43.85
CA THR E 82 -9.36 19.12 -44.32
C THR E 82 -8.45 18.29 -45.22
N ARG E 83 -7.71 18.95 -46.12
CA ARG E 83 -6.73 18.23 -46.92
C ARG E 83 -5.57 17.74 -46.07
N PHE E 84 -5.25 18.46 -45.01
CA PHE E 84 -4.25 18.00 -44.05
C PHE E 84 -4.66 16.66 -43.44
N LYS E 85 -5.92 16.54 -43.05
CA LYS E 85 -6.39 15.31 -42.42
C LYS E 85 -6.56 14.17 -43.43
N GLU E 86 -6.84 14.50 -44.69
CA GLU E 86 -6.93 13.45 -45.70
C GLU E 86 -5.57 12.82 -46.00
N ARG E 87 -4.48 13.56 -45.77
CA ARG E 87 -3.14 13.06 -46.03
C ARG E 87 -2.53 12.30 -44.86
N LEU E 88 -3.10 12.42 -43.66
CA LEU E 88 -2.51 11.83 -42.47
C LEU E 88 -2.41 10.31 -42.61
N VAL E 89 -1.21 9.79 -42.44
CA VAL E 89 -0.96 8.35 -42.38
C VAL E 89 -0.25 8.09 -41.06
N ILE E 90 -0.99 7.56 -40.08
CA ILE E 90 -0.41 7.19 -38.81
C ILE E 90 0.38 5.90 -38.98
N ARG E 91 1.66 5.94 -38.65
CA ARG E 91 2.52 4.77 -38.82
C ARG E 91 2.39 3.81 -37.64
N LYS E 92 2.72 2.55 -37.90
CA LYS E 92 2.76 1.54 -36.86
C LYS E 92 4.14 1.43 -36.20
N ASP E 93 5.15 2.06 -36.77
CA ASP E 93 6.53 1.95 -36.28
C ASP E 93 7.12 3.35 -36.18
N TYR E 94 7.38 3.80 -34.96
CA TYR E 94 8.03 5.09 -34.71
C TYR E 94 9.41 4.89 -34.08
N GLY E 95 10.09 3.81 -34.48
CA GLY E 95 11.41 3.54 -33.95
C GLY E 95 12.41 4.65 -34.24
N ARG E 96 12.31 5.27 -35.43
CA ARG E 96 13.22 6.35 -35.77
C ARG E 96 13.06 7.52 -34.81
N GLU E 97 11.80 7.90 -34.51
CA GLU E 97 11.58 8.99 -33.56
C GLU E 97 12.01 8.60 -32.16
N ILE E 98 11.69 7.38 -31.73
CA ILE E 98 12.12 6.89 -30.42
C ILE E 98 13.63 6.95 -30.29
N LYS E 99 14.33 6.53 -31.36
CA LYS E 99 15.79 6.54 -31.33
C LYS E 99 16.36 7.94 -31.28
N TRP E 100 15.71 8.90 -31.95
CA TRP E 100 16.16 10.29 -31.91
C TRP E 100 16.12 10.83 -30.49
N GLY E 101 15.00 10.65 -29.81
CA GLY E 101 14.90 11.10 -28.43
C GLY E 101 15.82 10.32 -27.51
N ASN E 102 15.98 9.03 -27.78
CA ASN E 102 16.89 8.20 -26.99
C ASN E 102 18.33 8.70 -27.12
N ASP E 103 18.77 8.95 -28.35
CA ASP E 103 20.18 9.30 -28.57
C ASP E 103 20.49 10.71 -28.09
N LEU E 104 19.57 11.66 -28.29
CA LEU E 104 19.79 13.01 -27.77
C LEU E 104 19.79 13.03 -26.26
N ALA E 105 18.97 12.19 -25.61
CA ALA E 105 18.99 12.11 -24.15
C ALA E 105 20.38 11.72 -23.65
N TRP E 106 21.04 10.79 -24.33
CA TRP E 106 22.37 10.38 -23.92
C TRP E 106 23.39 11.49 -24.14
N TYR E 107 23.25 12.25 -25.23
CA TYR E 107 24.14 13.38 -25.45
C TYR E 107 23.99 14.43 -24.35
N LEU E 108 22.75 14.77 -24.01
CA LEU E 108 22.54 15.72 -22.93
C LEU E 108 23.05 15.17 -21.60
N LEU E 109 22.94 13.86 -21.41
CA LEU E 109 23.49 13.23 -20.21
C LEU E 109 25.00 13.36 -20.17
N ASP E 110 25.66 13.18 -21.32
CA ASP E 110 27.11 13.16 -21.40
C ASP E 110 27.74 14.54 -21.50
N PHE E 111 27.04 15.52 -22.10
CA PHE E 111 27.68 16.81 -22.34
C PHE E 111 26.83 18.01 -21.99
N GLY E 112 25.56 17.86 -21.62
CA GLY E 112 24.71 19.02 -21.45
C GLY E 112 24.43 19.44 -20.04
N MET E 113 24.76 18.59 -19.06
CA MET E 113 24.36 18.87 -17.68
C MET E 113 25.14 20.00 -17.05
N ASN E 114 26.22 20.45 -17.69
CA ASN E 114 26.98 21.61 -17.21
C ASN E 114 27.14 22.67 -18.29
N ALA E 115 26.37 22.59 -19.37
CA ALA E 115 26.49 23.56 -20.45
C ALA E 115 25.98 24.93 -20.00
N GLU E 116 26.37 25.96 -20.75
CA GLU E 116 25.97 27.31 -20.40
C GLU E 116 24.50 27.56 -20.70
N ASN E 117 23.97 26.95 -21.75
CA ASN E 117 22.58 27.17 -22.16
C ASN E 117 21.66 26.21 -21.40
N THR E 118 21.53 26.50 -20.10
CA THR E 118 20.75 25.63 -19.21
C THR E 118 19.30 25.52 -19.66
N THR E 119 18.72 26.63 -20.13
CA THR E 119 17.33 26.61 -20.56
C THR E 119 17.11 25.69 -21.75
N LEU E 120 18.03 25.71 -22.72
CA LEU E 120 17.89 24.86 -23.89
C LEU E 120 18.06 23.39 -23.53
N VAL E 121 18.98 23.10 -22.61
CA VAL E 121 19.15 21.72 -22.14
C VAL E 121 17.85 21.19 -21.56
N ASN E 122 17.19 22.00 -20.73
CA ASN E 122 15.97 21.55 -20.05
C ASN E 122 14.81 21.37 -21.03
N LYS E 123 14.67 22.30 -21.99
CA LYS E 123 13.66 22.15 -23.02
C LYS E 123 13.85 20.84 -23.79
N ARG E 124 15.10 20.51 -24.12
CA ARG E 124 15.35 19.34 -24.96
C ARG E 124 15.40 18.04 -24.17
N ILE E 125 15.68 18.10 -22.86
CA ILE E 125 15.50 16.93 -22.02
C ILE E 125 14.02 16.53 -22.00
N ALA E 126 13.14 17.51 -21.76
CA ALA E 126 11.71 17.23 -21.81
C ALA E 126 11.28 16.76 -23.19
N TRP E 127 11.90 17.31 -24.25
CA TRP E 127 11.57 16.87 -25.60
C TRP E 127 11.87 15.39 -25.79
N CYS E 128 13.02 14.94 -25.29
CA CYS E 128 13.39 13.53 -25.44
C CYS E 128 12.38 12.61 -24.76
N VAL E 129 11.99 12.94 -23.53
CA VAL E 129 11.06 12.10 -22.80
C VAL E 129 9.68 12.17 -23.43
N ARG E 130 9.24 13.37 -23.81
CA ARG E 130 7.93 13.52 -24.46
C ARG E 130 7.89 12.75 -25.77
N THR E 131 8.94 12.87 -26.59
CA THR E 131 8.95 12.20 -27.89
C THR E 131 8.83 10.68 -27.73
N ILE E 132 9.60 10.12 -26.79
CA ILE E 132 9.56 8.68 -26.57
C ILE E 132 8.19 8.25 -26.05
N ALA E 133 7.64 9.00 -25.09
CA ALA E 133 6.33 8.63 -24.53
C ALA E 133 5.23 8.74 -25.58
N ILE E 134 5.23 9.84 -26.35
CA ILE E 134 4.23 10.00 -27.41
C ILE E 134 4.34 8.87 -28.42
N ALA E 135 5.56 8.55 -28.83
CA ALA E 135 5.75 7.57 -29.90
C ALA E 135 5.40 6.16 -29.45
N ARG E 136 5.80 5.78 -28.24
CA ARG E 136 5.46 4.45 -27.73
C ARG E 136 3.96 4.27 -27.60
N LEU E 137 3.26 5.34 -27.20
CA LEU E 137 1.81 5.24 -27.04
C LEU E 137 1.11 5.16 -28.39
N VAL E 138 1.58 5.91 -29.38
CA VAL E 138 1.01 5.81 -30.73
C VAL E 138 1.20 4.41 -31.28
N GLU E 139 2.36 3.81 -31.02
CA GLU E 139 2.63 2.45 -31.50
C GLU E 139 1.62 1.45 -30.92
N SER E 140 1.12 1.70 -29.72
CA SER E 140 0.15 0.82 -29.09
C SER E 140 -1.29 1.21 -29.39
N GLY E 141 -1.50 2.21 -30.25
CA GLY E 141 -2.84 2.57 -30.67
C GLY E 141 -3.51 3.68 -29.90
N LYS E 142 -2.76 4.46 -29.12
CA LYS E 142 -3.30 5.56 -28.35
C LYS E 142 -2.73 6.89 -28.84
N ILE E 143 -3.48 7.96 -28.66
CA ILE E 143 -3.07 9.30 -29.07
C ILE E 143 -3.04 10.16 -27.81
N ILE E 144 -1.85 10.34 -27.24
CA ILE E 144 -1.68 11.01 -25.96
C ILE E 144 -0.62 12.10 -26.12
N PHE E 145 -0.90 13.29 -25.56
CA PHE E 145 0.01 14.43 -25.70
C PHE E 145 0.15 15.30 -24.45
N SER E 146 -0.82 15.31 -23.54
CA SER E 146 -0.69 16.18 -22.37
C SER E 146 0.32 15.59 -21.39
N PRO E 147 1.06 16.45 -20.67
CA PRO E 147 2.04 15.95 -19.69
C PRO E 147 1.44 15.03 -18.64
N ARG E 148 0.24 15.33 -18.16
CA ARG E 148 -0.39 14.48 -17.15
C ARG E 148 -0.71 13.10 -17.72
N ALA E 149 -1.33 13.07 -18.90
CA ALA E 149 -1.71 11.78 -19.48
C ALA E 149 -0.48 11.00 -19.94
N LEU E 150 0.59 11.70 -20.34
CA LEU E 150 1.82 11.00 -20.72
C LEU E 150 2.44 10.28 -19.53
N ALA E 151 2.49 10.94 -18.37
CA ALA E 151 3.04 10.29 -17.18
C ALA E 151 2.16 9.16 -16.70
N LYS E 152 0.86 9.21 -17.02
CA LYS E 152 -0.09 8.19 -16.59
C LYS E 152 -0.06 6.98 -17.51
N GLU E 153 -0.13 7.22 -18.83
CA GLU E 153 -0.17 6.12 -19.80
C GLU E 153 1.21 5.55 -20.12
N PHE E 154 2.28 6.26 -19.78
CA PHE E 154 3.64 5.78 -19.99
C PHE E 154 4.40 5.92 -18.68
N PRO E 155 4.06 5.10 -17.68
CA PRO E 155 4.55 5.32 -16.30
C PRO E 155 5.99 4.84 -16.10
N ARG E 156 6.92 5.51 -16.75
CA ARG E 156 8.33 5.25 -16.53
C ARG E 156 8.87 6.21 -15.47
N LYS E 157 10.11 5.99 -15.07
CA LYS E 157 10.69 6.72 -13.94
C LYS E 157 10.89 8.19 -14.30
N HIS E 158 10.41 9.07 -13.43
CA HIS E 158 10.63 10.52 -13.51
C HIS E 158 10.08 11.13 -14.80
N VAL E 159 9.09 10.49 -15.43
CA VAL E 159 8.49 11.07 -16.63
C VAL E 159 7.93 12.45 -16.34
N SER E 160 7.14 12.57 -15.27
CA SER E 160 6.56 13.87 -14.93
C SER E 160 7.63 14.87 -14.52
N ASP E 161 8.66 14.41 -13.81
CA ASP E 161 9.73 15.31 -13.40
C ASP E 161 10.50 15.86 -14.60
N LEU E 162 10.80 15.00 -15.58
CA LEU E 162 11.63 15.40 -16.71
C LEU E 162 10.86 16.29 -17.68
N ILE E 163 9.62 15.93 -18.00
CA ILE E 163 8.79 16.80 -18.83
C ILE E 163 8.58 18.15 -18.15
N GLY E 164 8.50 18.16 -16.82
CA GLY E 164 8.34 19.39 -16.07
C GLY E 164 9.52 20.35 -16.15
N LEU E 165 10.64 19.91 -16.72
CA LEU E 165 11.79 20.79 -16.94
C LEU E 165 11.63 21.67 -18.16
N ALA E 166 10.54 21.51 -18.93
CA ALA E 166 10.46 22.09 -20.27
C ALA E 166 10.64 23.60 -20.27
N ARG E 167 10.25 24.30 -19.20
CA ARG E 167 10.43 25.74 -19.11
C ARG E 167 11.21 26.14 -17.87
N SER E 168 12.03 25.25 -17.32
CA SER E 168 12.75 25.50 -16.08
C SER E 168 14.20 25.89 -16.35
N ASP E 169 14.72 26.77 -15.50
CA ASP E 169 16.14 27.11 -15.49
C ASP E 169 16.90 26.37 -14.40
N GLU E 170 16.32 25.32 -13.85
CA GLU E 170 17.00 24.49 -12.86
C GLU E 170 18.28 23.91 -13.44
N ASP E 171 19.38 24.03 -12.70
CA ASP E 171 20.67 23.52 -13.13
C ASP E 171 21.20 22.41 -12.23
N SER E 172 20.41 21.95 -11.27
CA SER E 172 20.86 20.93 -10.34
C SER E 172 21.26 19.66 -11.08
N GLN E 173 22.28 18.97 -10.55
CA GLN E 173 22.67 17.69 -11.11
C GLN E 173 21.65 16.60 -10.84
N THR E 174 20.65 16.86 -9.99
CA THR E 174 19.55 15.92 -9.85
C THR E 174 18.82 15.70 -11.18
N ARG E 175 18.94 16.64 -12.12
CA ARG E 175 18.39 16.42 -13.46
C ARG E 175 19.09 15.26 -14.16
N LYS E 176 20.40 15.13 -13.95
CA LYS E 176 21.17 14.08 -14.61
C LYS E 176 20.82 12.71 -14.06
N ARG E 177 20.67 12.60 -12.74
CA ARG E 177 20.32 11.31 -12.14
C ARG E 177 18.92 10.88 -12.52
N ARG E 178 17.99 11.83 -12.66
CA ARG E 178 16.62 11.47 -13.03
C ARG E 178 16.55 11.00 -14.47
N LEU E 179 17.24 11.71 -15.38
CA LEU E 179 17.25 11.29 -16.79
C LEU E 179 17.90 9.92 -16.94
N ALA E 180 18.96 9.66 -16.17
CA ALA E 180 19.59 8.34 -16.22
C ALA E 180 18.66 7.27 -15.69
N GLY E 181 17.89 7.59 -14.64
CA GLY E 181 16.91 6.63 -14.16
C GLY E 181 15.81 6.36 -15.17
N PHE E 182 15.38 7.40 -15.88
CA PHE E 182 14.40 7.21 -16.95
C PHE E 182 14.93 6.29 -18.03
N LEU E 183 16.14 6.57 -18.54
CA LEU E 183 16.72 5.74 -19.58
C LEU E 183 16.87 4.29 -19.11
N ASP E 184 17.20 4.09 -17.83
CA ASP E 184 17.21 2.75 -17.27
C ASP E 184 15.83 2.09 -17.39
N SER E 185 14.77 2.84 -17.09
CA SER E 185 13.44 2.24 -17.01
C SER E 185 12.86 1.88 -18.37
N ILE E 186 13.37 2.46 -19.46
CA ILE E 186 12.96 2.09 -20.80
C ILE E 186 13.98 1.16 -21.46
N ASP E 187 14.94 0.63 -20.69
CA ASP E 187 15.96 -0.29 -21.19
C ASP E 187 16.74 0.34 -22.34
N SER E 188 17.20 1.58 -22.13
CA SER E 188 17.95 2.30 -23.13
C SER E 188 19.41 1.91 -23.12
N SER E 189 20.05 2.05 -24.28
CA SER E 189 21.49 1.85 -24.42
C SER E 189 22.07 3.04 -25.15
N ARG E 190 23.19 3.55 -24.66
CA ARG E 190 23.85 4.68 -25.32
C ARG E 190 24.28 4.26 -26.72
N PRO E 191 24.09 5.11 -27.73
CA PRO E 191 24.63 4.81 -29.05
C PRO E 191 26.14 4.63 -28.98
N SER E 192 26.69 3.94 -29.98
CA SER E 192 28.10 3.60 -29.99
C SER E 192 28.96 4.83 -30.29
N VAL E 193 28.97 5.78 -29.35
CA VAL E 193 29.73 7.01 -29.48
C VAL E 193 30.31 7.35 -28.10
N SER E 194 31.24 8.32 -28.10
CA SER E 194 31.82 8.80 -26.86
C SER E 194 32.10 10.29 -26.93
N SER E 195 32.89 10.70 -27.91
CA SER E 195 33.24 12.11 -28.04
C SER E 195 32.05 12.91 -28.56
N GLU E 196 32.18 14.23 -28.46
CA GLU E 196 31.15 15.10 -29.01
C GLU E 196 31.13 15.03 -30.53
N GLN E 197 32.31 14.93 -31.15
CA GLN E 197 32.37 14.83 -32.61
C GLN E 197 31.73 13.53 -33.10
N GLU E 198 31.85 12.45 -32.32
CA GLU E 198 31.19 11.21 -32.70
C GLU E 198 29.68 11.33 -32.58
N TYR E 199 29.18 12.11 -31.62
CA TYR E 199 27.74 12.36 -31.57
C TYR E 199 27.27 13.11 -32.80
N VAL E 200 28.07 14.07 -33.28
CA VAL E 200 27.70 14.82 -34.48
C VAL E 200 27.55 13.87 -35.66
N SER E 201 28.56 13.03 -35.89
CA SER E 201 28.49 12.09 -37.00
C SER E 201 27.32 11.12 -36.82
N HIS E 202 27.06 10.70 -35.59
CA HIS E 202 25.95 9.77 -35.35
C HIS E 202 24.60 10.44 -35.62
N PHE E 203 24.46 11.71 -35.22
CA PHE E 203 23.24 12.44 -35.53
C PHE E 203 23.05 12.58 -37.04
N GLU E 204 24.15 12.82 -37.77
CA GLU E 204 24.06 12.89 -39.23
C GLU E 204 23.65 11.54 -39.80
N ARG E 205 24.26 10.46 -39.32
CA ARG E 205 24.01 9.15 -39.90
C ARG E 205 22.60 8.67 -39.65
N THR E 206 22.02 9.02 -38.50
CA THR E 206 20.65 8.67 -38.17
C THR E 206 19.66 9.77 -38.51
N GLU E 207 20.12 10.86 -39.14
CA GLU E 207 19.25 11.96 -39.58
C GLU E 207 18.47 12.55 -38.42
N ASN E 208 19.18 12.81 -37.31
CA ASN E 208 18.58 13.36 -36.10
C ASN E 208 18.74 14.87 -36.14
N ARG E 209 17.74 15.55 -36.72
CA ARG E 209 17.81 17.00 -36.88
C ARG E 209 17.81 17.70 -35.53
N VAL E 210 16.86 17.36 -34.66
CA VAL E 210 16.79 18.01 -33.35
C VAL E 210 18.08 17.79 -32.57
N GLY E 211 18.68 16.60 -32.72
CA GLY E 211 19.94 16.35 -32.05
C GLY E 211 21.04 17.28 -32.53
N LEU E 212 21.16 17.47 -33.84
CA LEU E 212 22.17 18.38 -34.37
C LEU E 212 21.87 19.82 -33.96
N GLN E 213 20.62 20.25 -34.11
CA GLN E 213 20.24 21.60 -33.73
C GLN E 213 20.53 21.85 -32.26
N THR E 214 20.25 20.87 -31.40
CA THR E 214 20.50 21.04 -29.97
C THR E 214 22.00 21.10 -29.68
N LEU E 215 22.78 20.20 -30.29
CA LEU E 215 24.22 20.16 -30.01
C LEU E 215 24.89 21.47 -30.40
N HIS E 216 24.51 22.04 -31.54
CA HIS E 216 25.08 23.31 -31.95
C HIS E 216 24.49 24.48 -31.18
N GLY E 217 23.24 24.35 -30.70
CA GLY E 217 22.63 25.42 -29.95
C GLY E 217 23.20 25.59 -28.56
N LEU E 218 23.73 24.51 -27.98
CA LEU E 218 24.30 24.60 -26.64
C LEU E 218 25.52 25.49 -26.57
N LYS E 219 26.17 25.75 -27.71
CA LYS E 219 27.30 26.66 -27.74
C LYS E 219 26.86 28.11 -27.85
N LYS E 220 25.68 28.36 -28.43
CA LYS E 220 25.14 29.72 -28.52
C LYS E 220 24.43 30.09 -27.23
N LYS E 221 23.57 31.11 -27.29
CA LYS E 221 22.79 31.52 -26.13
C LYS E 221 21.54 32.28 -26.56
N TYR E 229 7.46 16.71 -34.66
CA TYR E 229 7.52 18.03 -35.29
C TYR E 229 7.87 17.92 -36.77
N SER F 3 -28.87 16.85 -17.32
CA SER F 3 -28.10 17.98 -17.85
C SER F 3 -27.17 17.52 -18.96
N ILE F 4 -27.03 18.36 -19.98
CA ILE F 4 -26.19 18.06 -21.13
C ILE F 4 -24.79 18.58 -20.86
N GLU F 5 -23.83 17.64 -20.71
CA GLU F 5 -22.47 18.01 -20.32
C GLU F 5 -21.71 18.65 -21.47
N ALA F 6 -21.93 18.17 -22.69
CA ALA F 6 -21.11 18.60 -23.82
C ALA F 6 -21.87 18.39 -25.12
N LEU F 7 -21.54 19.22 -26.11
CA LEU F 7 -22.18 19.17 -27.42
C LEU F 7 -21.10 19.23 -28.48
N MET F 8 -21.17 18.32 -29.45
CA MET F 8 -20.18 18.24 -30.51
C MET F 8 -20.87 18.28 -31.87
N LEU F 9 -20.30 19.07 -32.77
CA LEU F 9 -20.71 19.06 -34.17
C LEU F 9 -19.82 18.08 -34.93
N PHE F 10 -20.44 17.13 -35.62
CA PHE F 10 -19.68 16.20 -36.46
C PHE F 10 -20.29 16.10 -37.85
N GLY F 11 -19.81 15.16 -38.65
CA GLY F 11 -20.30 15.03 -40.02
C GLY F 11 -19.73 16.08 -40.95
N SER F 12 -20.40 16.22 -42.10
CA SER F 12 -19.90 17.11 -43.15
C SER F 12 -19.88 18.56 -42.72
N ALA F 13 -20.79 18.96 -41.82
CA ALA F 13 -20.78 20.34 -41.35
C ALA F 13 -19.51 20.66 -40.59
N ALA F 14 -18.95 19.67 -39.87
CA ALA F 14 -17.70 19.88 -39.16
C ALA F 14 -16.51 20.06 -40.11
N ARG F 15 -16.61 19.54 -41.33
CA ARG F 15 -15.56 19.73 -42.32
C ARG F 15 -15.81 20.93 -43.22
N GLY F 16 -16.89 21.67 -43.00
CA GLY F 16 -17.25 22.74 -43.91
C GLY F 16 -17.64 22.26 -45.28
N GLU F 17 -18.09 21.01 -45.39
CA GLU F 17 -18.50 20.42 -46.66
C GLU F 17 -20.02 20.29 -46.70
N SER F 18 -20.56 20.23 -47.91
CA SER F 18 -22.01 20.17 -48.08
C SER F 18 -22.32 19.50 -49.41
N ASP F 19 -23.46 18.80 -49.45
CA ASP F 19 -23.93 18.14 -50.66
C ASP F 19 -25.44 18.35 -50.76
N LYS F 20 -26.06 17.61 -51.69
CA LYS F 20 -27.44 17.89 -52.07
C LYS F 20 -28.39 17.82 -50.88
N ASN F 21 -28.36 16.72 -50.13
CA ASN F 21 -29.27 16.51 -49.02
C ASN F 21 -28.51 16.33 -47.71
N SER F 22 -27.49 17.15 -47.49
CA SER F 22 -26.71 17.07 -46.26
C SER F 22 -27.57 17.39 -45.05
N ASP F 23 -27.29 16.72 -43.95
CA ASP F 23 -27.95 16.98 -42.69
C ASP F 23 -27.00 17.76 -41.77
N VAL F 24 -27.40 18.01 -40.53
CA VAL F 24 -26.55 18.62 -39.52
C VAL F 24 -26.44 17.64 -38.36
N ASP F 25 -25.23 17.18 -38.09
CA ASP F 25 -24.97 16.13 -37.12
C ASP F 25 -24.49 16.75 -35.81
N LEU F 26 -25.30 16.61 -34.75
CA LEU F 26 -24.97 17.10 -33.43
C LEU F 26 -24.96 15.95 -32.44
N LEU F 27 -23.96 15.94 -31.56
CA LEU F 27 -23.81 14.91 -30.53
C LEU F 27 -23.94 15.55 -29.16
N ALA F 28 -24.94 15.13 -28.39
CA ALA F 28 -25.17 15.64 -27.04
C ALA F 28 -24.81 14.57 -26.03
N VAL F 29 -23.97 14.93 -25.07
CA VAL F 29 -23.54 14.02 -24.00
C VAL F 29 -24.30 14.41 -22.74
N THR F 30 -25.12 13.49 -22.24
CA THR F 30 -25.92 13.75 -21.05
C THR F 30 -26.05 12.47 -20.24
N SER F 31 -26.02 12.61 -18.92
CA SER F 31 -26.05 11.45 -18.03
C SER F 31 -27.44 10.83 -18.01
N GLY F 32 -27.46 9.52 -17.75
CA GLY F 32 -28.71 8.79 -17.57
C GLY F 32 -29.63 8.78 -18.78
N VAL F 33 -29.09 8.46 -19.95
CA VAL F 33 -29.89 8.33 -21.17
C VAL F 33 -29.47 7.07 -21.90
N ARG F 34 -30.44 6.35 -22.44
CA ARG F 34 -30.14 5.28 -23.37
C ARG F 34 -29.76 5.89 -24.72
N PRO F 35 -28.73 5.36 -25.39
CA PRO F 35 -28.33 5.93 -26.69
C PRO F 35 -29.49 5.93 -27.67
N PHE F 36 -29.84 7.12 -28.13
CA PHE F 36 -30.88 7.28 -29.15
C PHE F 36 -30.62 8.55 -29.94
N SER F 37 -31.08 8.56 -31.18
CA SER F 37 -31.04 9.73 -32.04
C SER F 37 -32.44 10.08 -32.51
N LYS F 38 -32.64 11.34 -32.87
CA LYS F 38 -33.90 11.74 -33.46
C LYS F 38 -33.65 12.92 -34.39
N LYS F 39 -34.36 12.92 -35.51
CA LYS F 39 -34.07 13.81 -36.62
C LYS F 39 -35.16 14.87 -36.77
N THR F 40 -34.76 16.01 -37.33
CA THR F 40 -35.67 17.17 -37.41
C THR F 40 -35.19 18.08 -38.52
N GLU F 41 -36.02 18.25 -39.55
CA GLU F 41 -35.81 19.27 -40.59
C GLU F 41 -34.35 19.44 -40.96
N GLN F 42 -33.67 18.33 -41.27
CA GLN F 42 -32.25 18.24 -41.65
C GLN F 42 -31.29 18.29 -40.47
N THR F 43 -31.78 18.23 -39.23
CA THR F 43 -30.91 18.11 -38.06
C THR F 43 -30.96 16.68 -37.54
N GLU F 44 -29.81 16.17 -37.13
CA GLU F 44 -29.69 14.84 -36.51
C GLU F 44 -29.10 15.04 -35.13
N LEU F 45 -29.90 14.80 -34.10
CA LEU F 45 -29.49 15.01 -32.72
C LEU F 45 -29.34 13.65 -32.04
N GLN F 46 -28.10 13.33 -31.65
CA GLN F 46 -27.76 12.05 -31.05
C GLN F 46 -27.36 12.23 -29.60
N PHE F 47 -27.84 11.33 -28.74
CA PHE F 47 -27.62 11.42 -27.30
C PHE F 47 -26.83 10.21 -26.82
N LEU F 48 -25.81 10.46 -26.01
CA LEU F 48 -25.03 9.40 -25.37
C LEU F 48 -24.71 9.80 -23.94
N ASN F 49 -24.63 8.80 -23.07
CA ASN F 49 -24.12 9.03 -21.73
C ASN F 49 -22.61 8.94 -21.74
N PRO F 50 -21.93 9.55 -20.76
CA PRO F 50 -20.46 9.50 -20.75
C PRO F 50 -19.88 8.09 -20.76
N GLU F 51 -20.52 7.16 -20.05
CA GLU F 51 -20.00 5.80 -20.00
C GLU F 51 -19.98 5.15 -21.38
N GLU F 52 -21.04 5.37 -22.16
CA GLU F 52 -21.10 4.77 -23.49
C GLU F 52 -20.12 5.45 -24.45
N LEU F 53 -20.00 6.78 -24.35
CA LEU F 53 -19.05 7.49 -25.20
C LEU F 53 -17.62 7.00 -24.96
N LEU F 54 -17.24 6.86 -23.69
CA LEU F 54 -15.89 6.40 -23.37
C LEU F 54 -15.68 4.94 -23.75
N ARG F 55 -16.75 4.14 -23.73
CA ARG F 55 -16.61 2.75 -24.16
C ARG F 55 -16.29 2.67 -25.65
N SER F 56 -16.97 3.48 -26.47
CA SER F 56 -16.71 3.48 -27.90
C SER F 56 -15.26 3.85 -28.19
N ALA F 57 -14.63 4.63 -27.31
CA ALA F 57 -13.22 4.94 -27.46
C ALA F 57 -12.36 3.74 -27.08
N SER F 58 -12.65 3.12 -25.94
CA SER F 58 -11.87 1.97 -25.48
C SER F 58 -11.96 0.81 -26.47
N ASP F 59 -13.13 0.62 -27.08
CA ASP F 59 -13.33 -0.44 -28.06
C ASP F 59 -12.85 -0.04 -29.45
N GLY F 60 -12.39 1.20 -29.64
CA GLY F 60 -11.91 1.64 -30.93
C GLY F 60 -12.96 1.63 -32.02
N ASP F 61 -14.18 2.02 -31.70
CA ASP F 61 -15.24 2.08 -32.71
C ASP F 61 -14.85 3.05 -33.82
N LEU F 62 -15.17 2.68 -35.06
CA LEU F 62 -14.88 3.55 -36.20
C LEU F 62 -15.60 4.89 -36.05
N PHE F 63 -16.83 4.87 -35.53
CA PHE F 63 -17.55 6.12 -35.31
C PHE F 63 -16.84 6.99 -34.27
N ALA F 64 -16.25 6.36 -33.25
CA ALA F 64 -15.53 7.12 -32.24
C ALA F 64 -14.28 7.77 -32.83
N ILE F 65 -13.63 7.10 -33.78
CA ILE F 65 -12.47 7.68 -34.45
C ILE F 65 -12.88 8.93 -35.22
N HIS F 66 -14.05 8.90 -35.85
CA HIS F 66 -14.54 10.09 -36.54
C HIS F 66 -14.78 11.25 -35.57
N LEU F 67 -15.39 10.97 -34.42
CA LEU F 67 -15.61 12.02 -33.44
C LEU F 67 -14.29 12.60 -32.94
N ALA F 68 -13.29 11.76 -32.75
CA ALA F 68 -12.03 12.22 -32.16
C ALA F 68 -11.22 13.06 -33.14
N PHE F 69 -11.23 12.69 -34.43
CA PHE F 69 -10.36 13.34 -35.40
C PHE F 69 -11.06 14.41 -36.23
N GLU F 70 -12.39 14.42 -36.30
CA GLU F 70 -13.10 15.43 -37.07
C GLU F 70 -14.17 16.18 -36.30
N GLY F 71 -14.59 15.71 -35.13
CA GLY F 71 -15.62 16.41 -34.38
C GLY F 71 -15.13 17.76 -33.90
N LYS F 72 -16.05 18.73 -33.88
CA LYS F 72 -15.78 20.06 -33.37
C LYS F 72 -16.61 20.29 -32.12
N ILE F 73 -15.94 20.52 -31.00
CA ILE F 73 -16.59 20.69 -29.71
C ILE F 73 -17.26 22.06 -29.67
N ILE F 74 -18.57 22.08 -29.46
CA ILE F 74 -19.27 23.34 -29.28
C ILE F 74 -19.13 23.82 -27.84
N PHE F 75 -19.41 22.94 -26.87
CA PHE F 75 -19.04 23.21 -25.48
C PHE F 75 -18.80 21.88 -24.78
N ASP F 76 -18.00 21.93 -23.71
CA ASP F 76 -17.71 20.76 -22.90
C ASP F 76 -17.47 21.25 -21.48
N THR F 77 -18.48 21.10 -20.62
CA THR F 77 -18.41 21.61 -19.26
C THR F 77 -17.68 20.68 -18.30
N THR F 78 -17.44 19.42 -18.69
CA THR F 78 -16.93 18.41 -17.78
C THR F 78 -15.61 17.80 -18.22
N GLY F 79 -15.09 18.15 -19.40
CA GLY F 79 -13.90 17.50 -19.90
C GLY F 79 -14.12 16.09 -20.41
N VAL F 80 -15.37 15.68 -20.60
CA VAL F 80 -15.64 14.30 -21.01
C VAL F 80 -15.05 14.01 -22.37
N PHE F 81 -14.93 15.02 -23.24
CA PHE F 81 -14.34 14.79 -24.55
C PHE F 81 -12.83 14.57 -24.45
N THR F 82 -12.18 15.18 -23.46
CA THR F 82 -10.76 14.89 -23.26
C THR F 82 -10.56 13.48 -22.73
N ARG F 83 -11.36 13.06 -21.75
CA ARG F 83 -11.30 11.69 -21.27
C ARG F 83 -11.69 10.71 -22.37
N PHE F 84 -12.62 11.09 -23.24
CA PHE F 84 -12.95 10.27 -24.40
C PHE F 84 -11.73 10.04 -25.28
N LYS F 85 -11.00 11.12 -25.59
CA LYS F 85 -9.84 10.99 -26.46
C LYS F 85 -8.69 10.24 -25.77
N GLU F 86 -8.56 10.38 -24.46
CA GLU F 86 -7.50 9.66 -23.75
C GLU F 86 -7.81 8.18 -23.57
N ARG F 87 -9.08 7.78 -23.71
CA ARG F 87 -9.45 6.37 -23.65
C ARG F 87 -9.39 5.69 -25.01
N LEU F 88 -9.21 6.43 -26.09
CA LEU F 88 -9.25 5.85 -27.42
C LEU F 88 -8.09 4.87 -27.62
N VAL F 89 -8.42 3.71 -28.19
CA VAL F 89 -7.43 2.71 -28.58
C VAL F 89 -7.79 2.26 -29.98
N ILE F 90 -7.03 2.71 -30.97
CA ILE F 90 -7.22 2.29 -32.35
C ILE F 90 -6.67 0.89 -32.52
N ARG F 91 -7.45 0.02 -33.15
CA ARG F 91 -7.05 -1.36 -33.34
C ARG F 91 -6.35 -1.55 -34.68
N LYS F 92 -5.49 -2.57 -34.75
CA LYS F 92 -4.75 -2.84 -35.97
C LYS F 92 -5.54 -3.67 -36.97
N ASP F 93 -6.62 -4.32 -36.51
CA ASP F 93 -7.41 -5.19 -37.37
C ASP F 93 -8.88 -4.82 -37.21
N TYR F 94 -9.54 -4.54 -38.33
CA TYR F 94 -10.97 -4.24 -38.35
C TYR F 94 -11.72 -5.22 -39.24
N GLY F 95 -11.20 -6.45 -39.37
CA GLY F 95 -11.87 -7.45 -40.18
C GLY F 95 -13.25 -7.80 -39.66
N ARG F 96 -13.46 -7.68 -38.36
CA ARG F 96 -14.77 -7.95 -37.78
C ARG F 96 -15.81 -6.98 -38.35
N GLU F 97 -15.47 -5.68 -38.39
CA GLU F 97 -16.39 -4.70 -38.97
C GLU F 97 -16.49 -4.86 -40.48
N ILE F 98 -15.40 -5.22 -41.14
CA ILE F 98 -15.42 -5.42 -42.58
C ILE F 98 -16.31 -6.61 -42.94
N LYS F 99 -16.24 -7.67 -42.13
CA LYS F 99 -17.08 -8.83 -42.38
C LYS F 99 -18.55 -8.52 -42.18
N TRP F 100 -18.87 -7.70 -41.18
CA TRP F 100 -20.26 -7.34 -40.93
C TRP F 100 -20.86 -6.61 -42.12
N GLY F 101 -20.17 -5.58 -42.62
CA GLY F 101 -20.66 -4.86 -43.79
C GLY F 101 -20.64 -5.72 -45.04
N ASN F 102 -19.69 -6.64 -45.14
CA ASN F 102 -19.62 -7.52 -46.29
C ASN F 102 -20.78 -8.52 -46.28
N ASP F 103 -21.11 -9.06 -45.11
CA ASP F 103 -22.17 -10.07 -45.04
C ASP F 103 -23.53 -9.45 -45.26
N LEU F 104 -23.77 -8.25 -44.71
CA LEU F 104 -25.05 -7.59 -44.91
C LEU F 104 -25.22 -7.14 -46.36
N ALA F 105 -24.13 -6.78 -47.03
CA ALA F 105 -24.21 -6.39 -48.43
C ALA F 105 -24.65 -7.56 -49.30
N TRP F 106 -24.19 -8.77 -48.98
CA TRP F 106 -24.63 -9.94 -49.73
C TRP F 106 -26.09 -10.27 -49.45
N TYR F 107 -26.57 -9.97 -48.24
CA TYR F 107 -27.99 -10.17 -47.95
C TYR F 107 -28.84 -9.19 -48.73
N LEU F 108 -28.48 -7.91 -48.71
CA LEU F 108 -29.22 -6.90 -49.46
C LEU F 108 -29.15 -7.16 -50.95
N LEU F 109 -28.03 -7.68 -51.45
CA LEU F 109 -27.93 -8.02 -52.85
C LEU F 109 -28.81 -9.21 -53.21
N ASP F 110 -29.00 -10.14 -52.29
CA ASP F 110 -29.79 -11.33 -52.57
C ASP F 110 -31.29 -11.07 -52.42
N PHE F 111 -31.69 -10.34 -51.37
CA PHE F 111 -33.10 -10.22 -51.05
C PHE F 111 -33.59 -8.79 -50.84
N GLY F 112 -32.72 -7.78 -50.99
CA GLY F 112 -33.14 -6.43 -50.69
C GLY F 112 -33.52 -5.60 -51.90
N MET F 113 -33.06 -6.00 -53.09
CA MET F 113 -33.26 -5.19 -54.28
C MET F 113 -34.72 -5.14 -54.72
N ASN F 114 -35.59 -6.00 -54.17
CA ASN F 114 -37.02 -5.95 -54.45
C ASN F 114 -37.84 -5.76 -53.19
N ALA F 115 -37.21 -5.31 -52.11
CA ALA F 115 -37.92 -5.11 -50.85
C ALA F 115 -38.84 -3.90 -50.94
N GLU F 116 -39.84 -3.88 -50.05
CA GLU F 116 -40.80 -2.79 -50.04
C GLU F 116 -40.16 -1.50 -49.50
N ASN F 117 -39.49 -1.59 -48.36
CA ASN F 117 -38.82 -0.43 -47.76
C ASN F 117 -37.54 -0.15 -48.53
N THR F 118 -37.70 0.52 -49.67
CA THR F 118 -36.55 0.83 -50.51
C THR F 118 -35.59 1.80 -49.84
N THR F 119 -36.13 2.74 -49.05
CA THR F 119 -35.28 3.71 -48.37
C THR F 119 -34.32 3.03 -47.39
N LEU F 120 -34.83 2.09 -46.60
CA LEU F 120 -33.98 1.42 -45.63
C LEU F 120 -32.90 0.59 -46.31
N VAL F 121 -33.24 -0.09 -47.41
CA VAL F 121 -32.25 -0.85 -48.15
C VAL F 121 -31.15 0.08 -48.68
N ASN F 122 -31.55 1.26 -49.17
CA ASN F 122 -30.57 2.21 -49.70
C ASN F 122 -29.68 2.77 -48.59
N LYS F 123 -30.27 3.06 -47.42
CA LYS F 123 -29.45 3.51 -46.29
C LYS F 123 -28.43 2.47 -45.89
N ARG F 124 -28.81 1.20 -45.90
CA ARG F 124 -27.93 0.13 -45.44
C ARG F 124 -26.97 -0.35 -46.51
N ILE F 125 -27.29 -0.16 -47.79
CA ILE F 125 -26.30 -0.41 -48.83
C ILE F 125 -25.16 0.59 -48.72
N ALA F 126 -25.49 1.86 -48.53
CA ALA F 126 -24.46 2.87 -48.30
C ALA F 126 -23.68 2.59 -47.03
N TRP F 127 -24.37 2.10 -45.98
CA TRP F 127 -23.68 1.80 -44.73
C TRP F 127 -22.65 0.69 -44.92
N CYS F 128 -23.01 -0.36 -45.66
CA CYS F 128 -22.06 -1.44 -45.93
C CYS F 128 -20.82 -0.92 -46.64
N VAL F 129 -21.01 -0.19 -47.75
CA VAL F 129 -19.88 0.33 -48.50
C VAL F 129 -19.08 1.32 -47.67
N ARG F 130 -19.78 2.19 -46.93
CA ARG F 130 -19.08 3.18 -46.10
C ARG F 130 -18.27 2.49 -44.99
N THR F 131 -18.89 1.52 -44.31
CA THR F 131 -18.21 0.83 -43.22
C THR F 131 -16.96 0.11 -43.71
N ILE F 132 -17.06 -0.57 -44.86
CA ILE F 132 -15.92 -1.30 -45.39
C ILE F 132 -14.80 -0.34 -45.77
N ALA F 133 -15.14 0.77 -46.45
CA ALA F 133 -14.11 1.71 -46.86
C ALA F 133 -13.45 2.38 -45.66
N ILE F 134 -14.26 2.81 -44.69
CA ILE F 134 -13.72 3.45 -43.49
C ILE F 134 -12.79 2.49 -42.75
N ALA F 135 -13.24 1.25 -42.56
CA ALA F 135 -12.45 0.28 -41.80
C ALA F 135 -11.16 -0.07 -42.53
N ARG F 136 -11.22 -0.25 -43.85
CA ARG F 136 -10.01 -0.52 -44.62
C ARG F 136 -9.01 0.61 -44.49
N LEU F 137 -9.48 1.86 -44.58
CA LEU F 137 -8.58 3.00 -44.53
C LEU F 137 -8.04 3.23 -43.13
N VAL F 138 -8.83 2.94 -42.09
CA VAL F 138 -8.33 3.03 -40.73
C VAL F 138 -7.25 2.00 -40.48
N GLU F 139 -7.40 0.80 -41.07
CA GLU F 139 -6.35 -0.21 -40.98
C GLU F 139 -5.05 0.28 -41.59
N SER F 140 -5.12 1.22 -42.54
CA SER F 140 -3.94 1.79 -43.17
C SER F 140 -3.39 3.01 -42.45
N GLY F 141 -3.95 3.35 -41.28
CA GLY F 141 -3.49 4.50 -40.54
C GLY F 141 -4.06 5.82 -40.98
N LYS F 142 -5.20 5.82 -41.68
CA LYS F 142 -5.80 7.03 -42.19
C LYS F 142 -7.10 7.32 -41.45
N ILE F 143 -7.57 8.56 -41.60
CA ILE F 143 -8.79 9.01 -40.92
C ILE F 143 -9.74 9.61 -41.94
N ILE F 144 -10.28 8.76 -42.82
CA ILE F 144 -11.13 9.20 -43.93
C ILE F 144 -12.58 8.84 -43.58
N PHE F 145 -13.48 9.81 -43.75
CA PHE F 145 -14.89 9.58 -43.44
C PHE F 145 -15.87 10.22 -44.41
N SER F 146 -15.50 11.26 -45.16
CA SER F 146 -16.43 11.90 -46.06
C SER F 146 -16.64 11.05 -47.31
N PRO F 147 -17.84 11.10 -47.91
CA PRO F 147 -18.05 10.37 -49.16
C PRO F 147 -17.11 10.80 -50.27
N ARG F 148 -16.78 12.09 -50.35
CA ARG F 148 -15.83 12.58 -51.34
C ARG F 148 -14.49 11.86 -51.21
N ALA F 149 -13.93 11.86 -50.00
CA ALA F 149 -12.59 11.30 -49.80
C ALA F 149 -12.62 9.77 -49.82
N LEU F 150 -13.72 9.16 -49.39
CA LEU F 150 -13.84 7.71 -49.48
C LEU F 150 -13.80 7.25 -50.93
N ALA F 151 -14.38 8.02 -51.84
CA ALA F 151 -14.35 7.63 -53.25
C ALA F 151 -12.96 7.81 -53.84
N LYS F 152 -12.25 8.87 -53.45
CA LYS F 152 -10.90 9.07 -53.94
C LYS F 152 -9.93 8.04 -53.36
N GLU F 153 -9.96 7.87 -52.03
CA GLU F 153 -8.99 6.99 -51.38
C GLU F 153 -9.27 5.52 -51.65
N PHE F 154 -10.52 5.17 -51.92
CA PHE F 154 -10.92 3.79 -52.15
C PHE F 154 -11.64 3.72 -53.50
N PRO F 155 -10.91 3.95 -54.61
CA PRO F 155 -11.55 4.07 -55.92
C PRO F 155 -11.97 2.73 -56.54
N ARG F 156 -12.62 1.90 -55.74
CA ARG F 156 -13.20 0.67 -56.27
C ARG F 156 -14.52 0.99 -56.98
N LYS F 157 -15.13 -0.04 -57.54
CA LYS F 157 -16.28 0.15 -58.41
C LYS F 157 -17.46 0.76 -57.65
N HIS F 158 -17.94 1.90 -58.14
CA HIS F 158 -19.23 2.48 -57.75
C HIS F 158 -19.28 2.87 -56.28
N VAL F 159 -18.14 3.18 -55.68
CA VAL F 159 -18.14 3.61 -54.29
C VAL F 159 -18.94 4.89 -54.12
N SER F 160 -18.64 5.90 -54.94
CA SER F 160 -19.36 7.16 -54.85
C SER F 160 -20.86 6.96 -55.10
N ASP F 161 -21.20 6.14 -56.09
CA ASP F 161 -22.62 5.90 -56.40
C ASP F 161 -23.31 5.16 -55.26
N LEU F 162 -22.67 4.15 -54.69
CA LEU F 162 -23.31 3.36 -53.65
C LEU F 162 -23.45 4.14 -52.36
N ILE F 163 -22.45 4.98 -52.02
CA ILE F 163 -22.58 5.85 -50.86
C ILE F 163 -23.71 6.85 -51.08
N GLY F 164 -23.89 7.30 -52.32
CA GLY F 164 -24.93 8.27 -52.64
C GLY F 164 -26.33 7.77 -52.37
N LEU F 165 -26.51 6.45 -52.25
CA LEU F 165 -27.82 5.89 -51.93
C LEU F 165 -28.23 6.14 -50.49
N ALA F 166 -27.38 6.78 -49.68
CA ALA F 166 -27.67 6.96 -48.26
C ALA F 166 -29.01 7.66 -48.04
N ARG F 167 -29.32 8.66 -48.86
CA ARG F 167 -30.60 9.37 -48.79
C ARG F 167 -31.19 9.41 -50.21
N SER F 168 -31.56 8.23 -50.71
CA SER F 168 -32.15 8.11 -52.04
C SER F 168 -33.20 7.01 -52.00
N ASP F 169 -34.43 7.35 -52.38
CA ASP F 169 -35.51 6.38 -52.47
C ASP F 169 -35.58 5.71 -53.83
N GLU F 170 -34.48 5.70 -54.58
CA GLU F 170 -34.47 5.10 -55.91
C GLU F 170 -34.54 3.59 -55.82
N ASP F 171 -35.45 2.98 -56.58
CA ASP F 171 -35.52 1.54 -56.75
C ASP F 171 -34.95 1.09 -58.07
N SER F 172 -33.96 1.81 -58.60
CA SER F 172 -33.42 1.50 -59.92
C SER F 172 -32.74 0.14 -59.92
N GLN F 173 -32.90 -0.58 -61.03
CA GLN F 173 -32.26 -1.89 -61.18
C GLN F 173 -30.75 -1.78 -61.17
N THR F 174 -30.20 -0.62 -61.53
CA THR F 174 -28.74 -0.45 -61.57
C THR F 174 -28.11 -0.60 -60.19
N ARG F 175 -28.89 -0.49 -59.12
CA ARG F 175 -28.34 -0.71 -57.78
C ARG F 175 -27.79 -2.12 -57.64
N LYS F 176 -28.51 -3.11 -58.17
CA LYS F 176 -28.08 -4.50 -58.02
C LYS F 176 -26.78 -4.74 -58.76
N ARG F 177 -26.68 -4.25 -60.00
CA ARG F 177 -25.45 -4.41 -60.78
C ARG F 177 -24.28 -3.69 -60.11
N ARG F 178 -24.50 -2.46 -59.64
CA ARG F 178 -23.42 -1.69 -59.04
C ARG F 178 -22.93 -2.34 -57.76
N LEU F 179 -23.85 -2.74 -56.87
CA LEU F 179 -23.46 -3.40 -55.63
C LEU F 179 -22.70 -4.69 -55.92
N ALA F 180 -23.16 -5.47 -56.89
CA ALA F 180 -22.44 -6.69 -57.25
C ALA F 180 -21.09 -6.36 -57.87
N GLY F 181 -21.02 -5.26 -58.63
CA GLY F 181 -19.74 -4.84 -59.16
C GLY F 181 -18.77 -4.38 -58.10
N PHE F 182 -19.29 -3.78 -57.03
CA PHE F 182 -18.42 -3.39 -55.91
C PHE F 182 -17.93 -4.62 -55.15
N LEU F 183 -18.84 -5.57 -54.86
CA LEU F 183 -18.44 -6.79 -54.18
C LEU F 183 -17.43 -7.58 -54.99
N ASP F 184 -17.47 -7.45 -56.32
CA ASP F 184 -16.52 -8.15 -57.17
C ASP F 184 -15.14 -7.48 -57.15
N SER F 185 -15.09 -6.16 -57.04
CA SER F 185 -13.81 -5.45 -57.09
C SER F 185 -13.00 -5.61 -55.81
N ILE F 186 -13.62 -6.03 -54.71
CA ILE F 186 -12.92 -6.26 -53.46
C ILE F 186 -12.77 -7.75 -53.16
N ASP F 187 -13.02 -8.61 -54.16
CA ASP F 187 -12.87 -10.06 -54.00
C ASP F 187 -13.73 -10.59 -52.85
N SER F 188 -14.95 -10.07 -52.75
CA SER F 188 -15.85 -10.44 -51.67
C SER F 188 -16.47 -11.81 -51.91
N SER F 189 -16.63 -12.59 -50.85
CA SER F 189 -17.27 -13.89 -50.90
C SER F 189 -18.53 -13.86 -50.07
N ARG F 190 -19.62 -14.38 -50.64
CA ARG F 190 -20.86 -14.51 -49.89
C ARG F 190 -20.66 -15.49 -48.74
N PRO F 191 -21.22 -15.22 -47.56
CA PRO F 191 -21.15 -16.20 -46.47
C PRO F 191 -21.86 -17.49 -46.85
N SER F 192 -21.36 -18.61 -46.33
CA SER F 192 -21.87 -19.91 -46.71
C SER F 192 -23.27 -20.15 -46.17
N VAL F 193 -24.23 -19.36 -46.65
CA VAL F 193 -25.64 -19.54 -46.33
C VAL F 193 -26.45 -19.32 -47.60
N SER F 194 -27.64 -19.93 -47.66
CA SER F 194 -28.47 -19.89 -48.85
C SER F 194 -29.77 -19.13 -48.63
N SER F 195 -30.64 -19.62 -47.74
CA SER F 195 -31.94 -19.01 -47.55
C SER F 195 -31.82 -17.74 -46.73
N GLU F 196 -32.97 -17.12 -46.45
CA GLU F 196 -33.01 -15.89 -45.67
C GLU F 196 -32.96 -16.18 -44.17
N GLN F 197 -33.59 -17.27 -43.73
CA GLN F 197 -33.51 -17.66 -42.32
C GLN F 197 -32.09 -18.06 -41.95
N GLU F 198 -31.30 -18.54 -42.91
CA GLU F 198 -29.90 -18.85 -42.63
C GLU F 198 -29.08 -17.59 -42.43
N TYR F 199 -29.46 -16.48 -43.09
CA TYR F 199 -28.84 -15.21 -42.80
C TYR F 199 -29.10 -14.77 -41.37
N VAL F 200 -30.31 -15.02 -40.87
CA VAL F 200 -30.64 -14.67 -39.49
C VAL F 200 -29.73 -15.44 -38.53
N SER F 201 -29.57 -16.73 -38.77
CA SER F 201 -28.68 -17.54 -37.92
C SER F 201 -27.24 -17.07 -38.07
N HIS F 202 -26.84 -16.68 -39.28
CA HIS F 202 -25.47 -16.22 -39.50
C HIS F 202 -25.21 -14.90 -38.79
N PHE F 203 -26.13 -13.93 -38.93
CA PHE F 203 -25.97 -12.66 -38.25
C PHE F 203 -25.98 -12.83 -36.73
N GLU F 204 -26.81 -13.74 -36.23
CA GLU F 204 -26.86 -14.00 -34.79
C GLU F 204 -25.54 -14.58 -34.29
N ARG F 205 -25.05 -15.63 -34.96
CA ARG F 205 -23.80 -16.26 -34.54
C ARG F 205 -22.64 -15.29 -34.64
N THR F 206 -22.49 -14.62 -35.79
CA THR F 206 -21.41 -13.67 -35.98
C THR F 206 -21.63 -12.36 -35.24
N GLU F 207 -22.75 -12.20 -34.54
CA GLU F 207 -23.07 -11.00 -33.77
C GLU F 207 -23.09 -9.76 -34.66
N ASN F 208 -23.73 -9.88 -35.82
CA ASN F 208 -23.88 -8.77 -36.75
C ASN F 208 -25.15 -8.01 -36.37
N ARG F 209 -25.00 -7.07 -35.43
CA ARG F 209 -26.16 -6.35 -34.89
C ARG F 209 -26.87 -5.55 -35.98
N VAL F 210 -26.10 -4.76 -36.74
CA VAL F 210 -26.70 -3.94 -37.79
C VAL F 210 -27.35 -4.82 -38.86
N GLY F 211 -26.75 -5.98 -39.14
CA GLY F 211 -27.36 -6.90 -40.09
C GLY F 211 -28.71 -7.43 -39.62
N LEU F 212 -28.86 -7.63 -38.31
CA LEU F 212 -30.15 -8.11 -37.79
C LEU F 212 -31.18 -7.00 -37.80
N GLN F 213 -30.83 -5.81 -37.30
CA GLN F 213 -31.76 -4.68 -37.31
C GLN F 213 -32.21 -4.37 -38.74
N THR F 214 -31.30 -4.51 -39.71
CA THR F 214 -31.67 -4.27 -41.10
C THR F 214 -32.65 -5.32 -41.59
N LEU F 215 -32.36 -6.60 -41.36
CA LEU F 215 -33.23 -7.67 -41.81
C LEU F 215 -34.62 -7.54 -41.20
N HIS F 216 -34.69 -7.21 -39.90
CA HIS F 216 -35.97 -7.09 -39.23
C HIS F 216 -36.70 -5.80 -39.57
N GLY F 217 -35.99 -4.76 -39.98
CA GLY F 217 -36.62 -3.50 -40.35
C GLY F 217 -37.35 -3.53 -41.68
N LEU F 218 -37.40 -4.68 -42.34
CA LEU F 218 -38.02 -4.80 -43.66
C LEU F 218 -39.29 -5.62 -43.60
C02 A1A3G G . -8.25 8.90 0.78
C04 A1A3G G . -8.20 10.89 1.98
C06 A1A3G G . -8.76 8.92 3.11
C07 A1A3G G . -8.62 8.19 1.95
C09 A1A3G G . -9.21 6.85 3.58
C11 A1A3G G . -9.34 8.57 5.47
C13 A1A3G G . -10.56 9.92 6.82
C14 A1A3G G . -11.96 10.36 7.30
C18 A1A3G G . -12.27 10.81 2.89
C19 A1A3G G . -12.62 9.49 3.14
C20 A1A3G G . -12.90 8.63 2.07
C21 A1A3G G . -12.83 9.07 0.76
C22 A1A3G G . -13.13 8.10 -0.40
C23 A1A3G G . -14.51 8.32 -1.05
C25 A1A3G G . -16.16 7.63 0.79
C26 A1A3G G . -17.20 7.92 1.91
C28 A1A3G G . -18.37 9.42 3.25
C29 A1A3G G . -19.31 9.16 2.32
C30 A1A3G G . -18.65 8.18 1.31
C32 A1A3G G . -14.42 9.32 -2.20
C35 A1A3G G . -12.46 10.39 0.50
C36 A1A3G G . -12.18 11.27 1.57
C39 A1A3G G . -9.86 8.70 7.57
C41 A1A3G G . -9.54 7.70 6.45
N01 A1A3G G . -8.08 8.22 -0.46
N03 A1A3G G . -8.05 10.22 0.85
N05 A1A3G G . -8.54 10.26 3.08
N08 A1A3G G . -8.91 6.90 2.28
N10 A1A3G G . -9.11 8.07 4.08
N24 A1A3G G . -15.50 8.73 -0.01
N27 A1A3G G . -16.93 9.02 2.59
O12 A1A3G G . -10.63 9.53 5.59
O15 A1A3G G . -12.18 11.65 6.76
O17 A1A3G G . -11.98 11.70 3.98
O31 A1A3G G . -15.87 6.50 0.57
O33 A1A3G G . -13.64 9.09 -3.15
O34 A1A3G G . -15.13 10.36 -2.21
O37 A1A3G G . -13.61 13.26 5.29
O38 A1A3G G . -14.15 10.85 5.24
O40 A1A3G G . -10.66 8.12 8.57
P16 A1A3G G . -13.02 11.86 5.32
PA F2A H . -8.68 10.52 11.04
O1A F2A H . -9.90 11.18 10.36
O2A F2A H . -9.13 9.36 11.89
C3A F2A H . -7.81 11.81 12.13
O5' F2A H . -7.61 10.00 9.90
PB F2A H . -6.51 11.13 13.24
O1B F2A H . -5.14 11.53 12.75
O2B F2A H . -6.62 9.60 13.33
O3B F2A H . -6.75 11.76 14.73
PG F2A H . -8.06 11.48 15.61
O1G F2A H . -7.61 11.10 16.96
O2G F2A H . -8.90 12.69 15.67
O3G F2A H . -8.87 10.34 15.01
C5' F2A H . -6.79 8.94 10.24
C4' F2A H . -5.44 9.07 9.43
O4' F2A H . -5.78 9.05 7.88
C1' F2A H . -4.82 10.07 7.27
N9 F2A H . -5.59 11.20 6.71
C4 F2A H . -5.39 11.75 5.51
N3 F2A H . -4.56 11.53 4.50
C2 F2A H . -4.60 12.25 3.41
N1 F2A H . -5.49 13.24 3.29
C6 F2A H . -6.34 13.53 4.23
N6 F2A H . -7.30 14.62 4.07
C5 F2A H . -6.33 12.79 5.40
N7 F2A H . -7.04 12.82 6.52
C8 F2A H . -6.59 11.85 7.32
C2' F2A H . -4.06 10.48 8.24
C3' F2A H . -4.90 10.20 9.62
O3' F2A H . -3.98 10.16 10.80
MN MN I . -10.77 7.86 11.15
MN MN J . -8.41 8.50 13.79
PA F2A K . 22.52 -4.03 7.33
O1A F2A K . 23.88 -3.33 7.18
O2A F2A K . 22.64 -5.22 8.27
C3A F2A K . 21.91 -4.61 5.62
O5' F2A K . 21.41 -2.98 7.91
PB F2A K . 20.17 -5.18 5.66
O1B F2A K . 19.30 -4.25 4.81
O2B F2A K . 19.65 -5.18 7.12
O3B F2A K . 20.11 -6.70 5.07
PG F2A K . 21.01 -7.88 5.69
O1G F2A K . 20.20 -9.10 5.69
O2G F2A K . 22.23 -8.06 4.87
O3G F2A K . 21.41 -7.54 7.11
C5' F2A K . 21.48 -1.74 7.35
C4' F2A K . 20.06 -1.08 7.22
O4' F2A K . 20.27 0.43 7.63
C1' F2A K . 20.18 1.22 6.34
N9 F2A K . 21.50 1.49 5.72
C4 F2A K . 21.91 2.69 5.27
N3 F2A K . 21.37 3.91 5.24
C2 F2A K . 22.02 4.92 4.73
N1 F2A K . 23.25 4.77 4.22
C6 F2A K . 23.84 3.60 4.21
N6 F2A K . 25.18 3.45 3.66
C5 F2A K . 23.19 2.51 4.74
N7 F2A K . 23.50 1.23 4.89
C8 F2A K . 22.48 0.62 5.47
C2' F2A K . 19.44 0.49 5.57
C3' F2A K . 19.70 -1.08 6.01
O3' F2A K . 18.46 -1.91 5.79
MN MN L . 23.29 -4.32 10.32
MN MN M . 20.76 -6.06 8.72
C21 A1A3H N . -22.71 -16.21 24.36
C22 A1A3H N . -23.55 -15.28 25.24
C23 A1A3H N . -23.66 -13.88 24.64
C25 A1A3H N . -24.58 -13.84 23.42
C28 A1A3H N . -23.34 -17.15 23.55
C29 A1A3H N . -22.58 -17.98 22.74
C32 A1A3H N . -16.08 -16.64 19.98
C02 A1A3H N . -17.81 -16.71 26.03
C04 A1A3H N . -17.39 -18.37 24.47
C06 A1A3H N . -17.26 -16.15 23.77
C07 A1A3H N . -17.59 -15.73 25.04
C09 A1A3H N . -17.33 -14.00 23.76
C11 A1A3H N . -16.76 -15.05 21.58
C13 A1A3H N . -17.17 -17.17 20.50
C14 A1A3H N . -18.07 -17.85 19.46
C18 A1A3H N . -21.20 -17.88 22.74
C19 A1A3H N . -20.58 -16.95 23.55
C20 A1A3H N . -21.33 -16.11 24.35
C34 A1A3H N . -15.65 -15.54 21.05
N01 A1A3H N . -18.16 -16.32 27.39
N03 A1A3H N . -17.70 -17.99 25.71
N05 A1A3H N . -17.17 -17.47 23.52
N08 A1A3H N . -17.62 -14.39 25.00
N10 A1A3H N . -17.11 -15.05 23.00
N24 A1A3H N . -24.16 -12.96 25.65
O12 A1A3H N . -17.90 -15.97 21.12
O15 A1A3H N . -19.40 -17.47 19.73
O17 A1A3H N . -20.44 -18.74 21.91
O26 A1A3H N . -25.75 -13.39 23.53
O27 A1A3H N . -24.17 -14.27 22.31
O30 A1A3H N . -21.87 -18.25 19.80
O31 A1A3H N . -20.10 -19.95 19.67
O33 A1A3H N . -16.33 -16.03 18.74
P16 A1A3H N . -20.48 -18.62 20.27
PA F2A O . -14.03 -18.14 16.84
O1A F2A O . -15.55 -18.42 16.89
O2A F2A O . -13.76 -16.99 15.90
C3A F2A O . -13.12 -19.69 16.23
O5' F2A O . -13.51 -17.79 18.35
PB F2A O . -11.35 -19.40 15.81
O1B F2A O . -11.05 -17.92 15.75
O2B F2A O . -10.46 -20.09 16.86
O3B F2A O . -11.07 -20.06 14.34
PG F2A O . -11.82 -19.57 13.00
O1G F2A O . -12.52 -18.29 13.22
O2G F2A O . -10.77 -19.39 11.97
O3G F2A O . -12.81 -20.60 12.54
C5' F2A O . -12.38 -17.01 18.48
C4' F2A O . -11.62 -17.43 19.80
O4' F2A O . -12.58 -17.27 21.05
C1' F2A O . -12.26 -18.44 21.95
N9 F2A O . -13.42 -19.35 22.07
C4 F2A O . -13.88 -19.88 23.23
N3 F2A O . -13.51 -19.78 24.50
C2 F2A O . -14.16 -20.43 25.44
N1 F2A O . -15.22 -21.19 25.13
C6 F2A O . -15.64 -21.33 23.91
N6 F2A O . -16.79 -22.16 23.60
C5 F2A O . -14.98 -20.67 22.89
N7 F2A O . -15.15 -20.59 21.56
C8 F2A O . -14.20 -19.79 21.07
C2' F2A O . -11.27 -19.06 21.38
C3' F2A O . -11.34 -18.66 19.79
O3' F2A O . -10.03 -18.92 19.12
MN MN P . -15.15 -15.09 15.95
MN MN Q . -12.06 -16.48 14.59
O5' D5M R . 18.00 -15.06 35.46
C5' D5M R . 17.82 -13.59 35.27
C4' D5M R . 17.33 -13.32 33.88
O4' D5M R . 17.65 -14.58 32.94
C3' D5M R . 16.05 -13.14 33.87
O3' D5M R . 15.73 -11.79 33.31
C2' D5M R . 15.36 -14.30 32.94
C1' D5M R . 16.33 -15.04 32.37
N9 D5M R . 16.11 -16.47 32.71
C8 D5M R . 16.46 -17.31 31.72
N7 D5M R . 16.22 -18.53 32.14
C5 D5M R . 15.73 -18.45 33.40
C6 D5M R . 15.31 -19.45 34.33
N6 D5M R . 15.32 -20.89 34.07
N1 D5M R . 14.86 -19.10 35.50
C2 D5M R . 14.80 -17.78 35.85
N3 D5M R . 15.21 -16.82 34.96
C4 D5M R . 15.67 -17.17 33.73
P D5M R . 18.66 -15.63 36.90
O1P D5M R . 18.77 -17.09 36.84
O3P D5M R . 20.04 -15.03 37.11
O2P D5M R . 17.80 -15.26 38.02
PA F2A S . 14.10 -9.81 35.19
O1A F2A S . 14.56 -8.87 34.05
O2A F2A S . 15.31 -10.29 35.96
C3A F2A S . 12.93 -8.85 36.36
O5' F2A S . 13.29 -11.08 34.58
PB F2A S . 11.64 -7.90 35.48
O1B F2A S . 10.29 -8.58 35.65
O2B F2A S . 11.96 -7.79 33.98
O3B F2A S . 11.57 -6.40 36.13
PG F2A S . 12.79 -5.35 36.03
O1G F2A S . 13.72 -5.77 34.97
O2G F2A S . 12.22 -4.02 35.71
O3G F2A S . 13.53 -5.29 37.35
C5' F2A S . 12.57 -10.89 33.42
C4' F2A S . 11.36 -11.91 33.41
O4' F2A S . 11.91 -13.39 33.44
C1' F2A S . 10.94 -14.15 34.31
N9 F2A S . 11.61 -14.65 35.53
C4 F2A S . 11.43 -15.85 36.09
N3 F2A S . 10.69 -16.91 35.79
C2 F2A S . 10.71 -17.98 36.53
N1 F2A S . 11.49 -18.04 37.63
C6 F2A S . 12.25 -17.03 37.98
N6 F2A S . 13.09 -17.12 39.16
C5 F2A S . 12.25 -15.89 37.21
N7 F2A S . 12.90 -14.72 37.30
C8 F2A S . 12.50 -13.96 36.28
C2' F2A S . 10.00 -13.31 34.63
C3' F2A S . 10.68 -11.83 34.46
O3' F2A S . 9.63 -10.77 34.36
MN MN T . 16.49 -9.43 32.83
MN MN U . 13.78 -7.09 33.08
PA F2A V . 4.01 22.64 -25.56
O1A F2A V . 3.40 24.05 -25.56
O2A F2A V . 5.51 22.72 -25.58
C3A F2A V . 3.43 21.69 -24.01
O5' F2A V . 3.52 21.82 -26.89
PB F2A V . 1.62 21.77 -23.69
O1B F2A V . 0.98 20.44 -24.01
O2B F2A V . 0.98 22.87 -24.56
O3B F2A V . 1.38 22.12 -22.11
PG F2A V . 1.81 23.53 -21.45
O1G F2A V . 0.70 23.99 -20.60
O2G F2A V . 3.03 23.35 -20.64
O3G F2A V . 2.09 24.56 -22.52
C5' F2A V . 2.28 22.13 -27.42
C4' F2A V . 1.72 20.82 -28.11
O4' F2A V . 2.71 20.41 -29.27
C1' F2A V . 2.77 18.91 -29.22
N9 F2A V . 4.11 18.44 -28.83
C4 F2A V . 4.78 17.46 -29.46
N3 F2A V . 4.52 16.67 -30.50
C2 F2A V . 5.38 15.78 -30.89
N1 F2A V . 6.56 15.63 -30.27
C6 F2A V . 6.88 16.38 -29.23
N6 F2A V . 8.17 16.20 -28.57
C5 F2A V . 6.00 17.34 -28.78
N7 F2A V . 6.02 18.23 -27.79
C8 F2A V . 4.87 18.90 -27.83
C2' F2A V . 1.90 18.55 -28.31
C3' F2A V . 1.76 19.84 -27.33
O3' F2A V . 0.51 19.74 -26.51
MN MN W . 4.32 25.70 -26.95
MN MN X . 1.59 24.88 -24.73
PA F2A Y . -23.77 11.03 -42.14
O1A F2A Y . -24.76 9.87 -42.40
O2A F2A Y . -24.53 12.26 -41.71
C3A F2A Y . -22.81 11.36 -43.76
O5' F2A Y . -22.70 10.60 -40.98
PB F2A Y . -21.79 12.89 -43.78
O1B F2A Y . -20.32 12.53 -43.72
O2B F2A Y . -22.15 13.80 -42.59
O3B F2A Y . -22.10 13.68 -45.17
PG F2A Y . -23.56 14.29 -45.49
O1G F2A Y . -24.40 14.25 -44.29
O2G F2A Y . -23.39 15.70 -45.93
O3G F2A Y . -24.22 13.48 -46.58
C5' F2A Y . -22.05 11.61 -40.30
C4' F2A Y . -20.62 11.12 -39.86
O4' F2A Y . -20.74 9.83 -38.95
C1' F2A Y . -19.59 8.95 -39.35
N9 F2A Y . -20.07 7.69 -39.98
C4 F2A Y . -19.55 6.48 -39.76
N3 F2A Y . -18.55 6.02 -39.01
C2 F2A Y . -18.26 4.73 -39.00
N1 F2A Y . -18.96 3.85 -39.74
C6 F2A Y . -19.96 4.25 -40.50
N6 F2A Y . -20.70 3.29 -41.29
C5 F2A Y . -20.29 5.59 -40.54
N7 F2A Y . -21.22 6.29 -41.19
C8 F2A Y . -21.08 7.58 -40.85
C2' F2A Y . -18.90 9.64 -40.23
C3' F2A Y . -19.95 10.74 -40.85
O3' F2A Y . -19.20 11.87 -41.47
MN MN Z . -26.24 12.14 -40.17
MN MN AA . -24.18 14.45 -42.02
#